data_9R22
#
_entry.id   9R22
#
_cell.length_a   1.00
_cell.length_b   1.00
_cell.length_c   1.00
_cell.angle_alpha   90.00
_cell.angle_beta   90.00
_cell.angle_gamma   90.00
#
_symmetry.space_group_name_H-M   'P 1'
#
loop_
_entity.id
_entity.type
_entity.pdbx_description
1 polymer 'microbial rhodopsin'
2 non-polymer EICOSANE
3 non-polymer RETINAL
4 non-polymer DODECYL-BETA-D-MALTOSIDE
5 water water
#
_entity_poly.entity_id   1
_entity_poly.type   'polypeptide(L)'
_entity_poly.pdbx_seq_one_letter_code
;MLQAGDFVGVSFWLVSVAMVAATVFFFYEGMSVKKEWKLSMTIAGLVTLVAAIHYYYMRDYWVASVLAGSPDSPIVYRYI
DWLITVPLLMIEFFIILKAVGASISTNSFWRLLVGTLVMLIGGFAGEAMLISASLGFIIGMVGWAIIIWEIFGGEASKAA
DANAGVKSAFNALRLIVLVGWAIYPLGYIFGYMMGSVDSGSLNIIYNLADFVNKILFGLIIWNVAVRESSDALEHHHHHH
;
_entity_poly.pdbx_strand_id   A,B,C,D,E
#
loop_
_chem_comp.id
_chem_comp.type
_chem_comp.name
_chem_comp.formula
LFA non-polymer EICOSANE 'C20 H42'
LMT D-saccharide DODECYL-BETA-D-MALTOSIDE 'C24 H46 O11'
RET non-polymer RETINAL 'C20 H28 O'
#
# COMPACT_ATOMS: atom_id res chain seq x y z
N MET A 1 17.02 7.75 15.78
CA MET A 1 16.53 9.12 15.48
C MET A 1 17.65 10.01 14.95
N LEU A 2 17.28 10.87 14.02
CA LEU A 2 18.20 11.76 13.37
C LEU A 2 18.64 12.82 14.37
N GLN A 3 19.95 13.01 14.50
CA GLN A 3 20.53 13.81 15.57
C GLN A 3 20.76 15.21 15.04
N ALA A 4 21.17 16.10 15.95
CA ALA A 4 21.37 17.51 15.65
C ALA A 4 22.74 17.70 14.99
N GLY A 5 22.73 18.48 13.90
CA GLY A 5 23.96 18.81 13.18
C GLY A 5 24.36 17.72 12.20
N ASP A 6 23.53 16.68 12.07
CA ASP A 6 23.80 15.60 11.15
C ASP A 6 23.23 15.95 9.77
N PHE A 7 24.05 16.62 8.94
CA PHE A 7 23.60 16.94 7.60
C PHE A 7 23.55 15.70 6.72
N VAL A 8 24.39 14.71 6.99
CA VAL A 8 24.33 13.52 6.18
C VAL A 8 22.97 12.86 6.41
N GLY A 9 22.53 12.84 7.65
CA GLY A 9 21.28 12.18 7.95
C GLY A 9 20.11 13.02 7.45
N VAL A 10 20.30 14.33 7.41
CA VAL A 10 19.23 15.19 6.93
C VAL A 10 19.04 14.94 5.44
N SER A 11 20.16 14.88 4.70
CA SER A 11 20.18 14.56 3.29
C SER A 11 19.54 13.20 3.01
N PHE A 12 19.79 12.19 3.84
CA PHE A 12 19.13 10.93 3.63
C PHE A 12 17.61 11.07 3.81
N TRP A 13 17.17 11.92 4.73
CA TRP A 13 15.75 12.06 4.99
C TRP A 13 15.10 12.80 3.83
N LEU A 14 15.78 13.85 3.37
CA LEU A 14 15.21 14.63 2.30
C LEU A 14 15.01 13.75 1.06
N VAL A 15 16.07 13.07 0.65
CA VAL A 15 16.03 12.29 -0.55
C VAL A 15 15.09 11.12 -0.34
N SER A 16 15.00 10.56 0.84
CA SER A 16 14.13 9.41 0.95
C SER A 16 12.67 9.83 0.69
N VAL A 17 12.27 11.02 1.14
N VAL A 17 12.27 11.02 1.14
CA VAL A 17 10.88 11.40 1.01
CA VAL A 17 10.88 11.40 1.01
C VAL A 17 10.64 11.95 -0.41
C VAL A 17 10.64 11.95 -0.41
N ALA A 18 11.60 12.67 -0.95
CA ALA A 18 11.49 13.09 -2.33
C ALA A 18 11.20 11.91 -3.25
N MET A 19 11.92 10.81 -3.05
CA MET A 19 11.81 9.65 -3.90
C MET A 19 10.46 8.96 -3.73
N VAL A 20 9.88 9.00 -2.55
CA VAL A 20 8.53 8.46 -2.44
C VAL A 20 7.57 9.35 -3.22
N ALA A 21 7.78 10.65 -3.13
CA ALA A 21 6.89 11.56 -3.80
C ALA A 21 6.99 11.31 -5.29
N ALA A 22 8.21 11.29 -5.82
CA ALA A 22 8.47 11.03 -7.23
C ALA A 22 7.82 9.75 -7.75
N THR A 23 7.88 8.69 -6.98
CA THR A 23 7.33 7.42 -7.39
C THR A 23 5.85 7.60 -7.63
N VAL A 24 5.18 8.18 -6.67
CA VAL A 24 3.74 8.27 -6.76
C VAL A 24 3.42 9.19 -7.94
N PHE A 25 4.16 10.25 -8.11
CA PHE A 25 3.90 11.13 -9.20
C PHE A 25 3.97 10.38 -10.53
N PHE A 26 5.01 9.59 -10.77
CA PHE A 26 5.19 8.97 -12.06
C PHE A 26 4.08 7.96 -12.26
N PHE A 27 3.77 7.18 -11.24
CA PHE A 27 2.77 6.16 -11.41
C PHE A 27 1.40 6.79 -11.66
N TYR A 28 1.08 7.83 -10.92
CA TYR A 28 -0.25 8.40 -11.02
C TYR A 28 -0.39 9.18 -12.32
N GLU A 29 0.62 9.90 -12.72
CA GLU A 29 0.54 10.61 -13.96
C GLU A 29 0.63 9.65 -15.14
N GLY A 30 1.33 8.54 -14.96
CA GLY A 30 1.54 7.63 -16.08
C GLY A 30 0.20 7.07 -16.54
N MET A 31 -0.78 7.09 -15.64
CA MET A 31 -2.13 6.70 -15.99
C MET A 31 -2.84 7.69 -16.93
N SER A 32 -2.25 8.82 -17.24
CA SER A 32 -2.93 9.83 -17.99
C SER A 32 -2.10 10.37 -19.16
N VAL A 33 -1.07 9.66 -19.59
CA VAL A 33 -0.36 10.00 -20.83
C VAL A 33 -0.86 9.07 -21.93
N LYS A 34 -0.59 9.41 -23.18
CA LYS A 34 -0.98 8.52 -24.24
C LYS A 34 -0.37 7.14 -23.98
N LYS A 35 -1.03 6.09 -24.44
CA LYS A 35 -0.53 4.74 -24.27
C LYS A 35 0.91 4.61 -24.74
N GLU A 36 1.30 5.21 -25.86
CA GLU A 36 2.68 5.12 -26.31
C GLU A 36 3.69 5.48 -25.21
N TRP A 37 3.29 6.35 -24.28
CA TRP A 37 4.20 6.92 -23.32
C TRP A 37 4.09 6.22 -21.98
N LYS A 38 3.21 5.25 -21.85
CA LYS A 38 2.95 4.71 -20.53
C LYS A 38 4.18 3.95 -20.01
N LEU A 39 4.85 3.17 -20.85
CA LEU A 39 6.02 2.44 -20.42
C LEU A 39 7.11 3.38 -19.89
N SER A 40 7.43 4.48 -20.58
CA SER A 40 8.35 5.49 -20.06
C SER A 40 8.10 5.83 -18.59
N MET A 41 6.85 6.19 -18.33
CA MET A 41 6.43 6.64 -17.03
C MET A 41 6.60 5.52 -16.05
N THR A 42 6.37 4.29 -16.50
CA THR A 42 6.52 3.14 -15.65
C THR A 42 7.98 3.00 -15.25
N ILE A 43 8.89 3.07 -16.21
CA ILE A 43 10.27 2.92 -15.88
C ILE A 43 10.68 3.99 -14.88
N ALA A 44 10.26 5.23 -15.07
CA ALA A 44 10.63 6.31 -14.16
C ALA A 44 10.14 6.04 -12.75
N GLY A 45 8.90 5.59 -12.64
CA GLY A 45 8.40 5.26 -11.34
C GLY A 45 9.21 4.12 -10.71
N LEU A 46 9.62 3.14 -11.51
CA LEU A 46 10.36 2.03 -10.95
C LEU A 46 11.69 2.53 -10.40
N VAL A 47 12.37 3.31 -11.18
CA VAL A 47 13.62 3.87 -10.73
C VAL A 47 13.43 4.55 -9.39
N THR A 48 12.45 5.45 -9.29
CA THR A 48 12.35 6.18 -8.05
C THR A 48 11.89 5.27 -6.94
N LEU A 49 11.13 4.22 -7.23
CA LEU A 49 10.67 3.29 -6.23
C LEU A 49 11.79 2.48 -5.62
N VAL A 50 12.67 1.94 -6.45
CA VAL A 50 13.80 1.19 -5.94
C VAL A 50 14.60 2.14 -5.08
N ALA A 51 14.96 3.30 -5.61
CA ALA A 51 15.72 4.24 -4.80
C ALA A 51 15.02 4.50 -3.45
N ALA A 52 13.72 4.72 -3.46
CA ALA A 52 13.06 5.03 -2.20
C ALA A 52 13.21 3.88 -1.22
N ILE A 53 12.97 2.67 -1.66
CA ILE A 53 13.09 1.54 -0.79
C ILE A 53 14.50 1.42 -0.24
N HIS A 54 15.48 1.61 -1.07
CA HIS A 54 16.83 1.50 -0.61
C HIS A 54 17.19 2.65 0.33
N TYR A 55 16.72 3.85 0.08
CA TYR A 55 17.07 4.99 0.92
C TYR A 55 16.41 4.82 2.28
N TYR A 56 15.23 4.23 2.33
CA TYR A 56 14.66 3.92 3.61
C TYR A 56 15.61 2.99 4.34
N TYR A 57 16.18 1.99 3.69
CA TYR A 57 17.06 1.11 4.41
C TYR A 57 18.33 1.86 4.78
N MET A 58 18.94 2.50 3.82
CA MET A 58 20.22 3.11 4.05
C MET A 58 20.17 4.18 5.12
N ARG A 59 19.02 4.85 5.30
CA ARG A 59 19.00 5.97 6.24
C ARG A 59 19.03 5.38 7.65
N ASP A 60 18.29 4.29 7.83
CA ASP A 60 18.32 3.52 9.04
C ASP A 60 19.76 3.12 9.39
N TYR A 61 20.49 2.58 8.43
CA TYR A 61 21.85 2.17 8.67
C TYR A 61 22.64 3.38 9.18
N TRP A 62 22.47 4.52 8.57
CA TRP A 62 23.34 5.65 8.88
C TRP A 62 23.13 6.08 10.32
N VAL A 63 21.86 6.05 10.68
CA VAL A 63 21.49 6.64 11.92
C VAL A 63 22.05 5.73 13.01
N ALA A 64 21.84 4.43 12.87
CA ALA A 64 22.51 3.44 13.70
C ALA A 64 24.01 3.74 13.81
N SER A 65 24.66 3.85 12.69
CA SER A 65 26.09 4.09 12.69
C SER A 65 26.45 5.30 13.53
N VAL A 66 25.57 6.30 13.64
CA VAL A 66 25.93 7.57 14.26
C VAL A 66 25.78 7.41 15.76
N LEU A 67 24.84 6.54 16.18
CA LEU A 67 24.65 6.22 17.58
C LEU A 67 25.82 5.37 18.09
N ALA A 68 26.32 4.47 17.23
CA ALA A 68 27.45 3.63 17.57
C ALA A 68 28.78 4.38 17.43
N GLY A 69 28.72 5.69 17.16
CA GLY A 69 29.85 6.57 17.42
C GLY A 69 30.83 6.68 16.26
N SER A 70 30.68 5.79 15.27
CA SER A 70 31.44 5.86 14.03
C SER A 70 30.48 5.98 12.86
N PRO A 71 30.22 7.20 12.34
CA PRO A 71 29.28 7.41 11.23
C PRO A 71 29.87 6.99 9.89
N ASP A 72 29.31 5.93 9.32
CA ASP A 72 29.69 5.53 7.97
C ASP A 72 28.50 4.91 7.26
N SER A 73 28.36 5.22 5.98
CA SER A 73 27.45 4.51 5.10
C SER A 73 28.23 4.22 3.85
N PRO A 74 28.75 3.00 3.69
CA PRO A 74 29.70 2.76 2.61
C PRO A 74 29.05 2.84 1.23
N ILE A 75 29.81 3.35 0.29
CA ILE A 75 29.33 3.54 -1.07
C ILE A 75 28.90 2.20 -1.62
N VAL A 76 29.57 1.14 -1.19
CA VAL A 76 29.27 -0.15 -1.76
C VAL A 76 27.79 -0.48 -1.65
N TYR A 77 27.08 -0.04 -0.61
CA TYR A 77 25.69 -0.45 -0.54
C TYR A 77 24.82 0.31 -1.53
N ARG A 78 25.33 1.41 -2.11
CA ARG A 78 24.66 2.12 -3.19
C ARG A 78 24.39 1.21 -4.37
N TYR A 79 25.31 0.29 -4.64
CA TYR A 79 25.18 -0.55 -5.81
C TYR A 79 23.95 -1.43 -5.73
N ILE A 80 23.46 -1.69 -4.55
CA ILE A 80 22.22 -2.46 -4.51
C ILE A 80 21.13 -1.72 -5.27
N ASP A 81 21.11 -0.36 -5.25
CA ASP A 81 20.13 0.37 -6.04
C ASP A 81 20.66 0.57 -7.46
N TRP A 82 21.90 0.95 -7.62
CA TRP A 82 22.40 1.24 -8.93
C TRP A 82 22.28 0.06 -9.90
N LEU A 83 22.52 -1.14 -9.41
CA LEU A 83 22.47 -2.29 -10.29
C LEU A 83 21.11 -2.40 -10.93
N ILE A 84 20.08 -1.88 -10.30
CA ILE A 84 18.76 -1.94 -10.90
C ILE A 84 18.40 -0.61 -11.57
N THR A 85 18.57 0.50 -10.87
CA THR A 85 18.06 1.76 -11.36
C THR A 85 18.91 2.21 -12.56
N VAL A 86 20.23 2.01 -12.57
CA VAL A 86 20.98 2.59 -13.66
C VAL A 86 20.64 1.94 -14.99
N PRO A 87 20.56 0.61 -15.13
CA PRO A 87 20.05 0.01 -16.37
C PRO A 87 18.66 0.50 -16.78
N LEU A 88 17.72 0.62 -15.83
CA LEU A 88 16.42 1.17 -16.11
C LEU A 88 16.50 2.57 -16.71
N LEU A 89 17.22 3.47 -16.08
CA LEU A 89 17.34 4.81 -16.60
C LEU A 89 17.95 4.78 -17.98
N MET A 90 18.94 3.95 -18.23
CA MET A 90 19.56 4.00 -19.53
C MET A 90 18.62 3.46 -20.59
N ILE A 91 17.78 2.45 -20.29
CA ILE A 91 16.93 1.95 -21.36
C ILE A 91 15.86 2.97 -21.71
N GLU A 92 15.63 3.98 -20.87
CA GLU A 92 14.72 5.04 -21.23
C GLU A 92 15.19 5.69 -22.52
N PHE A 93 16.44 5.61 -22.89
CA PHE A 93 16.86 6.26 -24.13
C PHE A 93 16.25 5.51 -25.29
N PHE A 94 16.07 4.22 -25.15
CA PHE A 94 15.50 3.43 -26.21
C PHE A 94 13.99 3.62 -26.22
N ILE A 95 13.42 3.56 -25.03
CA ILE A 95 11.98 3.55 -24.86
C ILE A 95 11.37 4.81 -25.41
N ILE A 96 11.89 5.98 -25.08
CA ILE A 96 11.27 7.19 -25.58
C ILE A 96 11.46 7.33 -27.10
N LEU A 97 12.45 6.68 -27.68
CA LEU A 97 12.62 6.74 -29.13
C LEU A 97 11.50 5.94 -29.77
N LYS A 98 11.22 4.78 -29.19
CA LYS A 98 10.09 3.97 -29.60
C LYS A 98 8.78 4.72 -29.41
N ALA A 99 8.61 5.40 -28.28
CA ALA A 99 7.36 6.13 -28.07
C ALA A 99 7.13 7.17 -29.17
N VAL A 100 8.14 7.88 -29.67
CA VAL A 100 7.91 8.86 -30.73
C VAL A 100 7.88 8.17 -32.08
N GLY A 101 7.98 6.85 -32.09
CA GLY A 101 7.95 6.12 -33.34
C GLY A 101 9.20 6.39 -34.17
N ALA A 102 10.34 6.47 -33.50
CA ALA A 102 11.62 6.50 -34.19
C ALA A 102 11.92 5.08 -34.66
N SER A 103 12.68 4.96 -35.75
CA SER A 103 13.19 3.65 -36.14
C SER A 103 14.51 3.43 -35.42
N ILE A 104 14.58 2.32 -34.68
CA ILE A 104 15.72 2.06 -33.84
C ILE A 104 15.80 0.57 -33.58
N SER A 105 16.96 -0.01 -33.91
CA SER A 105 17.19 -1.44 -33.74
C SER A 105 17.04 -1.81 -32.28
N THR A 106 16.73 -3.07 -31.99
CA THR A 106 16.79 -3.54 -30.61
C THR A 106 18.25 -3.69 -30.20
N ASN A 107 19.16 -3.61 -31.15
CA ASN A 107 20.56 -3.75 -30.82
C ASN A 107 20.96 -2.58 -29.94
N SER A 108 20.41 -1.41 -30.25
CA SER A 108 20.61 -0.29 -29.37
C SER A 108 20.14 -0.61 -27.93
N PHE A 109 19.00 -1.26 -27.76
CA PHE A 109 18.58 -1.61 -26.42
C PHE A 109 19.61 -2.49 -25.70
N TRP A 110 20.14 -3.52 -26.36
CA TRP A 110 21.09 -4.41 -25.69
C TRP A 110 22.43 -3.69 -25.44
N ARG A 111 22.95 -2.95 -26.41
CA ARG A 111 24.10 -2.11 -26.18
C ARG A 111 23.89 -1.23 -24.95
N LEU A 112 22.69 -0.67 -24.78
CA LEU A 112 22.53 0.18 -23.63
C LEU A 112 22.57 -0.66 -22.37
N LEU A 113 21.92 -1.80 -22.40
CA LEU A 113 21.78 -2.62 -21.22
C LEU A 113 23.11 -3.28 -20.83
N VAL A 114 23.86 -3.77 -21.79
CA VAL A 114 25.14 -4.39 -21.48
C VAL A 114 26.14 -3.33 -21.02
N GLY A 115 26.31 -2.29 -21.80
CA GLY A 115 27.24 -1.25 -21.41
C GLY A 115 26.97 -0.75 -20.00
N THR A 116 25.69 -0.70 -19.61
CA THR A 116 25.39 -0.21 -18.28
C THR A 116 25.84 -1.22 -17.25
N LEU A 117 25.59 -2.51 -17.49
CA LEU A 117 25.95 -3.54 -16.52
C LEU A 117 27.46 -3.73 -16.49
N VAL A 118 28.14 -3.72 -17.63
CA VAL A 118 29.58 -3.74 -17.59
C VAL A 118 30.08 -2.61 -16.68
N MET A 119 29.56 -1.40 -16.89
CA MET A 119 29.98 -0.23 -16.13
C MET A 119 29.83 -0.45 -14.62
N LEU A 120 28.70 -1.04 -14.20
CA LEU A 120 28.39 -1.14 -12.79
C LEU A 120 29.08 -2.32 -12.15
N ILE A 121 29.07 -3.46 -12.81
CA ILE A 121 29.72 -4.64 -12.28
C ILE A 121 31.21 -4.41 -12.12
N GLY A 122 31.79 -3.68 -13.05
CA GLY A 122 33.17 -3.27 -12.87
C GLY A 122 33.40 -2.47 -11.60
N GLY A 123 32.56 -1.49 -11.35
CA GLY A 123 32.73 -0.67 -10.17
C GLY A 123 32.42 -1.47 -8.92
N PHE A 124 31.33 -2.22 -8.94
CA PHE A 124 30.96 -3.00 -7.77
C PHE A 124 32.08 -3.96 -7.39
N ALA A 125 32.62 -4.67 -8.37
CA ALA A 125 33.69 -5.60 -8.12
C ALA A 125 34.89 -4.87 -7.52
N GLY A 126 35.13 -3.64 -7.94
CA GLY A 126 36.28 -2.88 -7.45
C GLY A 126 36.04 -2.44 -6.01
N GLU A 127 34.87 -1.87 -5.75
CA GLU A 127 34.49 -1.41 -4.43
C GLU A 127 34.36 -2.55 -3.42
N ALA A 128 33.80 -3.67 -3.85
CA ALA A 128 33.61 -4.81 -2.97
C ALA A 128 34.92 -5.59 -2.84
N MET A 129 36.00 -5.02 -3.36
CA MET A 129 37.34 -5.58 -3.26
C MET A 129 37.46 -6.97 -3.88
N LEU A 130 36.56 -7.32 -4.82
CA LEU A 130 36.66 -8.59 -5.51
C LEU A 130 37.80 -8.57 -6.52
N ILE A 131 38.10 -7.38 -7.04
CA ILE A 131 39.21 -7.15 -7.96
C ILE A 131 39.85 -5.84 -7.55
N SER A 132 40.99 -5.51 -8.17
CA SER A 132 41.65 -4.25 -7.87
C SER A 132 40.72 -3.09 -8.20
N ALA A 133 40.85 -1.99 -7.45
CA ALA A 133 40.04 -0.81 -7.69
C ALA A 133 40.36 -0.24 -9.06
N SER A 134 41.63 -0.28 -9.45
CA SER A 134 42.08 0.11 -10.77
C SER A 134 41.37 -0.70 -11.85
N LEU A 135 41.34 -2.02 -11.67
CA LEU A 135 40.76 -2.86 -12.69
C LEU A 135 39.25 -2.59 -12.74
N GLY A 136 38.65 -2.33 -11.59
CA GLY A 136 37.23 -2.07 -11.58
C GLY A 136 36.90 -0.74 -12.25
N PHE A 137 37.83 0.21 -12.14
CA PHE A 137 37.62 1.49 -12.76
C PHE A 137 37.69 1.35 -14.27
N ILE A 138 38.63 0.52 -14.73
CA ILE A 138 38.88 0.40 -16.15
C ILE A 138 37.67 -0.28 -16.79
N ILE A 139 37.25 -1.38 -16.17
CA ILE A 139 36.14 -2.15 -16.71
C ILE A 139 34.90 -1.26 -16.72
N GLY A 140 34.72 -0.48 -15.66
CA GLY A 140 33.59 0.40 -15.61
C GLY A 140 33.68 1.53 -16.63
N MET A 141 34.89 2.00 -16.93
CA MET A 141 35.02 3.04 -17.93
C MET A 141 34.70 2.48 -19.31
N VAL A 142 34.94 1.20 -19.49
CA VAL A 142 34.59 0.61 -20.76
C VAL A 142 33.08 0.67 -20.95
N GLY A 143 32.34 0.29 -19.89
CA GLY A 143 30.89 0.34 -19.91
C GLY A 143 30.42 1.76 -20.20
N TRP A 144 30.97 2.71 -19.48
CA TRP A 144 30.67 4.11 -19.70
C TRP A 144 30.89 4.48 -21.18
N ALA A 145 32.03 4.14 -21.72
CA ALA A 145 32.34 4.54 -23.07
C ALA A 145 31.28 4.04 -24.05
N ILE A 146 30.84 2.81 -23.88
CA ILE A 146 29.77 2.26 -24.69
C ILE A 146 28.49 3.10 -24.56
N ILE A 147 28.00 3.33 -23.34
CA ILE A 147 26.73 4.01 -23.27
C ILE A 147 26.88 5.43 -23.80
N ILE A 148 27.98 6.10 -23.48
CA ILE A 148 28.15 7.46 -23.96
C ILE A 148 28.13 7.52 -25.48
N TRP A 149 28.73 6.53 -26.12
CA TRP A 149 28.77 6.52 -27.55
C TRP A 149 27.39 6.31 -28.13
N GLU A 150 26.62 5.40 -27.55
CA GLU A 150 25.27 5.12 -28.04
C GLU A 150 24.41 6.38 -28.14
N ILE A 151 24.47 7.23 -27.10
CA ILE A 151 23.59 8.38 -26.99
C ILE A 151 24.26 9.63 -27.50
N PHE A 152 25.54 9.60 -27.86
CA PHE A 152 26.15 10.83 -28.37
C PHE A 152 26.59 10.68 -29.83
N GLY A 153 26.85 9.45 -30.29
CA GLY A 153 27.24 9.24 -31.68
C GLY A 153 26.74 7.94 -32.30
N GLY A 154 26.03 7.12 -31.52
CA GLY A 154 25.55 5.83 -31.96
C GLY A 154 24.15 5.91 -32.55
N GLU A 155 23.50 4.75 -32.68
CA GLU A 155 22.20 4.67 -33.29
C GLU A 155 21.23 5.59 -32.56
N ALA A 156 21.12 5.46 -31.23
CA ALA A 156 20.12 6.22 -30.50
C ALA A 156 20.25 7.73 -30.74
N SER A 157 21.49 8.22 -30.74
CA SER A 157 21.80 9.59 -31.05
C SER A 157 21.22 9.99 -32.42
N LYS A 158 21.43 9.13 -33.43
CA LYS A 158 21.04 9.46 -34.78
C LYS A 158 19.52 9.43 -34.90
N ALA A 159 18.87 8.41 -34.29
CA ALA A 159 17.42 8.33 -34.29
C ALA A 159 16.83 9.59 -33.71
N ALA A 160 17.43 10.08 -32.64
CA ALA A 160 16.87 11.18 -31.89
C ALA A 160 16.99 12.43 -32.75
N ASP A 161 18.08 12.56 -33.51
CA ASP A 161 18.27 13.74 -34.34
C ASP A 161 17.22 13.75 -35.46
N ALA A 162 16.86 12.57 -35.95
CA ALA A 162 15.85 12.44 -36.99
C ALA A 162 14.47 12.85 -36.49
N ASN A 163 14.12 12.48 -35.25
CA ASN A 163 12.85 12.88 -34.67
C ASN A 163 13.02 14.25 -34.05
N ALA A 164 11.92 14.98 -33.91
CA ALA A 164 11.99 16.38 -33.51
C ALA A 164 11.28 16.56 -32.18
N GLY A 165 10.29 15.70 -31.92
CA GLY A 165 9.55 15.73 -30.68
C GLY A 165 10.42 15.35 -29.48
N VAL A 166 11.24 14.32 -29.67
CA VAL A 166 12.08 13.80 -28.60
C VAL A 166 13.45 14.47 -28.65
N LYS A 167 13.83 15.08 -29.78
CA LYS A 167 15.20 15.56 -29.94
C LYS A 167 15.72 16.28 -28.68
N SER A 168 14.97 17.27 -28.22
CA SER A 168 15.37 18.16 -27.15
C SER A 168 15.39 17.45 -25.79
N ALA A 169 14.43 16.57 -25.51
CA ALA A 169 14.49 15.76 -24.31
C ALA A 169 15.71 14.87 -24.36
N PHE A 170 15.92 14.24 -25.51
CA PHE A 170 17.06 13.36 -25.63
C PHE A 170 18.32 14.16 -25.31
N ASN A 171 18.40 15.36 -25.85
CA ASN A 171 19.56 16.16 -25.53
C ASN A 171 19.63 16.45 -24.02
N ALA A 172 18.52 16.76 -23.36
CA ALA A 172 18.61 17.05 -21.93
C ALA A 172 19.09 15.81 -21.19
N LEU A 173 18.45 14.67 -21.46
CA LEU A 173 18.79 13.47 -20.71
C LEU A 173 20.24 13.09 -20.98
N ARG A 174 20.73 13.20 -22.21
CA ARG A 174 22.09 12.77 -22.43
C ARG A 174 23.09 13.68 -21.71
N LEU A 175 22.74 14.94 -21.48
CA LEU A 175 23.58 15.82 -20.71
C LEU A 175 23.59 15.44 -19.23
N ILE A 176 22.43 15.12 -18.65
CA ILE A 176 22.44 14.62 -17.31
C ILE A 176 23.39 13.42 -17.21
N VAL A 177 23.29 12.46 -18.13
CA VAL A 177 24.14 11.30 -18.09
C VAL A 177 25.59 11.73 -18.25
N LEU A 178 25.90 12.60 -19.17
CA LEU A 178 27.28 12.99 -19.37
C LEU A 178 27.82 13.70 -18.13
N VAL A 179 27.05 14.66 -17.60
CA VAL A 179 27.57 15.59 -16.61
C VAL A 179 27.04 15.25 -15.24
N GLY A 180 25.74 15.14 -15.12
CA GLY A 180 25.12 14.80 -13.84
C GLY A 180 25.71 13.52 -13.28
N TRP A 181 25.94 12.53 -14.14
CA TRP A 181 26.31 11.22 -13.65
C TRP A 181 27.82 11.16 -13.45
N ALA A 182 28.57 12.19 -13.83
CA ALA A 182 30.00 12.12 -13.65
C ALA A 182 30.40 12.13 -12.17
N ILE A 183 29.51 12.57 -11.28
CA ILE A 183 29.87 12.49 -9.87
C ILE A 183 30.23 11.06 -9.45
N TYR A 184 29.62 10.02 -10.04
CA TYR A 184 29.81 8.66 -9.56
C TYR A 184 31.23 8.16 -9.83
N PRO A 185 31.72 8.13 -11.07
CA PRO A 185 33.12 7.84 -11.30
C PRO A 185 34.09 8.76 -10.56
N LEU A 186 33.67 9.99 -10.27
CA LEU A 186 34.52 10.91 -9.56
C LEU A 186 34.65 10.49 -8.10
N GLY A 187 33.53 10.09 -7.50
CA GLY A 187 33.55 9.58 -6.15
C GLY A 187 34.40 8.33 -6.08
N TYR A 188 34.34 7.50 -7.09
CA TYR A 188 35.13 6.29 -7.07
C TYR A 188 36.61 6.66 -7.11
N ILE A 189 36.97 7.72 -7.81
CA ILE A 189 38.39 8.00 -7.91
C ILE A 189 38.85 8.69 -6.64
N PHE A 190 38.17 9.76 -6.25
CA PHE A 190 38.66 10.65 -5.20
C PHE A 190 38.22 10.13 -3.84
N GLY A 191 37.02 9.58 -3.80
CA GLY A 191 36.53 8.94 -2.59
C GLY A 191 37.35 7.70 -2.27
N TYR A 192 37.40 6.77 -3.21
CA TYR A 192 37.67 5.38 -2.91
C TYR A 192 39.11 5.03 -3.27
N MET A 193 39.55 5.36 -4.48
CA MET A 193 40.90 5.05 -4.86
C MET A 193 41.90 5.99 -4.19
N MET A 194 41.52 7.25 -3.98
CA MET A 194 42.45 8.25 -3.48
C MET A 194 42.23 8.56 -2.00
N GLY A 195 41.01 8.34 -1.51
CA GLY A 195 40.69 8.64 -0.13
C GLY A 195 40.65 10.14 0.18
N SER A 196 40.60 10.99 -0.86
CA SER A 196 40.64 12.42 -0.67
C SER A 196 39.27 12.97 -0.24
N VAL A 197 38.22 12.16 -0.31
CA VAL A 197 36.89 12.60 0.10
C VAL A 197 36.33 11.53 1.01
N ASP A 198 35.74 11.96 2.12
CA ASP A 198 35.19 11.04 3.10
C ASP A 198 33.85 10.53 2.59
N SER A 199 33.40 9.38 3.12
CA SER A 199 32.15 8.80 2.71
C SER A 199 30.97 9.71 3.09
N GLY A 200 31.12 10.52 4.14
CA GLY A 200 30.01 11.30 4.60
C GLY A 200 29.71 12.44 3.64
N SER A 201 30.77 13.06 3.14
CA SER A 201 30.68 14.02 2.07
C SER A 201 30.10 13.39 0.82
N LEU A 202 30.57 12.19 0.51
CA LEU A 202 30.08 11.50 -0.65
C LEU A 202 28.61 11.21 -0.49
N ASN A 203 28.20 10.81 0.69
CA ASN A 203 26.82 10.42 0.85
C ASN A 203 25.93 11.65 0.70
N ILE A 204 26.39 12.82 1.15
CA ILE A 204 25.57 14.01 1.02
C ILE A 204 25.42 14.33 -0.48
N ILE A 205 26.55 14.33 -1.18
CA ILE A 205 26.57 14.65 -2.59
C ILE A 205 25.69 13.67 -3.34
N TYR A 206 25.94 12.39 -3.22
CA TYR A 206 25.10 11.41 -3.88
C TYR A 206 23.64 11.62 -3.53
N ASN A 207 23.32 11.89 -2.27
CA ASN A 207 21.93 12.03 -1.90
C ASN A 207 21.30 13.22 -2.61
N LEU A 208 22.03 14.33 -2.68
CA LEU A 208 21.46 15.53 -3.24
C LEU A 208 21.40 15.40 -4.75
N ALA A 209 22.42 14.83 -5.35
CA ALA A 209 22.44 14.59 -6.78
C ALA A 209 21.27 13.74 -7.28
N ASP A 210 20.60 12.96 -6.42
CA ASP A 210 19.47 12.19 -6.91
C ASP A 210 18.30 13.08 -7.36
N PHE A 211 18.22 14.32 -6.88
CA PHE A 211 17.23 15.23 -7.42
C PHE A 211 17.47 15.41 -8.91
N VAL A 212 18.71 15.53 -9.33
CA VAL A 212 18.97 15.67 -10.75
C VAL A 212 19.05 14.34 -11.47
N ASN A 213 19.81 13.42 -10.93
CA ASN A 213 20.23 12.27 -11.69
C ASN A 213 19.10 11.26 -11.79
N LYS A 214 18.03 11.40 -11.01
CA LYS A 214 16.93 10.50 -11.16
C LYS A 214 15.63 11.25 -11.31
N ILE A 215 15.32 12.17 -10.40
CA ILE A 215 14.03 12.81 -10.48
C ILE A 215 13.95 13.71 -11.71
N LEU A 216 14.88 14.62 -11.89
CA LEU A 216 14.83 15.49 -13.04
C LEU A 216 14.91 14.67 -14.32
N PHE A 217 15.62 13.57 -14.30
CA PHE A 217 15.59 12.72 -15.47
C PHE A 217 14.15 12.28 -15.79
N GLY A 218 13.46 11.80 -14.77
CA GLY A 218 12.09 11.37 -14.95
C GLY A 218 11.16 12.50 -15.35
N LEU A 219 11.31 13.67 -14.78
CA LEU A 219 10.47 14.80 -15.11
C LEU A 219 10.73 15.29 -16.52
N ILE A 220 11.92 15.17 -17.06
CA ILE A 220 12.10 15.56 -18.44
C ILE A 220 11.32 14.63 -19.35
N ILE A 221 11.26 13.36 -18.99
CA ILE A 221 10.58 12.35 -19.78
C ILE A 221 9.09 12.58 -19.70
N TRP A 222 8.59 12.93 -18.51
CA TRP A 222 7.18 13.26 -18.33
C TRP A 222 6.80 14.51 -19.13
N ASN A 223 7.66 15.47 -19.17
CA ASN A 223 7.38 16.65 -19.89
C ASN A 223 7.17 16.39 -21.38
N VAL A 224 7.93 15.47 -21.97
CA VAL A 224 7.78 15.21 -23.38
C VAL A 224 6.60 14.28 -23.56
N ALA A 225 6.38 13.35 -22.62
CA ALA A 225 5.21 12.51 -22.73
C ALA A 225 3.92 13.34 -22.77
N VAL A 226 3.89 14.41 -22.04
CA VAL A 226 2.68 15.20 -21.86
C VAL A 226 2.49 16.17 -23.01
N ARG A 227 3.58 16.60 -23.64
CA ARG A 227 3.50 17.47 -24.79
C ARG A 227 3.14 16.63 -26.02
N GLU A 228 3.42 15.32 -25.96
CA GLU A 228 3.16 14.41 -27.07
C GLU A 228 1.82 13.71 -26.88
N SER A 229 1.29 13.76 -25.66
CA SER A 229 0.03 13.12 -25.35
C SER A 229 -1.10 14.08 -25.71
N SER A 230 -0.72 15.29 -26.15
CA SER A 230 -1.68 16.32 -26.51
C SER A 230 -2.18 16.09 -27.94
N MET B 1 4.56 5.52 23.41
CA MET B 1 3.10 5.78 23.53
C MET B 1 2.84 7.22 23.99
N LEU B 2 1.78 7.77 23.46
CA LEU B 2 1.38 9.14 23.74
C LEU B 2 0.86 9.20 25.16
N GLN B 3 1.37 10.14 25.95
CA GLN B 3 1.13 10.18 27.39
C GLN B 3 -0.02 11.12 27.66
N ALA B 4 -0.44 11.17 28.93
CA ALA B 4 -1.56 11.98 29.37
C ALA B 4 -1.11 13.43 29.57
N GLY B 5 -1.93 14.35 29.04
CA GLY B 5 -1.67 15.77 29.19
C GLY B 5 -0.69 16.29 28.14
N ASP B 6 -0.28 15.40 27.22
CA ASP B 6 0.63 15.79 26.16
C ASP B 6 -0.17 16.33 24.97
N PHE B 7 -0.45 17.63 24.96
CA PHE B 7 -1.18 18.23 23.85
C PHE B 7 -0.28 18.30 22.62
N VAL B 8 1.02 18.44 22.79
CA VAL B 8 1.87 18.49 21.63
C VAL B 8 1.77 17.13 20.91
N GLY B 9 1.77 16.06 21.69
CA GLY B 9 1.74 14.77 21.06
C GLY B 9 0.36 14.48 20.49
N VAL B 10 -0.67 15.07 21.10
CA VAL B 10 -2.00 14.86 20.59
C VAL B 10 -2.14 15.53 19.24
N SER B 11 -1.63 16.77 19.15
CA SER B 11 -1.58 17.53 17.90
C SER B 11 -0.79 16.80 16.82
N PHE B 12 0.32 16.15 17.16
CA PHE B 12 1.02 15.37 16.17
C PHE B 12 0.15 14.19 15.67
N TRP B 13 -0.64 13.60 16.56
CA TRP B 13 -1.43 12.45 16.18
C TRP B 13 -2.57 12.93 15.27
N LEU B 14 -3.20 14.03 15.66
CA LEU B 14 -4.31 14.51 14.89
C LEU B 14 -3.87 14.81 13.46
N VAL B 15 -2.82 15.61 13.34
CA VAL B 15 -2.37 16.05 12.05
C VAL B 15 -1.81 14.86 11.29
N SER B 16 -1.20 13.91 11.94
CA SER B 16 -0.66 12.82 11.14
C SER B 16 -1.79 12.06 10.45
N VAL B 17 -2.92 11.87 11.12
N VAL B 17 -2.92 11.87 11.12
CA VAL B 17 -3.98 11.06 10.55
CA VAL B 17 -3.98 11.06 10.55
C VAL B 17 -4.78 11.91 9.56
C VAL B 17 -4.78 11.91 9.56
N ALA B 18 -4.99 13.18 9.86
CA ALA B 18 -5.63 14.06 8.91
C ALA B 18 -4.91 14.00 7.57
N MET B 19 -3.59 14.07 7.58
CA MET B 19 -2.80 14.12 6.38
C MET B 19 -2.87 12.81 5.62
N VAL B 20 -3.02 11.68 6.30
CA VAL B 20 -3.22 10.46 5.53
C VAL B 20 -4.60 10.52 4.85
N ALA B 21 -5.57 11.04 5.57
CA ALA B 21 -6.90 11.10 5.03
C ALA B 21 -6.89 11.99 3.79
N ALA B 22 -6.33 13.19 3.93
CA ALA B 22 -6.20 14.14 2.82
C ALA B 22 -5.52 13.54 1.58
N THR B 23 -4.48 12.78 1.78
CA THR B 23 -3.74 12.21 0.66
C THR B 23 -4.68 11.33 -0.12
N VAL B 24 -5.36 10.45 0.57
CA VAL B 24 -6.18 9.48 -0.12
C VAL B 24 -7.30 10.25 -0.82
N PHE B 25 -7.85 11.24 -0.15
CA PHE B 25 -8.91 12.00 -0.77
C PHE B 25 -8.45 12.59 -2.08
N PHE B 26 -7.29 13.24 -2.13
CA PHE B 26 -6.87 13.94 -3.33
C PHE B 26 -6.61 12.93 -4.41
N PHE B 27 -5.94 11.83 -4.09
CA PHE B 27 -5.61 10.87 -5.11
C PHE B 27 -6.89 10.23 -5.66
N TYR B 28 -7.81 9.88 -4.79
CA TYR B 28 -8.99 9.16 -5.24
C TYR B 28 -9.93 10.09 -5.99
N GLU B 29 -10.08 11.30 -5.54
CA GLU B 29 -10.93 12.22 -6.26
C GLU B 29 -10.25 12.69 -7.54
N GLY B 30 -8.92 12.73 -7.55
CA GLY B 30 -8.23 13.24 -8.71
C GLY B 30 -8.50 12.36 -9.91
N MET B 31 -8.88 11.11 -9.65
CA MET B 31 -9.29 10.22 -10.70
C MET B 31 -10.63 10.58 -11.35
N SER B 32 -11.34 11.57 -10.85
CA SER B 32 -12.66 11.85 -11.33
C SER B 32 -12.87 13.33 -11.63
N VAL B 33 -11.82 14.12 -11.81
CA VAL B 33 -11.94 15.49 -12.31
C VAL B 33 -11.59 15.48 -13.79
N LYS B 34 -11.93 16.53 -14.51
CA LYS B 34 -11.54 16.59 -15.89
C LYS B 34 -10.03 16.44 -15.99
N LYS B 35 -9.54 15.89 -17.10
CA LYS B 35 -8.12 15.71 -17.30
C LYS B 35 -7.35 17.01 -17.06
N GLU B 36 -7.84 18.15 -17.51
CA GLU B 36 -7.12 19.41 -17.26
C GLU B 36 -6.75 19.60 -15.79
N TRP B 37 -7.54 19.03 -14.87
CA TRP B 37 -7.42 19.30 -13.47
C TRP B 37 -6.67 18.20 -12.77
N LYS B 38 -6.28 17.15 -13.47
CA LYS B 38 -5.74 15.99 -12.78
C LYS B 38 -4.39 16.34 -12.13
N LEU B 39 -3.53 17.08 -12.82
CA LEU B 39 -2.25 17.44 -12.25
C LEU B 39 -2.40 18.22 -10.94
N SER B 40 -3.28 19.23 -10.87
CA SER B 40 -3.59 19.92 -9.63
C SER B 40 -3.77 18.96 -8.45
N MET B 41 -4.66 18.02 -8.65
CA MET B 41 -5.06 17.08 -7.63
C MET B 41 -3.87 16.25 -7.26
N THR B 42 -3.02 15.95 -8.24
CA THR B 42 -1.82 15.17 -7.98
C THR B 42 -0.90 15.95 -7.06
N ILE B 43 -0.66 17.22 -7.37
CA ILE B 43 0.23 17.98 -6.55
C ILE B 43 -0.31 18.03 -5.13
N ALA B 44 -1.61 18.24 -4.94
CA ALA B 44 -2.19 18.31 -3.61
C ALA B 44 -1.99 17.01 -2.84
N GLY B 45 -2.21 15.91 -3.51
CA GLY B 45 -1.98 14.65 -2.86
C GLY B 45 -0.51 14.49 -2.48
N LEU B 46 0.40 14.95 -3.33
CA LEU B 46 1.80 14.79 -3.01
C LEU B 46 2.15 15.60 -1.77
N VAL B 47 1.70 16.82 -1.73
CA VAL B 47 1.93 17.65 -0.58
C VAL B 47 1.47 16.93 0.67
N THR B 48 0.23 16.45 0.69
CA THR B 48 -0.25 15.87 1.92
C THR B 48 0.46 14.56 2.20
N LEU B 49 0.92 13.85 1.18
CA LEU B 49 1.63 12.61 1.36
C LEU B 49 3.00 12.79 2.01
N VAL B 50 3.77 13.76 1.54
CA VAL B 50 5.05 14.03 2.14
C VAL B 50 4.79 14.42 3.57
N ALA B 51 3.91 15.37 3.81
CA ALA B 51 3.63 15.75 5.19
C ALA B 51 3.27 14.52 6.03
N ALA B 52 2.41 13.64 5.53
CA ALA B 52 2.02 12.51 6.34
C ALA B 52 3.23 11.66 6.70
N ILE B 53 4.06 11.35 5.73
CA ILE B 53 5.21 10.54 6.00
C ILE B 53 6.12 11.22 7.03
N HIS B 54 6.33 12.48 6.89
CA HIS B 54 7.17 13.15 7.83
C HIS B 54 6.53 13.23 9.22
N TYR B 55 5.24 13.44 9.31
CA TYR B 55 4.58 13.57 10.61
C TYR B 55 4.60 12.21 11.30
N TYR B 56 4.51 11.13 10.56
CA TYR B 56 4.69 9.83 11.17
C TYR B 56 6.08 9.79 11.79
N TYR B 57 7.11 10.27 11.11
CA TYR B 57 8.42 10.19 11.71
C TYR B 57 8.49 11.14 12.89
N MET B 58 8.10 12.37 12.69
CA MET B 58 8.27 13.36 13.71
C MET B 58 7.51 13.03 14.97
N ARG B 59 6.38 12.32 14.88
CA ARG B 59 5.58 12.10 16.08
C ARG B 59 6.31 11.08 16.94
N ASP B 60 6.89 10.08 16.28
CA ASP B 60 7.74 9.12 16.94
C ASP B 60 8.88 9.83 17.70
N TYR B 61 9.54 10.77 17.05
CA TYR B 61 10.62 11.49 17.69
C TYR B 61 10.08 12.15 18.95
N TRP B 62 8.93 12.76 18.89
CA TRP B 62 8.47 13.58 20.00
C TRP B 62 8.22 12.70 21.20
N VAL B 63 7.66 11.55 20.90
CA VAL B 63 7.17 10.73 21.95
C VAL B 63 8.40 10.20 22.68
N ALA B 64 9.37 9.70 21.93
CA ALA B 64 10.68 9.36 22.48
C ALA B 64 11.20 10.49 23.38
N SER B 65 11.26 11.68 22.83
CA SER B 65 11.78 12.80 23.58
C SER B 65 11.08 12.95 24.92
N VAL B 66 9.80 12.57 25.01
CA VAL B 66 9.01 12.88 26.20
C VAL B 66 9.29 11.82 27.25
N LEU B 67 9.63 10.60 26.79
CA LEU B 67 10.03 9.51 27.66
C LEU B 67 11.41 9.79 28.23
N ALA B 68 12.30 10.37 27.41
CA ALA B 68 13.64 10.72 27.85
C ALA B 68 13.65 12.02 28.65
N GLY B 69 12.47 12.57 28.98
CA GLY B 69 12.34 13.53 30.06
C GLY B 69 12.56 14.97 29.63
N SER B 70 13.08 15.18 28.41
CA SER B 70 13.21 16.49 27.81
C SER B 70 12.44 16.53 26.50
N PRO B 71 11.18 17.05 26.49
CA PRO B 71 10.36 17.08 25.29
C PRO B 71 10.80 18.19 24.33
N ASP B 72 11.32 17.78 23.18
CA ASP B 72 11.64 18.72 22.13
C ASP B 72 11.46 18.07 20.77
N SER B 73 10.91 18.85 19.83
CA SER B 73 10.91 18.48 18.42
C SER B 73 11.36 19.72 17.67
N PRO B 74 12.63 19.79 17.27
CA PRO B 74 13.15 21.05 16.76
C PRO B 74 12.53 21.43 15.41
N ILE B 75 12.33 22.72 15.24
CA ILE B 75 11.71 23.23 14.04
C ILE B 75 12.55 22.81 12.84
N VAL B 76 13.85 22.70 13.04
CA VAL B 76 14.71 22.41 11.91
C VAL B 76 14.23 21.14 11.19
N TYR B 77 13.67 20.15 11.86
CA TYR B 77 13.33 18.96 11.12
C TYR B 77 12.09 19.17 10.25
N ARG B 78 11.32 20.24 10.49
CA ARG B 78 10.21 20.62 9.65
C ARG B 78 10.66 20.85 8.22
N TYR B 79 11.87 21.37 8.04
CA TYR B 79 12.32 21.72 6.70
C TYR B 79 12.46 20.49 5.85
N ILE B 80 12.62 19.33 6.43
CA ILE B 80 12.65 18.15 5.58
C ILE B 80 11.35 18.05 4.78
N ASP B 81 10.19 18.46 5.37
CA ASP B 81 8.95 18.46 4.61
C ASP B 81 8.82 19.76 3.81
N TRP B 82 9.11 20.88 4.43
CA TRP B 82 8.90 22.13 3.74
C TRP B 82 9.69 22.24 2.43
N LEU B 83 10.91 21.74 2.41
CA LEU B 83 11.73 21.84 1.22
C LEU B 83 11.02 21.20 0.05
N ILE B 84 10.16 20.23 0.29
CA ILE B 84 9.44 19.62 -0.82
C ILE B 84 8.03 20.18 -0.94
N THR B 85 7.29 20.26 0.15
CA THR B 85 5.88 20.58 0.07
C THR B 85 5.74 22.07 -0.30
N VAL B 86 6.58 22.98 0.21
CA VAL B 86 6.30 24.36 -0.06
C VAL B 86 6.46 24.70 -1.53
N PRO B 87 7.53 24.29 -2.24
CA PRO B 87 7.58 24.47 -3.69
C PRO B 87 6.39 23.86 -4.44
N LEU B 88 5.97 22.65 -4.07
CA LEU B 88 4.79 22.04 -4.66
C LEU B 88 3.56 22.91 -4.50
N LEU B 89 3.27 23.35 -3.30
CA LEU B 89 2.10 24.20 -3.09
C LEU B 89 2.22 25.45 -3.92
N MET B 90 3.38 26.07 -4.00
CA MET B 90 3.45 27.31 -4.72
C MET B 90 3.26 27.08 -6.21
N ILE B 91 3.74 25.97 -6.78
CA ILE B 91 3.56 25.81 -8.21
C ILE B 91 2.10 25.58 -8.55
N GLU B 92 1.26 25.24 -7.57
CA GLU B 92 -0.15 25.14 -7.82
C GLU B 92 -0.67 26.46 -8.35
N PHE B 93 -0.02 27.58 -8.11
CA PHE B 93 -0.55 28.83 -8.61
C PHE B 93 -0.43 28.84 -10.12
N PHE B 94 0.60 28.19 -10.62
CA PHE B 94 0.81 28.16 -12.05
C PHE B 94 -0.11 27.14 -12.67
N ILE B 95 -0.17 25.97 -12.02
CA ILE B 95 -0.86 24.82 -12.54
C ILE B 95 -2.32 25.12 -12.73
N ILE B 96 -3.00 25.69 -11.74
CA ILE B 96 -4.43 25.92 -11.90
C ILE B 96 -4.68 27.01 -12.95
N LEU B 97 -3.72 27.88 -13.23
CA LEU B 97 -3.91 28.89 -14.26
C LEU B 97 -3.90 28.19 -15.61
N LYS B 98 -2.97 27.25 -15.77
CA LYS B 98 -2.92 26.41 -16.95
C LYS B 98 -4.20 25.59 -17.08
N ALA B 99 -4.68 25.01 -15.98
CA ALA B 99 -5.89 24.21 -16.09
C ALA B 99 -7.07 25.03 -16.62
N VAL B 100 -7.24 26.31 -16.26
CA VAL B 100 -8.36 27.09 -16.77
C VAL B 100 -8.00 27.65 -18.14
N GLY B 101 -6.82 27.30 -18.66
CA GLY B 101 -6.43 27.79 -19.96
C GLY B 101 -6.15 29.29 -19.93
N ALA B 102 -5.54 29.76 -18.85
CA ALA B 102 -5.02 31.11 -18.79
C ALA B 102 -3.75 31.15 -19.61
N SER B 103 -3.42 32.31 -20.18
CA SER B 103 -2.12 32.49 -20.81
C SER B 103 -1.15 32.95 -19.73
N ILE B 104 -0.05 32.19 -19.58
CA ILE B 104 0.88 32.46 -18.50
C ILE B 104 2.23 31.86 -18.90
N SER B 105 3.26 32.72 -18.86
CA SER B 105 4.60 32.32 -19.23
C SER B 105 5.08 31.21 -18.30
N THR B 106 6.04 30.39 -18.75
CA THR B 106 6.68 29.47 -17.83
C THR B 106 7.61 30.23 -16.91
N ASN B 107 7.86 31.50 -17.22
CA ASN B 107 8.73 32.28 -16.37
C ASN B 107 8.08 32.42 -15.01
N SER B 108 6.77 32.59 -15.01
CA SER B 108 6.06 32.58 -13.75
C SER B 108 6.32 31.27 -12.98
N PHE B 109 6.32 30.11 -13.64
CA PHE B 109 6.61 28.89 -12.93
C PHE B 109 7.99 28.93 -12.25
N TRP B 110 9.03 29.38 -12.95
CA TRP B 110 10.37 29.39 -12.38
C TRP B 110 10.48 30.43 -11.27
N ARG B 111 9.96 31.64 -11.49
CA ARG B 111 9.88 32.61 -10.43
C ARG B 111 9.22 32.01 -9.19
N LEU B 112 8.16 31.22 -9.37
CA LEU B 112 7.54 30.70 -8.18
C LEU B 112 8.48 29.70 -7.54
N LEU B 113 9.11 28.86 -8.33
CA LEU B 113 9.93 27.78 -7.81
C LEU B 113 11.21 28.30 -7.18
N VAL B 114 11.86 29.27 -7.80
CA VAL B 114 13.07 29.82 -7.23
C VAL B 114 12.76 30.63 -5.97
N GLY B 115 11.84 31.55 -6.06
CA GLY B 115 11.50 32.34 -4.90
C GLY B 115 11.16 31.46 -3.70
N THR B 116 10.53 30.30 -3.95
CA THR B 116 10.17 29.45 -2.85
C THR B 116 11.42 28.83 -2.26
N LEU B 117 12.35 28.38 -3.10
CA LEU B 117 13.55 27.72 -2.59
C LEU B 117 14.48 28.76 -1.97
N VAL B 118 14.64 29.92 -2.55
CA VAL B 118 15.40 30.95 -1.87
C VAL B 118 14.83 31.14 -0.45
N MET B 119 13.52 31.30 -0.35
CA MET B 119 12.86 31.51 0.93
C MET B 119 13.21 30.42 1.95
N LEU B 120 13.21 29.16 1.52
CA LEU B 120 13.36 28.05 2.43
C LEU B 120 14.82 27.78 2.75
N ILE B 121 15.67 27.80 1.75
CA ILE B 121 17.10 27.58 1.95
C ILE B 121 17.65 28.66 2.88
N GLY B 122 17.17 29.87 2.74
CA GLY B 122 17.57 30.91 3.67
C GLY B 122 17.20 30.56 5.11
N GLY B 123 15.98 30.12 5.32
CA GLY B 123 15.57 29.81 6.67
C GLY B 123 16.29 28.57 7.18
N PHE B 124 16.35 27.54 6.34
CA PHE B 124 17.02 26.31 6.76
C PHE B 124 18.46 26.60 7.17
N ALA B 125 19.19 27.34 6.35
CA ALA B 125 20.56 27.68 6.67
C ALA B 125 20.64 28.43 7.99
N GLY B 126 19.65 29.26 8.27
CA GLY B 126 19.68 30.07 9.48
C GLY B 126 19.42 29.19 10.70
N GLU B 127 18.34 28.39 10.62
CA GLU B 127 18.06 27.40 11.64
C GLU B 127 19.12 26.48 11.09
N ALA B 128 19.65 25.52 11.81
CA ALA B 128 20.73 24.69 11.26
C ALA B 128 22.06 25.42 11.39
N MET B 129 22.02 26.73 11.69
CA MET B 129 23.19 27.47 12.13
C MET B 129 24.33 27.46 11.11
N LEU B 130 24.01 27.26 9.82
CA LEU B 130 25.02 27.31 8.78
C LEU B 130 25.42 28.77 8.52
N ILE B 131 24.48 29.69 8.74
CA ILE B 131 24.70 31.11 8.63
C ILE B 131 23.98 31.77 9.79
N SER B 132 24.17 33.07 9.97
CA SER B 132 23.49 33.78 11.05
C SER B 132 21.98 33.68 10.85
N ALA B 133 21.23 33.69 11.95
CA ALA B 133 19.79 33.63 11.90
C ALA B 133 19.24 34.86 11.21
N SER B 134 19.87 36.01 11.47
CA SER B 134 19.55 37.25 10.80
C SER B 134 19.71 37.12 9.29
N LEU B 135 20.85 36.57 8.86
CA LEU B 135 21.09 36.47 7.43
C LEU B 135 20.10 35.49 6.82
N GLY B 136 19.74 34.45 7.57
CA GLY B 136 18.81 33.49 7.03
C GLY B 136 17.42 34.08 6.91
N PHE B 137 17.11 35.01 7.82
CA PHE B 137 15.81 35.64 7.78
C PHE B 137 15.73 36.56 6.57
N ILE B 138 16.83 37.24 6.29
CA ILE B 138 16.83 38.23 5.23
C ILE B 138 16.70 37.52 3.90
N ILE B 139 17.51 36.48 3.73
CA ILE B 139 17.51 35.73 2.48
C ILE B 139 16.13 35.12 2.28
N GLY B 140 15.55 34.62 3.36
CA GLY B 140 14.22 34.04 3.26
C GLY B 140 13.16 35.09 2.96
N MET B 141 13.33 36.31 3.49
CA MET B 141 12.35 37.34 3.20
C MET B 141 12.44 37.75 1.73
N VAL B 142 13.63 37.61 1.16
CA VAL B 142 13.75 37.93 -0.24
C VAL B 142 12.91 36.95 -1.06
N GLY B 143 13.02 35.66 -0.72
CA GLY B 143 12.24 34.63 -1.37
C GLY B 143 10.74 34.92 -1.24
N TRP B 144 10.33 35.20 -0.01
CA TRP B 144 8.97 35.57 0.26
C TRP B 144 8.53 36.73 -0.64
N ALA B 145 9.31 37.79 -0.69
CA ALA B 145 8.91 38.96 -1.44
C ALA B 145 8.64 38.61 -2.91
N ILE B 146 9.49 37.77 -3.48
CA ILE B 146 9.29 37.30 -4.83
C ILE B 146 7.95 36.57 -4.97
N ILE B 147 7.70 35.55 -4.14
CA ILE B 147 6.49 34.79 -4.38
C ILE B 147 5.27 35.68 -4.13
N ILE B 148 5.31 36.52 -3.10
CA ILE B 148 4.17 37.38 -2.82
C ILE B 148 3.87 38.29 -3.99
N TRP B 149 4.91 38.80 -4.63
CA TRP B 149 4.72 39.69 -5.75
C TRP B 149 4.10 38.95 -6.92
N GLU B 150 4.56 37.74 -7.21
CA GLU B 150 4.05 36.95 -8.32
C GLU B 150 2.53 36.79 -8.26
N ILE B 151 2.01 36.50 -7.06
CA ILE B 151 0.61 36.16 -6.90
C ILE B 151 -0.20 37.36 -6.46
N PHE B 152 0.41 38.51 -6.18
CA PHE B 152 -0.40 39.66 -5.77
C PHE B 152 -0.28 40.80 -6.78
N GLY B 153 0.82 40.87 -7.54
CA GLY B 153 0.97 41.93 -8.53
C GLY B 153 1.72 41.52 -9.80
N GLY B 154 2.18 40.27 -9.85
CA GLY B 154 2.97 39.76 -10.96
C GLY B 154 2.09 39.11 -12.02
N GLU B 155 2.73 38.33 -12.89
CA GLU B 155 2.04 37.73 -14.02
C GLU B 155 0.89 36.87 -13.51
N ALA B 156 1.16 35.96 -12.58
CA ALA B 156 0.12 35.03 -12.15
C ALA B 156 -1.13 35.76 -11.63
N SER B 157 -0.91 36.82 -10.86
CA SER B 157 -1.98 37.68 -10.40
C SER B 157 -2.81 38.20 -11.57
N LYS B 158 -2.16 38.67 -12.61
CA LYS B 158 -2.85 39.31 -13.72
C LYS B 158 -3.61 38.26 -14.52
N ALA B 159 -2.97 37.10 -14.76
CA ALA B 159 -3.64 36.00 -15.45
C ALA B 159 -4.92 35.63 -14.74
N ALA B 160 -4.85 35.59 -13.42
CA ALA B 160 -5.95 35.09 -12.63
C ALA B 160 -7.09 36.10 -12.72
N ASP B 161 -6.77 37.40 -12.77
CA ASP B 161 -7.80 38.42 -12.84
C ASP B 161 -8.52 38.33 -14.18
N ALA B 162 -7.78 37.98 -15.23
CA ALA B 162 -8.35 37.81 -16.56
C ALA B 162 -9.32 36.64 -16.62
N ASN B 163 -8.99 35.51 -15.97
CA ASN B 163 -9.88 34.37 -15.92
C ASN B 163 -10.86 34.57 -14.78
N ALA B 164 -12.02 33.92 -14.87
CA ALA B 164 -13.09 34.19 -13.93
C ALA B 164 -13.40 32.92 -13.13
N GLY B 165 -13.13 31.77 -13.75
CA GLY B 165 -13.33 30.50 -13.10
C GLY B 165 -12.38 30.29 -11.93
N VAL B 166 -11.12 30.67 -12.14
CA VAL B 166 -10.09 30.48 -11.14
C VAL B 166 -9.96 31.73 -10.27
N LYS B 167 -10.47 32.89 -10.72
CA LYS B 167 -10.20 34.13 -10.01
C LYS B 167 -10.35 34.00 -8.48
N SER B 168 -11.48 33.49 -8.05
CA SER B 168 -11.88 33.43 -6.66
C SER B 168 -11.06 32.40 -5.88
N ALA B 169 -10.74 31.24 -6.48
CA ALA B 169 -9.85 30.30 -5.84
C ALA B 169 -8.47 30.93 -5.69
N PHE B 170 -8.02 31.57 -6.76
CA PHE B 170 -6.70 32.18 -6.71
C PHE B 170 -6.70 33.18 -5.55
N ASN B 171 -7.76 33.96 -5.43
CA ASN B 171 -7.81 34.87 -4.33
C ASN B 171 -7.78 34.12 -2.98
N ALA B 172 -8.50 33.01 -2.83
CA ALA B 172 -8.46 32.31 -1.55
C ALA B 172 -7.06 31.81 -1.27
N LEU B 173 -6.46 31.13 -2.25
CA LEU B 173 -5.14 30.55 -2.02
C LEU B 173 -4.14 31.64 -1.73
N ARG B 174 -4.17 32.77 -2.43
CA ARG B 174 -3.15 33.76 -2.16
C ARG B 174 -3.31 34.35 -0.75
N LEU B 175 -4.51 34.36 -0.20
CA LEU B 175 -4.70 34.80 1.16
C LEU B 175 -4.14 33.80 2.17
N ILE B 176 -4.37 32.51 1.95
CA ILE B 176 -3.74 31.54 2.81
C ILE B 176 -2.21 31.78 2.81
N VAL B 177 -1.60 31.95 1.64
CA VAL B 177 -0.18 32.17 1.57
C VAL B 177 0.17 33.46 2.28
N LEU B 178 -0.56 34.54 2.07
CA LEU B 178 -0.22 35.79 2.71
C LEU B 178 -0.36 35.68 4.22
N VAL B 179 -1.47 35.10 4.69
CA VAL B 179 -1.84 35.19 6.09
C VAL B 179 -1.60 33.87 6.79
N GLY B 180 -2.15 32.81 6.24
CA GLY B 180 -1.97 31.49 6.81
C GLY B 180 -0.51 31.16 6.99
N TRP B 181 0.32 31.52 6.00
CA TRP B 181 1.69 31.07 6.02
C TRP B 181 2.54 32.03 6.82
N ALA B 182 1.98 33.14 7.31
CA ALA B 182 2.80 34.07 8.07
C ALA B 182 3.23 33.47 9.41
N ILE B 183 2.55 32.42 9.89
CA ILE B 183 3.02 31.82 11.13
C ILE B 183 4.48 31.37 11.02
N TYR B 184 4.95 30.94 9.84
CA TYR B 184 6.28 30.34 9.74
C TYR B 184 7.38 31.38 9.96
N PRO B 185 7.47 32.46 9.21
CA PRO B 185 8.39 33.53 9.55
C PRO B 185 8.21 34.10 10.95
N LEU B 186 6.99 34.01 11.50
CA LEU B 186 6.76 34.52 12.84
C LEU B 186 7.42 33.60 13.86
N GLY B 187 7.29 32.29 13.67
CA GLY B 187 7.94 31.33 14.51
C GLY B 187 9.44 31.50 14.44
N TYR B 188 9.95 31.80 13.26
CA TYR B 188 11.38 31.97 13.14
C TYR B 188 11.81 33.20 13.92
N ILE B 189 10.99 34.22 14.00
CA ILE B 189 11.45 35.41 14.67
C ILE B 189 11.31 35.21 16.17
N PHE B 190 10.12 34.83 16.62
CA PHE B 190 9.77 34.84 18.03
C PHE B 190 10.21 33.53 18.68
N GLY B 191 10.08 32.44 17.94
CA GLY B 191 10.56 31.16 18.39
C GLY B 191 12.08 31.17 18.49
N TYR B 192 12.74 31.46 17.39
CA TYR B 192 14.10 31.03 17.16
C TYR B 192 15.07 32.18 17.39
N MET B 193 14.82 33.33 16.78
CA MET B 193 15.71 34.44 16.97
C MET B 193 15.53 35.09 18.34
N MET B 194 14.31 35.09 18.87
CA MET B 194 14.01 35.79 20.11
C MET B 194 13.87 34.84 21.30
N GLY B 195 13.50 33.59 21.03
CA GLY B 195 13.32 32.62 22.10
C GLY B 195 12.07 32.89 22.95
N SER B 196 11.18 33.76 22.48
CA SER B 196 10.00 34.14 23.24
C SER B 196 8.91 33.07 23.17
N VAL B 197 9.05 32.08 22.30
CA VAL B 197 8.06 31.02 22.20
C VAL B 197 8.84 29.70 22.20
N ASP B 198 8.35 28.75 23.00
CA ASP B 198 8.99 27.45 23.14
C ASP B 198 8.67 26.62 21.90
N SER B 199 9.49 25.60 21.63
CA SER B 199 9.29 24.73 20.49
C SER B 199 7.98 23.95 20.63
N GLY B 200 7.55 23.69 21.87
CA GLY B 200 6.38 22.85 22.05
C GLY B 200 5.12 23.58 21.63
N SER B 201 5.05 24.87 21.99
CA SER B 201 4.01 25.75 21.51
C SER B 201 4.06 25.87 20.00
N LEU B 202 5.27 26.02 19.46
CA LEU B 202 5.42 26.12 18.04
C LEU B 202 4.95 24.86 17.38
N ASN B 203 5.26 23.72 17.95
CA ASN B 203 4.92 22.49 17.29
C ASN B 203 3.41 22.34 17.27
N ILE B 204 2.71 22.78 18.33
CA ILE B 204 1.26 22.65 18.35
C ILE B 204 0.69 23.53 17.23
N ILE B 205 1.14 24.78 17.20
CA ILE B 205 0.67 25.74 16.24
C ILE B 205 0.93 25.23 14.84
N TYR B 206 2.16 24.93 14.51
CA TYR B 206 2.45 24.39 13.20
C TYR B 206 1.59 23.18 12.90
N ASN B 207 1.40 22.28 13.85
CA ASN B 207 0.64 21.09 13.57
C ASN B 207 -0.80 21.45 13.23
N LEU B 208 -1.38 22.38 13.97
CA LEU B 208 -2.78 22.69 13.77
C LEU B 208 -2.94 23.51 12.50
N ALA B 209 -2.03 24.42 12.25
CA ALA B 209 -2.05 25.22 11.04
C ALA B 209 -2.00 24.39 9.77
N ASP B 210 -1.54 23.13 9.80
CA ASP B 210 -1.55 22.35 8.58
C ASP B 210 -2.97 22.05 8.07
N PHE B 211 -3.98 22.11 8.93
CA PHE B 211 -5.33 22.01 8.44
C PHE B 211 -5.60 23.14 7.45
N VAL B 212 -5.14 24.33 7.74
CA VAL B 212 -5.36 25.42 6.80
C VAL B 212 -4.29 25.48 5.72
N ASN B 213 -3.05 25.41 6.11
CA ASN B 213 -1.98 25.79 5.20
C ASN B 213 -1.71 24.70 4.19
N LYS B 214 -2.25 23.50 4.38
CA LYS B 214 -2.07 22.48 3.38
C LYS B 214 -3.39 21.87 2.99
N ILE B 215 -4.18 21.39 3.95
CA ILE B 215 -5.39 20.70 3.56
C ILE B 215 -6.39 21.68 2.93
N LEU B 216 -6.70 22.77 3.61
CA LEU B 216 -7.66 23.70 3.04
C LEU B 216 -7.13 24.27 1.73
N PHE B 217 -5.83 24.43 1.61
CA PHE B 217 -5.31 24.82 0.32
C PHE B 217 -5.71 23.81 -0.77
N GLY B 218 -5.50 22.55 -0.49
CA GLY B 218 -5.87 21.51 -1.44
C GLY B 218 -7.35 21.43 -1.70
N LEU B 219 -8.18 21.58 -0.69
CA LEU B 219 -9.62 21.53 -0.85
C LEU B 219 -10.12 22.72 -1.63
N ILE B 220 -9.50 23.89 -1.56
CA ILE B 220 -9.95 24.97 -2.41
C ILE B 220 -9.70 24.65 -3.87
N ILE B 221 -8.61 23.97 -4.15
CA ILE B 221 -8.22 23.63 -5.50
C ILE B 221 -9.15 22.57 -6.02
N TRP B 222 -9.52 21.60 -5.16
CA TRP B 222 -10.48 20.57 -5.54
C TRP B 222 -11.86 21.16 -5.81
N ASN B 223 -12.24 22.13 -5.05
CA ASN B 223 -13.51 22.75 -5.25
C ASN B 223 -13.62 23.40 -6.62
N VAL B 224 -12.54 24.00 -7.13
CA VAL B 224 -12.64 24.66 -8.41
C VAL B 224 -12.46 23.59 -9.48
N ALA B 225 -11.65 22.57 -9.23
CA ALA B 225 -11.55 21.51 -10.20
C ALA B 225 -12.91 20.87 -10.47
N VAL B 226 -13.72 20.75 -9.47
CA VAL B 226 -14.97 20.01 -9.55
C VAL B 226 -16.07 20.88 -10.13
N ARG B 227 -15.98 22.18 -9.93
CA ARG B 227 -16.93 23.11 -10.52
C ARG B 227 -16.60 23.32 -11.99
N GLU B 228 -15.34 23.05 -12.37
CA GLU B 228 -14.87 23.24 -13.74
C GLU B 228 -14.93 21.92 -14.49
N SER B 229 -15.05 20.81 -13.77
CA SER B 229 -15.09 19.50 -14.37
C SER B 229 -16.54 19.21 -14.77
N SER B 230 -17.45 20.14 -14.44
CA SER B 230 -18.86 20.00 -14.73
C SER B 230 -19.14 20.41 -16.18
N MET C 1 1.37 -8.89 22.75
CA MET C 1 0.42 -9.94 22.29
C MET C 1 -0.85 -9.95 23.14
N LEU C 2 -1.95 -10.23 22.48
CA LEU C 2 -3.26 -10.23 23.09
C LEU C 2 -3.36 -11.44 24.00
N GLN C 3 -3.76 -11.22 25.25
CA GLN C 3 -3.68 -12.23 26.30
C GLN C 3 -5.01 -12.92 26.39
N ALA C 4 -5.05 -13.98 27.23
CA ALA C 4 -6.23 -14.82 27.39
C ALA C 4 -7.22 -14.15 28.34
N GLY C 5 -8.50 -14.14 27.93
CA GLY C 5 -9.57 -13.60 28.74
C GLY C 5 -9.69 -12.08 28.57
N ASP C 6 -8.88 -11.51 27.68
CA ASP C 6 -8.92 -10.08 27.44
C ASP C 6 -9.96 -9.77 26.36
N PHE C 7 -11.21 -9.55 26.78
CA PHE C 7 -12.26 -9.22 25.83
C PHE C 7 -12.07 -7.80 25.29
N VAL C 8 -11.49 -6.91 26.08
CA VAL C 8 -11.29 -5.58 25.59
C VAL C 8 -10.30 -5.65 24.41
N GLY C 9 -9.28 -6.46 24.56
CA GLY C 9 -8.29 -6.54 23.52
C GLY C 9 -8.84 -7.30 22.32
N VAL C 10 -9.77 -8.23 22.58
CA VAL C 10 -10.34 -8.98 21.48
C VAL C 10 -11.19 -8.03 20.63
N SER C 11 -12.00 -7.20 21.31
CA SER C 11 -12.81 -6.17 20.69
C SER C 11 -11.96 -5.18 19.89
N PHE C 12 -10.80 -4.79 20.39
CA PHE C 12 -9.94 -3.95 19.60
C PHE C 12 -9.47 -4.66 18.33
N TRP C 13 -9.22 -5.96 18.40
CA TRP C 13 -8.71 -6.69 17.26
C TRP C 13 -9.83 -6.83 16.23
N LEU C 14 -11.02 -7.15 16.72
CA LEU C 14 -12.11 -7.34 15.82
C LEU C 14 -12.37 -6.06 15.02
N VAL C 15 -12.54 -4.96 15.74
CA VAL C 15 -12.89 -3.72 15.11
C VAL C 15 -11.72 -3.25 14.27
N SER C 16 -10.50 -3.50 14.66
CA SER C 16 -9.44 -2.98 13.83
C SER C 16 -9.47 -3.64 12.45
N VAL C 17 -9.79 -4.94 12.37
N VAL C 17 -9.79 -4.94 12.37
CA VAL C 17 -9.72 -5.63 11.10
CA VAL C 17 -9.72 -5.63 11.10
C VAL C 17 -11.01 -5.34 10.31
C VAL C 17 -11.01 -5.34 10.31
N ALA C 18 -12.14 -5.27 10.99
CA ALA C 18 -13.36 -4.88 10.33
C ALA C 18 -13.17 -3.57 9.58
N MET C 19 -12.54 -2.59 10.22
CA MET C 19 -12.36 -1.27 9.65
C MET C 19 -11.42 -1.28 8.48
N VAL C 20 -10.43 -2.18 8.47
CA VAL C 20 -9.63 -2.26 7.25
C VAL C 20 -10.48 -2.84 6.13
N ALA C 21 -11.30 -3.82 6.46
CA ALA C 21 -12.11 -4.44 5.45
C ALA C 21 -13.05 -3.41 4.86
N ALA C 22 -13.77 -2.69 5.73
CA ALA C 22 -14.68 -1.61 5.32
C ALA C 22 -14.03 -0.57 4.41
N THR C 23 -12.82 -0.17 4.72
CA THR C 23 -12.14 0.84 3.94
C THR C 23 -11.99 0.35 2.52
N VAL C 24 -11.48 -0.86 2.39
CA VAL C 24 -11.18 -1.35 1.06
C VAL C 24 -12.52 -1.51 0.33
N PHE C 25 -13.54 -1.99 1.02
CA PHE C 25 -14.80 -2.14 0.37
C PHE C 25 -15.28 -0.81 -0.20
N PHE C 26 -15.26 0.27 0.57
CA PHE C 26 -15.83 1.52 0.11
C PHE C 26 -15.01 2.03 -1.05
N PHE C 27 -13.69 1.97 -0.95
CA PHE C 27 -12.86 2.50 -2.01
C PHE C 27 -13.05 1.70 -3.28
N TYR C 28 -13.09 0.39 -3.17
CA TYR C 28 -13.15 -0.44 -4.37
C TYR C 28 -14.53 -0.38 -4.99
N GLU C 29 -15.57 -0.37 -4.20
CA GLU C 29 -16.89 -0.25 -4.77
C GLU C 29 -17.14 1.15 -5.27
N GLY C 30 -16.50 2.15 -4.65
CA GLY C 30 -16.76 3.53 -5.02
C GLY C 30 -16.36 3.76 -6.46
N MET C 31 -15.45 2.92 -6.96
CA MET C 31 -15.05 2.96 -8.35
C MET C 31 -16.15 2.49 -9.31
N SER C 32 -17.27 1.99 -8.82
CA SER C 32 -18.25 1.40 -9.69
C SER C 32 -19.67 1.91 -9.40
N VAL C 33 -19.82 3.05 -8.74
CA VAL C 33 -21.13 3.71 -8.60
C VAL C 33 -21.19 4.84 -9.61
N LYS C 34 -22.37 5.36 -9.87
CA LYS C 34 -22.45 6.48 -10.78
C LYS C 34 -21.58 7.61 -10.22
N LYS C 35 -21.06 8.46 -11.10
CA LYS C 35 -20.20 9.54 -10.69
C LYS C 35 -20.85 10.40 -9.60
N GLU C 36 -22.14 10.70 -9.69
CA GLU C 36 -22.79 11.48 -8.63
C GLU C 36 -22.52 10.93 -7.23
N TRP C 37 -22.30 9.61 -7.11
CA TRP C 37 -22.24 8.94 -5.85
C TRP C 37 -20.82 8.70 -5.42
N LYS C 38 -19.85 9.07 -6.23
CA LYS C 38 -18.48 8.68 -5.94
C LYS C 38 -17.98 9.39 -4.66
N LEU C 39 -18.28 10.67 -4.49
CA LEU C 39 -17.85 11.38 -3.32
C LEU C 39 -18.38 10.74 -2.03
N SER C 40 -19.67 10.39 -1.95
CA SER C 40 -20.22 9.64 -0.82
C SER C 40 -19.31 8.49 -0.38
N MET C 41 -18.99 7.65 -1.35
CA MET C 41 -18.24 6.44 -1.12
C MET C 41 -16.87 6.83 -0.63
N THR C 42 -16.34 7.93 -1.14
CA THR C 42 -15.05 8.39 -0.72
C THR C 42 -15.09 8.78 0.75
N ILE C 43 -16.08 9.55 1.14
CA ILE C 43 -16.15 9.95 2.51
C ILE C 43 -16.24 8.72 3.40
N ALA C 44 -17.04 7.74 3.05
CA ALA C 44 -17.19 6.52 3.86
C ALA C 44 -15.87 5.80 4.01
N GLY C 45 -15.15 5.67 2.92
CA GLY C 45 -13.87 5.04 3.01
C GLY C 45 -12.93 5.84 3.91
N LEU C 46 -12.99 7.16 3.85
CA LEU C 46 -12.09 7.94 4.67
C LEU C 46 -12.40 7.72 6.14
N VAL C 47 -13.66 7.76 6.49
CA VAL C 47 -14.06 7.51 7.84
C VAL C 47 -13.49 6.19 8.31
N THR C 48 -13.71 5.11 7.54
CA THR C 48 -13.26 3.85 8.05
C THR C 48 -11.75 3.77 8.06
N LEU C 49 -11.07 4.48 7.16
CA LEU C 49 -9.63 4.49 7.10
C LEU C 49 -9.00 5.15 8.32
N VAL C 50 -9.50 6.32 8.71
CA VAL C 50 -8.99 6.98 9.88
C VAL C 50 -9.22 6.06 11.04
N ALA C 51 -10.43 5.59 11.23
CA ALA C 51 -10.67 4.68 12.34
C ALA C 51 -9.68 3.49 12.32
N ALA C 52 -9.45 2.89 11.17
CA ALA C 52 -8.56 1.75 11.15
C ALA C 52 -7.17 2.15 11.62
N ILE C 53 -6.64 3.23 11.11
CA ILE C 53 -5.32 3.65 11.51
C ILE C 53 -5.28 3.91 13.01
N HIS C 54 -6.26 4.55 13.54
CA HIS C 54 -6.25 4.84 14.94
C HIS C 54 -6.42 3.57 15.76
N TYR C 55 -7.25 2.63 15.33
CA TYR C 55 -7.48 1.41 16.11
C TYR C 55 -6.21 0.57 16.09
N TYR C 56 -5.46 0.60 15.01
CA TYR C 56 -4.18 -0.05 15.03
C TYR C 56 -3.32 0.56 16.13
N TYR C 57 -3.33 1.87 16.28
CA TYR C 57 -2.51 2.46 17.31
C TYR C 57 -3.08 2.10 18.68
N MET C 58 -4.35 2.34 18.84
CA MET C 58 -4.95 2.17 20.14
C MET C 58 -4.86 0.77 20.65
N ARG C 59 -4.83 -0.25 19.75
CA ARG C 59 -4.87 -1.61 20.24
C ARG C 59 -3.50 -1.93 20.82
N ASP C 60 -2.47 -1.45 20.15
CA ASP C 60 -1.11 -1.52 20.66
C ASP C 60 -1.02 -0.92 22.07
N TYR C 61 -1.58 0.26 22.25
CA TYR C 61 -1.54 0.90 23.55
C TYR C 61 -2.17 -0.03 24.57
N TRP C 62 -3.30 -0.63 24.24
CA TRP C 62 -4.03 -1.37 25.25
C TRP C 62 -3.24 -2.56 25.72
N VAL C 63 -2.59 -3.16 24.74
CA VAL C 63 -1.98 -4.43 24.99
C VAL C 63 -0.79 -4.13 25.90
N ALA C 64 0.01 -3.13 25.55
CA ALA C 64 1.04 -2.62 26.44
C ALA C 64 0.50 -2.41 27.84
N SER C 65 -0.57 -1.64 27.95
CA SER C 65 -1.12 -1.35 29.24
C SER C 65 -1.41 -2.62 30.04
N VAL C 66 -1.71 -3.74 29.37
CA VAL C 66 -2.20 -4.92 30.07
C VAL C 66 -0.97 -5.69 30.57
N LEU C 67 0.14 -5.57 29.85
CA LEU C 67 1.41 -6.16 30.26
C LEU C 67 1.97 -5.40 31.46
N ALA C 68 1.80 -4.07 31.46
CA ALA C 68 2.25 -3.23 32.56
C ALA C 68 1.28 -3.28 33.75
N GLY C 69 0.27 -4.16 33.69
CA GLY C 69 -0.44 -4.59 34.88
C GLY C 69 -1.61 -3.70 35.26
N SER C 70 -1.71 -2.52 34.62
CA SER C 70 -2.86 -1.64 34.77
C SER C 70 -3.49 -1.41 33.40
N PRO C 71 -4.57 -2.14 33.05
CA PRO C 71 -5.21 -2.01 31.74
C PRO C 71 -6.07 -0.76 31.65
N ASP C 72 -5.64 0.18 30.81
CA ASP C 72 -6.46 1.35 30.54
C ASP C 72 -6.21 1.81 29.11
N SER C 73 -7.29 2.24 28.45
CA SER C 73 -7.20 2.96 27.19
C SER C 73 -8.13 4.14 27.33
N PRO C 74 -7.62 5.33 27.63
CA PRO C 74 -8.50 6.43 27.98
C PRO C 74 -9.35 6.90 26.80
N ILE C 75 -10.58 7.28 27.11
CA ILE C 75 -11.51 7.72 26.11
C ILE C 75 -10.93 8.91 25.38
N VAL C 76 -10.14 9.71 26.07
CA VAL C 76 -9.64 10.91 25.46
C VAL C 76 -8.91 10.59 24.16
N TYR C 77 -8.26 9.45 24.01
CA TYR C 77 -7.53 9.26 22.76
C TYR C 77 -8.47 8.94 21.60
N ARG C 78 -9.74 8.59 21.90
CA ARG C 78 -10.77 8.41 20.89
C ARG C 78 -10.95 9.67 20.06
N TYR C 79 -10.82 10.82 20.69
CA TYR C 79 -11.08 12.07 20.00
C TYR C 79 -10.10 12.28 18.87
N ILE C 80 -8.95 11.67 18.91
CA ILE C 80 -8.07 11.82 17.77
C ILE C 80 -8.77 11.31 16.51
N ASP C 81 -9.61 10.25 16.61
CA ASP C 81 -10.36 9.79 15.45
C ASP C 81 -11.65 10.61 15.31
N TRP C 82 -12.36 10.81 16.40
CA TRP C 82 -13.64 11.49 16.29
C TRP C 82 -13.54 12.88 15.67
N LEU C 83 -12.49 13.62 16.00
CA LEU C 83 -12.36 14.96 15.48
C LEU C 83 -12.36 14.93 13.97
N ILE C 84 -11.94 13.84 13.36
CA ILE C 84 -11.96 13.78 11.91
C ILE C 84 -13.17 13.01 11.40
N THR C 85 -13.43 11.84 11.95
CA THR C 85 -14.44 10.97 11.38
C THR C 85 -15.83 11.56 11.65
N VAL C 86 -16.09 12.16 12.81
CA VAL C 86 -17.45 12.58 13.06
C VAL C 86 -17.89 13.69 12.12
N PRO C 87 -17.11 14.75 11.88
CA PRO C 87 -17.47 15.74 10.84
C PRO C 87 -17.66 15.11 9.45
N LEU C 88 -16.79 14.18 9.03
CA LEU C 88 -16.97 13.47 7.79
C LEU C 88 -18.32 12.77 7.72
N LEU C 89 -18.65 11.98 8.71
CA LEU C 89 -19.92 11.27 8.70
C LEU C 89 -21.05 12.26 8.63
N MET C 90 -20.99 13.36 9.35
CA MET C 90 -22.13 14.25 9.34
C MET C 90 -22.27 14.93 7.99
N ILE C 91 -21.17 15.26 7.29
CA ILE C 91 -21.36 15.94 6.03
C ILE C 91 -21.95 14.99 4.99
N GLU C 92 -21.93 13.69 5.24
CA GLU C 92 -22.61 12.77 4.35
C GLU C 92 -24.07 13.13 4.25
N PHE C 93 -24.65 13.82 5.22
CA PHE C 93 -26.06 14.15 5.11
C PHE C 93 -26.24 15.15 3.98
N PHE C 94 -25.24 15.99 3.78
CA PHE C 94 -25.35 17.00 2.74
C PHE C 94 -25.04 16.36 1.40
N ILE C 95 -23.98 15.55 1.40
CA ILE C 95 -23.45 14.99 0.19
C ILE C 95 -24.47 14.11 -0.50
N ILE C 96 -25.14 13.21 0.21
CA ILE C 96 -26.08 12.35 -0.48
C ILE C 96 -27.31 13.15 -0.96
N LEU C 97 -27.60 14.31 -0.37
CA LEU C 97 -28.72 15.10 -0.84
C LEU C 97 -28.33 15.70 -2.19
N LYS C 98 -27.10 16.17 -2.28
CA LYS C 98 -26.54 16.64 -3.54
C LYS C 98 -26.51 15.52 -4.56
N ALA C 99 -26.09 14.33 -4.17
CA ALA C 99 -26.04 13.24 -5.13
C ALA C 99 -27.42 12.96 -5.75
N VAL C 100 -28.53 13.03 -5.01
CA VAL C 100 -29.84 12.79 -5.59
C VAL C 100 -30.35 14.05 -6.27
N GLY C 101 -29.53 15.10 -6.29
CA GLY C 101 -29.95 16.33 -6.91
C GLY C 101 -31.08 17.00 -6.14
N ALA C 102 -31.00 16.95 -4.81
CA ALA C 102 -31.88 17.73 -3.97
C ALA C 102 -31.39 19.18 -4.01
N SER C 103 -32.31 20.13 -3.82
CA SER C 103 -31.90 21.52 -3.66
C SER C 103 -31.62 21.76 -2.18
N ILE C 104 -30.41 22.22 -1.88
CA ILE C 104 -30.00 22.37 -0.51
C ILE C 104 -28.87 23.38 -0.45
N SER C 105 -29.07 24.42 0.39
CA SER C 105 -28.08 25.46 0.58
C SER C 105 -26.77 24.87 1.07
N THR C 106 -25.65 25.56 0.82
CA THR C 106 -24.40 25.17 1.42
C THR C 106 -24.43 25.56 2.91
N ASN C 107 -25.42 26.33 3.31
CA ASN C 107 -25.49 26.72 4.70
C ASN C 107 -25.73 25.47 5.54
N SER C 108 -26.54 24.57 5.00
CA SER C 108 -26.69 23.30 5.65
C SER C 108 -25.33 22.59 5.83
N PHE C 109 -24.46 22.61 4.82
CA PHE C 109 -23.16 22.00 5.00
C PHE C 109 -22.39 22.62 6.18
N TRP C 110 -22.34 23.94 6.29
CA TRP C 110 -21.58 24.58 7.35
C TRP C 110 -22.24 24.34 8.72
N ARG C 111 -23.55 24.48 8.81
CA ARG C 111 -24.26 24.10 10.02
C ARG C 111 -23.88 22.68 10.43
N LEU C 112 -23.79 21.76 9.49
CA LEU C 112 -23.46 20.42 9.91
C LEU C 112 -22.04 20.39 10.43
N LEU C 113 -21.14 21.05 9.74
CA LEU C 113 -19.72 20.99 10.07
C LEU C 113 -19.41 21.72 11.37
N VAL C 114 -20.01 22.87 11.58
CA VAL C 114 -19.77 23.61 12.82
C VAL C 114 -20.41 22.89 14.00
N GLY C 115 -21.68 22.58 13.90
CA GLY C 115 -22.33 21.88 14.98
C GLY C 115 -21.56 20.63 15.40
N THR C 116 -20.95 19.95 14.43
CA THR C 116 -20.23 18.74 14.78
C THR C 116 -18.98 19.10 15.55
N LEU C 117 -18.26 20.13 15.12
CA LEU C 117 -17.02 20.49 15.79
C LEU C 117 -17.32 21.14 17.14
N VAL C 118 -18.32 21.98 17.25
CA VAL C 118 -18.70 22.47 18.56
C VAL C 118 -18.92 21.27 19.49
N MET C 119 -19.69 20.29 19.03
CA MET C 119 -20.02 19.10 19.84
C MET C 119 -18.76 18.39 20.33
N LEU C 120 -17.74 18.25 19.46
CA LEU C 120 -16.59 17.45 19.78
C LEU C 120 -15.57 18.24 20.58
N ILE C 121 -15.32 19.47 20.19
CA ILE C 121 -14.37 20.32 20.91
C ILE C 121 -14.86 20.51 22.35
N GLY C 122 -16.15 20.65 22.52
CA GLY C 122 -16.69 20.71 23.87
C GLY C 122 -16.34 19.47 24.69
N GLY C 123 -16.55 18.30 24.12
CA GLY C 123 -16.29 17.09 24.85
C GLY C 123 -14.79 16.90 25.06
N PHE C 124 -14.01 17.13 24.01
CA PHE C 124 -12.58 16.96 24.12
C PHE C 124 -12.01 17.87 25.21
N ALA C 125 -12.41 19.13 25.22
CA ALA C 125 -11.95 20.06 26.22
C ALA C 125 -12.34 19.56 27.60
N GLY C 126 -13.50 18.94 27.74
CA GLY C 126 -13.96 18.48 29.04
C GLY C 126 -13.15 17.27 29.49
N GLU C 127 -12.99 16.30 28.60
CA GLU C 127 -12.24 15.09 28.88
C GLU C 127 -10.75 15.37 29.10
N ALA C 128 -10.18 16.27 28.34
CA ALA C 128 -8.77 16.60 28.45
C ALA C 128 -8.55 17.55 29.63
N MET C 129 -9.61 17.77 30.41
CA MET C 129 -9.56 18.59 31.60
C MET C 129 -9.15 20.04 31.32
N LEU C 130 -9.34 20.52 30.09
CA LEU C 130 -9.04 21.91 29.76
C LEU C 130 -10.10 22.82 30.35
N ILE C 131 -11.32 22.31 30.49
CA ILE C 131 -12.43 23.01 31.10
C ILE C 131 -13.17 22.00 31.96
N SER C 132 -14.16 22.47 32.73
CA SER C 132 -14.96 21.59 33.55
C SER C 132 -15.65 20.56 32.67
N ALA C 133 -15.88 19.37 33.22
CA ALA C 133 -16.55 18.30 32.49
C ALA C 133 -17.99 18.72 32.20
N SER C 134 -18.59 19.39 33.18
CA SER C 134 -19.92 19.97 33.04
C SER C 134 -19.97 20.93 31.87
N LEU C 135 -19.01 21.84 31.80
CA LEU C 135 -19.03 22.84 30.76
C LEU C 135 -18.77 22.16 29.42
N GLY C 136 -17.97 21.13 29.40
CA GLY C 136 -17.70 20.45 28.15
C GLY C 136 -18.93 19.69 27.68
N PHE C 137 -19.74 19.21 28.63
CA PHE C 137 -20.93 18.50 28.28
C PHE C 137 -21.94 19.48 27.68
N ILE C 138 -22.01 20.67 28.25
CA ILE C 138 -23.02 21.62 27.84
C ILE C 138 -22.68 22.09 26.44
N ILE C 139 -21.43 22.45 26.22
CA ILE C 139 -20.99 22.96 24.94
C ILE C 139 -21.20 21.86 23.89
N GLY C 140 -20.90 20.63 24.26
CA GLY C 140 -21.10 19.54 23.34
C GLY C 140 -22.58 19.27 23.06
N MET C 141 -23.44 19.49 24.06
CA MET C 141 -24.85 19.28 23.82
C MET C 141 -25.38 20.36 22.88
N VAL C 142 -24.76 21.53 22.92
CA VAL C 142 -25.19 22.55 22.01
C VAL C 142 -24.92 22.11 20.58
N GLY C 143 -23.72 21.57 20.34
CA GLY C 143 -23.34 21.05 19.04
C GLY C 143 -24.33 19.98 18.60
N TRP C 144 -24.58 19.02 19.49
CA TRP C 144 -25.54 17.98 19.24
C TRP C 144 -26.89 18.59 18.81
N ALA C 145 -27.40 19.53 19.57
CA ALA C 145 -28.70 20.08 19.30
C ALA C 145 -28.78 20.65 17.88
N ILE C 146 -27.72 21.33 17.46
CA ILE C 146 -27.64 21.85 16.11
C ILE C 146 -27.72 20.71 15.08
N ILE C 147 -26.86 19.69 15.20
CA ILE C 147 -26.87 18.71 14.13
C ILE C 147 -28.20 17.96 14.15
N ILE C 148 -28.73 17.65 15.33
CA ILE C 148 -29.98 16.92 15.38
C ILE C 148 -31.09 17.70 14.71
N TRP C 149 -31.10 19.02 14.90
CA TRP C 149 -32.13 19.83 14.31
C TRP C 149 -32.01 19.84 12.80
N GLU C 150 -30.79 19.97 12.28
CA GLU C 150 -30.56 19.99 10.84
C GLU C 150 -31.19 18.79 10.13
N ILE C 151 -31.01 17.60 10.71
CA ILE C 151 -31.41 16.37 10.06
C ILE C 151 -32.77 15.91 10.53
N PHE C 152 -33.38 16.56 11.52
CA PHE C 152 -34.70 16.09 11.94
C PHE C 152 -35.77 17.15 11.68
N GLY C 153 -35.40 18.44 11.63
CA GLY C 153 -36.38 19.48 11.37
C GLY C 153 -35.85 20.66 10.54
N GLY C 154 -34.56 20.62 10.19
CA GLY C 154 -33.92 21.69 9.46
C GLY C 154 -33.97 21.47 7.96
N GLU C 155 -33.13 22.22 7.24
CA GLU C 155 -33.15 22.20 5.79
C GLU C 155 -32.92 20.77 5.29
N ALA C 156 -31.86 20.10 5.77
CA ALA C 156 -31.54 18.79 5.23
C ALA C 156 -32.70 17.81 5.38
N SER C 157 -33.36 17.84 6.52
CA SER C 157 -34.56 17.06 6.78
C SER C 157 -35.62 17.32 5.70
N LYS C 158 -35.85 18.59 5.37
CA LYS C 158 -36.92 18.95 4.46
C LYS C 158 -36.53 18.54 3.03
N ALA C 159 -35.28 18.77 2.65
CA ALA C 159 -34.79 18.35 1.34
C ALA C 159 -35.02 16.86 1.16
N ALA C 160 -34.73 16.10 2.21
CA ALA C 160 -34.75 14.67 2.12
C ALA C 160 -36.19 14.22 1.95
N ASP C 161 -37.13 14.90 2.60
CA ASP C 161 -38.53 14.52 2.51
C ASP C 161 -39.03 14.77 1.09
N ALA C 162 -38.52 15.83 0.45
CA ALA C 162 -38.88 16.15 -0.91
C ALA C 162 -38.40 15.10 -1.91
N ASN C 163 -37.17 14.59 -1.71
CA ASN C 163 -36.64 13.53 -2.57
C ASN C 163 -37.13 12.20 -2.03
N ALA C 164 -37.18 11.19 -2.90
CA ALA C 164 -37.80 9.93 -2.54
C ALA C 164 -36.77 8.81 -2.59
N GLY C 165 -35.75 9.01 -3.43
CA GLY C 165 -34.67 8.06 -3.55
C GLY C 165 -33.82 7.97 -2.28
N VAL C 166 -33.54 9.15 -1.71
CA VAL C 166 -32.70 9.24 -0.54
C VAL C 166 -33.56 9.21 0.73
N LYS C 167 -34.86 9.49 0.63
CA LYS C 167 -35.67 9.67 1.82
C LYS C 167 -35.39 8.60 2.91
N SER C 168 -35.47 7.35 2.51
CA SER C 168 -35.40 6.21 3.39
C SER C 168 -33.98 6.00 3.95
N ALA C 169 -32.95 6.21 3.14
CA ALA C 169 -31.59 6.17 3.65
C ALA C 169 -31.39 7.31 4.66
N PHE C 170 -31.88 8.49 4.30
CA PHE C 170 -31.72 9.61 5.19
C PHE C 170 -32.38 9.25 6.53
N ASN C 171 -33.56 8.65 6.46
CA ASN C 171 -34.18 8.24 7.70
C ASN C 171 -33.32 7.22 8.44
N ALA C 172 -32.73 6.24 7.76
CA ALA C 172 -31.92 5.28 8.49
C ALA C 172 -30.74 5.96 9.15
N LEU C 173 -30.00 6.77 8.36
CA LEU C 173 -28.81 7.40 8.90
C LEU C 173 -29.17 8.32 10.04
N ARG C 174 -30.27 9.08 9.95
CA ARG C 174 -30.54 9.98 11.05
C ARG C 174 -30.89 9.22 12.32
N LEU C 175 -31.43 8.02 12.22
CA LEU C 175 -31.68 7.21 13.38
C LEU C 175 -30.40 6.68 14.01
N ILE C 176 -29.45 6.22 13.19
CA ILE C 176 -28.17 5.86 13.74
C ILE C 176 -27.60 7.05 14.54
N VAL C 177 -27.62 8.25 13.97
CA VAL C 177 -27.10 9.41 14.66
C VAL C 177 -27.91 9.66 15.93
N LEU C 178 -29.22 9.60 15.87
CA LEU C 178 -30.00 9.87 17.05
C LEU C 178 -29.73 8.82 18.14
N VAL C 179 -29.74 7.54 17.75
CA VAL C 179 -29.78 6.46 18.72
C VAL C 179 -28.42 5.78 18.82
N GLY C 180 -27.89 5.36 17.69
CA GLY C 180 -26.60 4.72 17.67
C GLY C 180 -25.55 5.60 18.34
N TRP C 181 -25.58 6.90 18.09
CA TRP C 181 -24.51 7.76 18.53
C TRP C 181 -24.76 8.21 19.96
N ALA C 182 -25.91 7.87 20.55
CA ALA C 182 -26.16 8.31 21.92
C ALA C 182 -25.22 7.62 22.91
N ILE C 183 -24.61 6.50 22.54
CA ILE C 183 -23.67 5.91 23.47
C ILE C 183 -22.55 6.89 23.86
N TYR C 184 -22.13 7.80 22.97
CA TYR C 184 -20.98 8.63 23.25
C TYR C 184 -21.25 9.65 24.37
N PRO C 185 -22.25 10.51 24.26
CA PRO C 185 -22.63 11.33 25.40
C PRO C 185 -22.99 10.54 26.66
N LEU C 186 -23.44 9.29 26.50
CA LEU C 186 -23.77 8.48 27.66
C LEU C 186 -22.51 8.05 28.37
N GLY C 187 -21.49 7.65 27.60
CA GLY C 187 -20.21 7.31 28.16
C GLY C 187 -19.60 8.51 28.86
N TYR C 188 -19.79 9.69 28.30
CA TYR C 188 -19.23 10.87 28.92
C TYR C 188 -19.92 11.11 30.26
N ILE C 189 -21.20 10.79 30.36
CA ILE C 189 -21.86 11.11 31.61
C ILE C 189 -21.53 10.05 32.64
N PHE C 190 -21.74 8.79 32.27
CA PHE C 190 -21.70 7.68 33.23
C PHE C 190 -20.28 7.20 33.40
N GLY C 191 -19.54 7.19 32.29
CA GLY C 191 -18.13 6.86 32.34
C GLY C 191 -17.35 7.90 33.11
N TYR C 192 -17.45 9.14 32.67
CA TYR C 192 -16.41 10.13 32.93
C TYR C 192 -16.86 11.08 34.03
N MET C 193 -18.06 11.64 33.93
CA MET C 193 -18.52 12.54 34.95
C MET C 193 -18.95 11.79 36.22
N MET C 194 -19.49 10.58 36.06
CA MET C 194 -20.05 9.85 37.20
C MET C 194 -19.12 8.73 37.67
N GLY C 195 -18.28 8.21 36.78
CA GLY C 195 -17.39 7.12 37.11
C GLY C 195 -18.11 5.78 37.33
N SER C 196 -19.38 5.70 36.91
CA SER C 196 -20.18 4.51 37.13
C SER C 196 -19.84 3.40 36.13
N VAL C 197 -19.05 3.70 35.09
CA VAL C 197 -18.67 2.69 34.12
C VAL C 197 -17.17 2.83 33.93
N ASP C 198 -16.49 1.68 33.92
CA ASP C 198 -15.04 1.65 33.78
C ASP C 198 -14.69 1.88 32.31
N SER C 199 -13.45 2.32 32.06
CA SER C 199 -13.00 2.57 30.70
C SER C 199 -12.98 1.27 29.89
N GLY C 200 -12.78 0.13 30.55
CA GLY C 200 -12.64 -1.11 29.81
C GLY C 200 -13.95 -1.54 29.21
N SER C 201 -15.02 -1.39 30.00
CA SER C 201 -16.38 -1.57 29.51
C SER C 201 -16.69 -0.59 28.41
N LEU C 202 -16.29 0.66 28.60
CA LEU C 202 -16.52 1.67 27.60
C LEU C 202 -15.80 1.30 26.33
N ASN C 203 -14.58 0.82 26.44
CA ASN C 203 -13.82 0.56 25.25
C ASN C 203 -14.46 -0.58 24.48
N ILE C 204 -15.02 -1.58 25.19
CA ILE C 204 -15.64 -2.70 24.49
C ILE C 204 -16.86 -2.16 23.72
N ILE C 205 -17.69 -1.39 24.43
CA ILE C 205 -18.90 -0.86 23.86
C ILE C 205 -18.56 0.01 22.66
N TYR C 206 -17.72 1.00 22.84
CA TYR C 206 -17.32 1.84 21.71
C TYR C 206 -16.78 0.99 20.58
N ASN C 207 -15.97 -0.01 20.86
CA ASN C 207 -15.39 -0.80 19.79
C ASN C 207 -16.48 -1.53 19.02
N LEU C 208 -17.45 -2.09 19.73
CA LEU C 208 -18.45 -2.89 19.06
C LEU C 208 -19.43 -1.98 18.34
N ALA C 209 -19.77 -0.87 18.94
CA ALA C 209 -20.65 0.11 18.32
C ALA C 209 -20.13 0.63 17.00
N ASP C 210 -18.82 0.54 16.70
CA ASP C 210 -18.36 1.01 15.40
C ASP C 210 -18.90 0.17 14.23
N PHE C 211 -19.33 -1.05 14.47
CA PHE C 211 -20.01 -1.78 13.43
C PHE C 211 -21.26 -1.02 13.01
N VAL C 212 -21.99 -0.46 13.94
CA VAL C 212 -23.17 0.29 13.58
C VAL C 212 -22.86 1.73 13.23
N ASN C 213 -22.10 2.39 14.07
CA ASN C 213 -22.03 3.83 14.02
C ASN C 213 -21.12 4.29 12.88
N LYS C 214 -20.36 3.39 12.28
CA LYS C 214 -19.56 3.79 11.15
C LYS C 214 -19.78 2.86 9.98
N ILE C 215 -19.62 1.55 10.18
CA ILE C 215 -19.72 0.66 9.03
C ILE C 215 -21.14 0.64 8.49
N LEU C 216 -22.13 0.36 9.34
CA LEU C 216 -23.49 0.30 8.85
C LEU C 216 -23.90 1.67 8.30
N PHE C 217 -23.39 2.73 8.86
CA PHE C 217 -23.67 4.01 8.25
C PHE C 217 -23.19 4.05 6.79
N GLY C 218 -21.97 3.63 6.57
CA GLY C 218 -21.42 3.58 5.22
C GLY C 218 -22.15 2.63 4.31
N LEU C 219 -22.54 1.47 4.79
CA LEU C 219 -23.26 0.50 3.99
C LEU C 219 -24.65 0.99 3.64
N ILE C 220 -25.31 1.79 4.47
CA ILE C 220 -26.59 2.31 4.05
C ILE C 220 -26.41 3.26 2.89
N ILE C 221 -25.32 4.01 2.88
CA ILE C 221 -25.04 4.99 1.85
C ILE C 221 -24.70 4.27 0.58
N TRP C 222 -23.94 3.18 0.67
CA TRP C 222 -23.61 2.36 -0.50
C TRP C 222 -24.87 1.72 -1.08
N ASN C 223 -25.76 1.29 -0.25
CA ASN C 223 -26.95 0.68 -0.72
C ASN C 223 -27.77 1.63 -1.59
N VAL C 224 -27.82 2.92 -1.24
CA VAL C 224 -28.64 3.84 -2.01
C VAL C 224 -27.81 4.26 -3.21
N ALA C 225 -26.49 4.38 -3.07
CA ALA C 225 -25.68 4.68 -4.24
C ALA C 225 -25.89 3.65 -5.34
N VAL C 226 -26.03 2.41 -4.98
CA VAL C 226 -26.04 1.30 -5.91
C VAL C 226 -27.43 1.13 -6.51
N ARG C 227 -28.46 1.50 -5.76
CA ARG C 227 -29.82 1.45 -6.26
C ARG C 227 -30.07 2.65 -7.18
N GLU C 228 -29.27 3.71 -7.02
CA GLU C 228 -29.40 4.92 -7.81
C GLU C 228 -28.44 4.90 -8.99
N SER C 229 -27.46 4.01 -8.93
CA SER C 229 -26.47 3.89 -9.97
C SER C 229 -27.01 2.97 -11.06
N SER C 230 -28.22 2.42 -10.82
CA SER C 230 -28.85 1.51 -11.74
C SER C 230 -29.58 2.30 -12.84
N MET D 1 11.81 -15.55 14.74
CA MET D 1 12.15 -16.29 13.51
C MET D 1 11.65 -17.73 13.59
N LEU D 2 11.23 -18.23 12.45
CA LEU D 2 10.66 -19.55 12.32
C LEU D 2 11.78 -20.57 12.49
N GLN D 3 11.58 -21.54 13.38
CA GLN D 3 12.64 -22.44 13.83
C GLN D 3 12.58 -23.70 12.99
N ALA D 4 13.58 -24.57 13.19
CA ALA D 4 13.72 -25.81 12.43
C ALA D 4 12.80 -26.87 13.01
N GLY D 5 12.10 -27.56 12.10
CA GLY D 5 11.21 -28.65 12.48
C GLY D 5 9.83 -28.14 12.92
N ASP D 6 9.62 -26.83 12.84
CA ASP D 6 8.35 -26.26 13.23
C ASP D 6 7.38 -26.27 12.03
N PHE D 7 6.64 -27.37 11.88
CA PHE D 7 5.67 -27.44 10.80
C PHE D 7 4.48 -26.53 11.06
N VAL D 8 4.14 -26.29 12.32
CA VAL D 8 3.05 -25.40 12.58
C VAL D 8 3.41 -24.01 12.08
N GLY D 9 4.65 -23.61 12.32
CA GLY D 9 5.06 -22.30 11.92
C GLY D 9 5.22 -22.22 10.41
N VAL D 10 5.58 -23.36 9.80
CA VAL D 10 5.74 -23.36 8.36
C VAL D 10 4.38 -23.17 7.71
N SER D 11 3.37 -23.90 8.22
CA SER D 11 2.00 -23.78 7.79
C SER D 11 1.47 -22.35 7.97
N PHE D 12 1.81 -21.68 9.06
CA PHE D 12 1.40 -20.30 9.19
C PHE D 12 2.04 -19.43 8.11
N TRP D 13 3.27 -19.71 7.74
CA TRP D 13 3.97 -18.90 6.77
C TRP D 13 3.35 -19.14 5.38
N LEU D 14 3.10 -20.40 5.08
CA LEU D 14 2.56 -20.72 3.80
C LEU D 14 1.23 -20.02 3.59
N VAL D 15 0.32 -20.21 4.53
CA VAL D 15 -1.00 -19.69 4.42
C VAL D 15 -0.94 -18.18 4.48
N SER D 16 -0.05 -17.60 5.24
CA SER D 16 -0.08 -16.15 5.30
C SER D 16 0.25 -15.56 3.92
N VAL D 17 1.17 -16.18 3.17
N VAL D 17 1.17 -16.18 3.17
CA VAL D 17 1.59 -15.59 1.91
CA VAL D 17 1.58 -15.58 1.92
C VAL D 17 0.57 -15.96 0.84
C VAL D 17 0.57 -15.97 0.83
N ALA D 18 0.04 -17.17 0.88
CA ALA D 18 -1.02 -17.54 -0.04
C ALA D 18 -2.15 -16.52 0.01
N MET D 19 -2.56 -16.12 1.21
CA MET D 19 -3.67 -15.24 1.40
C MET D 19 -3.37 -13.84 0.90
N VAL D 20 -2.11 -13.41 0.97
CA VAL D 20 -1.81 -12.12 0.36
C VAL D 20 -1.94 -12.24 -1.16
N ALA D 21 -1.48 -13.37 -1.69
CA ALA D 21 -1.52 -13.56 -3.11
C ALA D 21 -2.97 -13.55 -3.57
N ALA D 22 -3.81 -14.36 -2.91
CA ALA D 22 -5.24 -14.43 -3.20
C ALA D 22 -5.94 -13.08 -3.18
N THR D 23 -5.62 -12.25 -2.21
CA THR D 23 -6.25 -10.94 -2.09
C THR D 23 -5.98 -10.16 -3.34
N VAL D 24 -4.73 -10.09 -3.72
CA VAL D 24 -4.36 -9.26 -4.83
C VAL D 24 -5.02 -9.83 -6.09
N PHE D 25 -5.04 -11.15 -6.20
CA PHE D 25 -5.64 -11.74 -7.36
C PHE D 25 -7.10 -11.32 -7.47
N PHE D 26 -7.88 -11.41 -6.40
CA PHE D 26 -9.30 -11.15 -6.50
C PHE D 26 -9.50 -9.68 -6.82
N PHE D 27 -8.76 -8.80 -6.16
CA PHE D 27 -8.97 -7.39 -6.40
C PHE D 27 -8.58 -7.02 -7.82
N TYR D 28 -7.47 -7.54 -8.30
CA TYR D 28 -6.99 -7.14 -9.61
C TYR D 28 -7.84 -7.75 -10.70
N GLU D 29 -8.26 -8.99 -10.55
CA GLU D 29 -9.12 -9.58 -11.55
C GLU D 29 -10.52 -9.00 -11.47
N GLY D 30 -10.94 -8.57 -10.28
CA GLY D 30 -12.29 -8.10 -10.12
C GLY D 30 -12.51 -6.85 -10.95
N MET D 31 -11.41 -6.17 -11.28
CA MET D 31 -11.46 -5.04 -12.18
C MET D 31 -11.77 -5.42 -13.63
N SER D 32 -11.84 -6.68 -13.97
CA SER D 32 -11.99 -7.08 -15.35
C SER D 32 -13.08 -8.11 -15.55
N VAL D 33 -14.02 -8.27 -14.61
CA VAL D 33 -15.22 -9.08 -14.83
C VAL D 33 -16.37 -8.14 -15.17
N LYS D 34 -17.45 -8.67 -15.70
CA LYS D 34 -18.59 -7.82 -15.94
C LYS D 34 -19.00 -7.14 -14.64
N LYS D 35 -19.57 -5.95 -14.73
CA LYS D 35 -20.01 -5.22 -13.56
C LYS D 35 -20.90 -6.09 -12.66
N GLU D 36 -21.81 -6.88 -13.20
CA GLU D 36 -22.64 -7.74 -12.37
C GLU D 36 -21.83 -8.56 -11.37
N TRP D 37 -20.58 -8.90 -11.72
CA TRP D 37 -19.79 -9.85 -10.98
C TRP D 37 -18.80 -9.14 -10.09
N LYS D 38 -18.75 -7.82 -10.13
CA LYS D 38 -17.67 -7.12 -9.44
C LYS D 38 -17.82 -7.29 -7.92
N LEU D 39 -19.03 -7.19 -7.38
CA LEU D 39 -19.22 -7.35 -5.96
C LEU D 39 -18.75 -8.72 -5.46
N SER D 40 -19.09 -9.82 -6.14
CA SER D 40 -18.56 -11.13 -5.82
C SER D 40 -17.05 -11.12 -5.55
N MET D 41 -16.33 -10.58 -6.51
CA MET D 41 -14.90 -10.56 -6.49
C MET D 41 -14.44 -9.73 -5.33
N THR D 42 -15.19 -8.67 -5.02
CA THR D 42 -14.86 -7.82 -3.90
C THR D 42 -14.97 -8.61 -2.61
N ILE D 43 -16.08 -9.33 -2.43
CA ILE D 43 -16.23 -10.07 -1.21
C ILE D 43 -15.10 -11.08 -1.07
N ALA D 44 -14.71 -11.77 -2.14
CA ALA D 44 -13.65 -12.75 -2.07
C ALA D 44 -12.33 -12.11 -1.66
N GLY D 45 -12.03 -10.97 -2.24
CA GLY D 45 -10.84 -10.30 -1.85
C GLY D 45 -10.88 -9.90 -0.38
N LEU D 46 -12.05 -9.47 0.11
CA LEU D 46 -12.13 -9.05 1.49
C LEU D 46 -11.86 -10.24 2.40
N VAL D 47 -12.49 -11.34 2.11
CA VAL D 47 -12.26 -12.53 2.89
C VAL D 47 -10.78 -12.82 2.97
N THR D 48 -10.11 -12.88 1.81
CA THR D 48 -8.72 -13.27 1.87
C THR D 48 -7.88 -12.19 2.54
N LEU D 49 -8.29 -10.92 2.45
CA LEU D 49 -7.57 -9.84 3.07
C LEU D 49 -7.62 -9.88 4.59
N VAL D 50 -8.80 -10.11 5.15
CA VAL D 50 -8.92 -10.22 6.58
C VAL D 50 -8.07 -11.39 7.01
N ALA D 51 -8.25 -12.54 6.40
CA ALA D 51 -7.44 -13.68 6.77
C ALA D 51 -5.94 -13.32 6.71
N ALA D 52 -5.49 -12.67 5.66
CA ALA D 52 -4.08 -12.38 5.58
C ALA D 52 -3.62 -11.51 6.75
N ILE D 53 -4.35 -10.47 7.05
CA ILE D 53 -3.99 -9.62 8.14
C ILE D 53 -3.94 -10.39 9.45
N HIS D 54 -4.90 -11.22 9.68
CA HIS D 54 -4.91 -11.97 10.90
C HIS D 54 -3.79 -13.00 10.93
N TYR D 55 -3.48 -13.65 9.82
CA TYR D 55 -2.44 -14.67 9.83
C TYR D 55 -1.09 -14.00 10.03
N TYR D 56 -0.90 -12.80 9.53
CA TYR D 56 0.31 -12.09 9.86
C TYR D 56 0.39 -11.93 11.37
N TYR D 57 -0.71 -11.59 12.04
CA TYR D 57 -0.62 -11.41 13.47
C TYR D 57 -0.39 -12.76 14.12
N MET D 58 -1.22 -13.72 13.78
CA MET D 58 -1.17 -14.98 14.44
C MET D 58 0.15 -15.68 14.30
N ARG D 59 0.87 -15.46 13.19
CA ARG D 59 2.10 -16.22 12.97
C ARG D 59 3.15 -15.67 13.92
N ASP D 60 3.16 -14.35 14.08
CA ASP D 60 3.99 -13.68 15.06
C ASP D 60 3.75 -14.28 16.45
N TYR D 61 2.49 -14.41 16.85
CA TYR D 61 2.18 -14.94 18.14
C TYR D 61 2.81 -16.33 18.27
N TRP D 62 2.70 -17.15 17.25
CA TRP D 62 3.10 -18.53 17.39
C TRP D 62 4.60 -18.61 17.61
N VAL D 63 5.28 -17.75 16.90
CA VAL D 63 6.70 -17.87 16.84
C VAL D 63 7.20 -17.44 18.22
N ALA D 64 6.70 -16.32 18.72
CA ALA D 64 6.93 -15.93 20.11
C ALA D 64 6.70 -17.11 21.06
N SER D 65 5.53 -17.71 20.98
CA SER D 65 5.21 -18.79 21.86
C SER D 65 6.26 -19.89 21.82
N VAL D 66 6.94 -20.07 20.69
CA VAL D 66 7.81 -21.23 20.52
C VAL D 66 9.16 -20.90 21.14
N LEU D 67 9.51 -19.60 21.15
CA LEU D 67 10.72 -19.11 21.79
C LEU D 67 10.55 -19.17 23.31
N ALA D 68 9.34 -18.87 23.79
CA ALA D 68 9.04 -18.94 25.21
C ALA D 68 8.78 -20.37 25.68
N GLY D 69 9.00 -21.36 24.80
CA GLY D 69 9.19 -22.73 25.23
C GLY D 69 7.89 -23.52 25.36
N SER D 70 6.75 -22.82 25.32
CA SER D 70 5.45 -23.47 25.28
C SER D 70 4.71 -23.03 24.02
N PRO D 71 4.73 -23.85 22.94
CA PRO D 71 4.08 -23.49 21.68
C PRO D 71 2.57 -23.65 21.75
N ASP D 72 1.86 -22.53 21.67
CA ASP D 72 0.41 -22.58 21.58
C ASP D 72 -0.09 -21.39 20.76
N SER D 73 -1.09 -21.65 19.93
CA SER D 73 -1.86 -20.59 19.29
C SER D 73 -3.30 -20.97 19.46
N PRO D 74 -4.01 -20.38 20.43
CA PRO D 74 -5.34 -20.89 20.77
C PRO D 74 -6.34 -20.64 19.65
N ILE D 75 -7.24 -21.60 19.50
CA ILE D 75 -8.25 -21.54 18.47
C ILE D 75 -9.08 -20.29 18.67
N VAL D 76 -9.25 -19.88 19.92
CA VAL D 76 -10.10 -18.75 20.17
C VAL D 76 -9.68 -17.54 19.34
N TYR D 77 -8.40 -17.34 19.05
CA TYR D 77 -8.08 -16.14 18.32
C TYR D 77 -8.46 -16.23 16.84
N ARG D 78 -8.75 -17.44 16.35
CA ARG D 78 -9.28 -17.66 15.01
C ARG D 78 -10.57 -16.88 14.81
N TYR D 79 -11.38 -16.78 15.84
CA TYR D 79 -12.69 -16.15 15.71
C TYR D 79 -12.55 -14.69 15.35
N ILE D 80 -11.44 -14.07 15.66
CA ILE D 80 -11.30 -12.70 15.21
C ILE D 80 -11.43 -12.63 13.70
N ASP D 81 -10.94 -13.64 12.94
CA ASP D 81 -11.11 -13.64 11.50
C ASP D 81 -12.48 -14.24 11.15
N TRP D 82 -12.84 -15.34 11.76
CA TRP D 82 -14.08 -15.99 11.38
C TRP D 82 -15.30 -15.09 11.52
N LEU D 83 -15.34 -14.28 12.57
CA LEU D 83 -16.49 -13.44 12.78
C LEU D 83 -16.71 -12.54 11.59
N ILE D 84 -15.67 -12.22 10.84
CA ILE D 84 -15.86 -11.38 9.68
C ILE D 84 -15.90 -12.22 8.40
N THR D 85 -14.95 -13.13 8.22
CA THR D 85 -14.82 -13.81 6.94
C THR D 85 -15.98 -14.79 6.77
N VAL D 86 -16.44 -15.48 7.82
CA VAL D 86 -17.44 -16.49 7.57
C VAL D 86 -18.76 -15.88 7.10
N PRO D 87 -19.31 -14.82 7.71
CA PRO D 87 -20.48 -14.13 7.14
C PRO D 87 -20.27 -13.65 5.70
N LEU D 88 -19.11 -13.07 5.38
CA LEU D 88 -18.80 -12.69 4.03
C LEU D 88 -18.89 -13.86 3.06
N LEU D 89 -18.23 -14.95 3.35
CA LEU D 89 -18.29 -16.10 2.47
C LEU D 89 -19.70 -16.56 2.31
N MET D 90 -20.49 -16.60 3.37
CA MET D 90 -21.82 -17.13 3.21
C MET D 90 -22.68 -16.20 2.38
N ILE D 91 -22.52 -14.86 2.47
CA ILE D 91 -23.39 -14.02 1.68
C ILE D 91 -23.06 -14.15 0.20
N GLU D 92 -21.90 -14.71 -0.14
CA GLU D 92 -21.60 -14.96 -1.54
C GLU D 92 -22.67 -15.87 -2.13
N PHE D 93 -23.39 -16.63 -1.35
CA PHE D 93 -24.41 -17.50 -1.95
C PHE D 93 -25.52 -16.63 -2.49
N PHE D 94 -25.76 -15.51 -1.83
CA PHE D 94 -26.83 -14.63 -2.28
C PHE D 94 -26.34 -13.81 -3.45
N ILE D 95 -25.12 -13.30 -3.30
CA ILE D 95 -24.56 -12.37 -4.25
C ILE D 95 -24.45 -12.98 -5.62
N ILE D 96 -23.91 -14.19 -5.76
CA ILE D 96 -23.77 -14.75 -7.09
C ILE D 96 -25.15 -15.10 -7.69
N LEU D 97 -26.18 -15.29 -6.86
CA LEU D 97 -27.51 -15.55 -7.42
C LEU D 97 -28.02 -14.27 -8.04
N LYS D 98 -27.81 -13.16 -7.35
CA LYS D 98 -28.11 -11.84 -7.88
C LYS D 98 -27.33 -11.58 -9.14
N ALA D 99 -26.04 -11.89 -9.16
CA ALA D 99 -25.24 -11.63 -10.34
C ALA D 99 -25.81 -12.36 -11.57
N VAL D 100 -26.31 -13.59 -11.46
CA VAL D 100 -26.86 -14.28 -12.63
C VAL D 100 -28.30 -13.84 -12.86
N GLY D 101 -28.78 -12.90 -12.06
CA GLY D 101 -30.14 -12.42 -12.23
C GLY D 101 -31.15 -13.49 -11.84
N ALA D 102 -30.85 -14.25 -10.80
CA ALA D 102 -31.83 -15.13 -10.21
C ALA D 102 -32.80 -14.29 -9.41
N SER D 103 -34.05 -14.76 -9.28
CA SER D 103 -35.00 -14.11 -8.39
C SER D 103 -34.83 -14.73 -7.01
N ILE D 104 -34.56 -13.87 -6.02
CA ILE D 104 -34.26 -14.35 -4.69
C ILE D 104 -34.54 -13.23 -3.70
N SER D 105 -35.37 -13.53 -2.70
CA SER D 105 -35.73 -12.59 -1.66
C SER D 105 -34.48 -12.10 -0.93
N THR D 106 -34.56 -10.92 -0.33
CA THR D 106 -33.49 -10.49 0.56
C THR D 106 -33.59 -11.27 1.87
N ASN D 107 -34.69 -11.99 2.06
CA ASN D 107 -34.83 -12.75 3.28
C ASN D 107 -33.77 -13.83 3.29
N SER D 108 -33.49 -14.39 2.13
CA SER D 108 -32.38 -15.31 2.03
C SER D 108 -31.07 -14.65 2.51
N PHE D 109 -30.80 -13.41 2.12
CA PHE D 109 -29.60 -12.76 2.60
C PHE D 109 -29.54 -12.69 4.13
N TRP D 110 -30.63 -12.31 4.80
CA TRP D 110 -30.61 -12.17 6.25
C TRP D 110 -30.52 -13.56 6.92
N ARG D 111 -31.29 -14.53 6.45
CA ARG D 111 -31.14 -15.89 6.91
C ARG D 111 -29.68 -16.33 6.82
N LEU D 112 -29.00 -15.98 5.73
CA LEU D 112 -27.64 -16.43 5.64
C LEU D 112 -26.81 -15.72 6.69
N LEU D 113 -27.03 -14.43 6.84
CA LEU D 113 -26.19 -13.62 7.71
C LEU D 113 -26.45 -13.93 9.18
N VAL D 114 -27.70 -14.11 9.57
CA VAL D 114 -28.00 -14.43 10.95
C VAL D 114 -27.53 -15.86 11.29
N GLY D 115 -27.92 -16.82 10.49
CA GLY D 115 -27.50 -18.18 10.75
C GLY D 115 -25.98 -18.27 10.90
N THR D 116 -25.25 -17.47 10.14
CA THR D 116 -23.80 -17.54 10.22
C THR D 116 -23.35 -16.98 11.56
N LEU D 117 -23.93 -15.85 11.98
CA LEU D 117 -23.50 -15.23 13.24
C LEU D 117 -23.98 -16.04 14.42
N VAL D 118 -25.20 -16.57 14.40
CA VAL D 118 -25.58 -17.47 15.46
C VAL D 118 -24.54 -18.58 15.59
N MET D 119 -24.17 -19.20 14.46
CA MET D 119 -23.21 -20.30 14.45
C MET D 119 -21.89 -19.90 15.12
N LEU D 120 -21.39 -18.70 14.83
CA LEU D 120 -20.07 -18.31 15.27
C LEU D 120 -20.09 -17.78 16.70
N ILE D 121 -21.06 -16.96 17.03
CA ILE D 121 -21.19 -16.42 18.36
C ILE D 121 -21.37 -17.56 19.36
N GLY D 122 -22.13 -18.57 18.97
CA GLY D 122 -22.24 -19.75 19.81
C GLY D 122 -20.90 -20.40 20.09
N GLY D 123 -20.10 -20.58 19.06
CA GLY D 123 -18.81 -21.24 19.25
C GLY D 123 -17.87 -20.32 20.01
N PHE D 124 -17.82 -19.05 19.63
CA PHE D 124 -16.93 -18.12 20.31
C PHE D 124 -17.25 -18.07 21.80
N ALA D 125 -18.52 -17.95 22.15
CA ALA D 125 -18.91 -17.92 23.54
C ALA D 125 -18.47 -19.18 24.25
N GLY D 126 -18.51 -20.32 23.55
CA GLY D 126 -18.14 -21.59 24.17
C GLY D 126 -16.63 -21.67 24.38
N GLU D 127 -15.87 -21.33 23.34
CA GLU D 127 -14.43 -21.34 23.39
C GLU D 127 -13.87 -20.30 24.36
N ALA D 128 -14.46 -19.12 24.39
CA ALA D 128 -14.00 -18.05 25.27
C ALA D 128 -14.52 -18.29 26.69
N MET D 129 -15.13 -19.44 26.90
CA MET D 129 -15.59 -19.90 28.20
C MET D 129 -16.63 -18.97 28.81
N LEU D 130 -17.33 -18.20 27.98
CA LEU D 130 -18.40 -17.34 28.46
C LEU D 130 -19.63 -18.17 28.81
N ILE D 131 -19.79 -19.30 28.13
CA ILE D 131 -20.87 -20.25 28.39
C ILE D 131 -20.26 -21.64 28.30
N SER D 132 -21.03 -22.67 28.64
CA SER D 132 -20.52 -24.03 28.55
C SER D 132 -20.17 -24.35 27.11
N ALA D 133 -19.16 -25.21 26.92
CA ALA D 133 -18.74 -25.61 25.60
C ALA D 133 -19.87 -26.35 24.90
N SER D 134 -20.59 -27.16 25.67
CA SER D 134 -21.77 -27.86 25.20
C SER D 134 -22.81 -26.88 24.67
N LEU D 135 -23.10 -25.84 25.46
CA LEU D 135 -24.13 -24.91 25.05
C LEU D 135 -23.64 -24.15 23.82
N GLY D 136 -22.35 -23.88 23.74
CA GLY D 136 -21.85 -23.16 22.59
C GLY D 136 -21.91 -24.02 21.34
N PHE D 137 -21.76 -25.33 21.52
CA PHE D 137 -21.83 -26.23 20.40
C PHE D 137 -23.25 -26.29 19.87
N ILE D 138 -24.21 -26.29 20.79
CA ILE D 138 -25.59 -26.48 20.42
C ILE D 138 -26.04 -25.24 19.66
N ILE D 139 -25.73 -24.07 20.22
CA ILE D 139 -26.15 -22.81 19.63
C ILE D 139 -25.50 -22.70 18.26
N GLY D 140 -24.25 -23.11 18.15
CA GLY D 140 -23.57 -23.05 16.88
C GLY D 140 -24.14 -24.05 15.89
N MET D 141 -24.59 -25.21 16.36
CA MET D 141 -25.18 -26.16 15.44
C MET D 141 -26.52 -25.64 14.92
N VAL D 142 -27.18 -24.82 15.72
CA VAL D 142 -28.41 -24.25 15.24
C VAL D 142 -28.12 -23.34 14.05
N GLY D 143 -27.08 -22.49 14.19
CA GLY D 143 -26.66 -21.61 13.12
C GLY D 143 -26.32 -22.42 11.88
N TRP D 144 -25.50 -23.44 12.06
CA TRP D 144 -25.16 -24.34 10.98
C TRP D 144 -26.43 -24.88 10.29
N ALA D 145 -27.36 -25.40 11.06
CA ALA D 145 -28.53 -26.00 10.47
C ALA D 145 -29.27 -25.02 9.56
N ILE D 146 -29.38 -23.78 10.00
CA ILE D 146 -29.99 -22.74 9.19
C ILE D 146 -29.23 -22.56 7.88
N ILE D 147 -27.91 -22.33 7.92
CA ILE D 147 -27.25 -22.03 6.67
C ILE D 147 -27.29 -23.25 5.77
N ILE D 148 -27.11 -24.44 6.32
CA ILE D 148 -27.12 -25.63 5.49
C ILE D 148 -28.46 -25.78 4.78
N TRP D 149 -29.54 -25.47 5.47
CA TRP D 149 -30.85 -25.61 4.89
C TRP D 149 -31.04 -24.60 3.76
N GLU D 150 -30.60 -23.36 3.96
CA GLU D 150 -30.74 -22.32 2.94
C GLU D 150 -30.14 -22.74 1.60
N ILE D 151 -28.96 -23.35 1.63
CA ILE D 151 -28.21 -23.65 0.42
C ILE D 151 -28.43 -25.08 -0.01
N PHE D 152 -29.14 -25.91 0.75
CA PHE D 152 -29.36 -27.28 0.28
C PHE D 152 -30.84 -27.56 0.04
N GLY D 153 -31.75 -26.83 0.71
CA GLY D 153 -33.18 -27.04 0.49
C GLY D 153 -34.02 -25.77 0.58
N GLY D 154 -33.40 -24.63 0.87
CA GLY D 154 -34.09 -23.36 1.04
C GLY D 154 -34.18 -22.58 -0.26
N GLU D 155 -34.50 -21.29 -0.13
CA GLU D 155 -34.70 -20.44 -1.28
C GLU D 155 -33.45 -20.46 -2.17
N ALA D 156 -32.27 -20.20 -1.59
CA ALA D 156 -31.08 -20.07 -2.40
C ALA D 156 -30.82 -21.33 -3.24
N SER D 157 -31.01 -22.49 -2.63
CA SER D 157 -30.92 -23.77 -3.30
C SER D 157 -31.84 -23.81 -4.53
N LYS D 158 -33.08 -23.36 -4.36
CA LYS D 158 -34.07 -23.49 -5.41
C LYS D 158 -33.76 -22.48 -6.52
N ALA D 159 -33.37 -21.25 -6.15
CA ALA D 159 -32.98 -20.25 -7.13
C ALA D 159 -31.86 -20.78 -8.00
N ALA D 160 -30.91 -21.46 -7.37
CA ALA D 160 -29.71 -21.89 -8.05
C ALA D 160 -30.09 -22.99 -9.03
N ASP D 161 -31.05 -23.85 -8.66
CA ASP D 161 -31.45 -24.93 -9.53
C ASP D 161 -32.14 -24.37 -10.78
N ALA D 162 -32.88 -23.26 -10.60
CA ALA D 162 -33.56 -22.60 -11.70
C ALA D 162 -32.57 -21.99 -12.69
N ASN D 163 -31.48 -21.38 -12.19
CA ASN D 163 -30.46 -20.83 -13.06
C ASN D 163 -29.49 -21.95 -13.43
N ALA D 164 -28.80 -21.80 -14.56
CA ALA D 164 -27.99 -22.88 -15.08
C ALA D 164 -26.53 -22.46 -15.12
N GLY D 165 -26.31 -21.15 -15.23
CA GLY D 165 -24.98 -20.59 -15.22
C GLY D 165 -24.29 -20.76 -13.88
N VAL D 166 -25.04 -20.52 -12.82
CA VAL D 166 -24.51 -20.57 -11.47
C VAL D 166 -24.72 -21.96 -10.87
N LYS D 167 -25.64 -22.76 -11.43
CA LYS D 167 -26.01 -24.01 -10.78
C LYS D 167 -24.79 -24.80 -10.26
N SER D 168 -23.83 -25.04 -11.13
CA SER D 168 -22.69 -25.89 -10.88
C SER D 168 -21.71 -25.25 -9.88
N ALA D 169 -21.49 -23.94 -9.96
CA ALA D 169 -20.68 -23.27 -8.95
C ALA D 169 -21.38 -23.36 -7.61
N PHE D 170 -22.68 -23.11 -7.61
CA PHE D 170 -23.42 -23.17 -6.36
C PHE D 170 -23.24 -24.56 -5.78
N ASN D 171 -23.34 -25.58 -6.61
CA ASN D 171 -23.12 -26.91 -6.11
C ASN D 171 -21.69 -27.06 -5.55
N ALA D 172 -20.67 -26.54 -6.22
CA ALA D 172 -19.33 -26.69 -5.68
C ALA D 172 -19.21 -26.00 -4.34
N LEU D 173 -19.65 -24.74 -4.28
CA LEU D 173 -19.49 -23.98 -3.05
C LEU D 173 -20.27 -24.63 -1.93
N ARG D 174 -21.48 -25.12 -2.18
CA ARG D 174 -22.21 -25.69 -1.07
C ARG D 174 -21.55 -26.96 -0.55
N LEU D 175 -20.81 -27.68 -1.39
CA LEU D 175 -20.07 -28.83 -0.93
C LEU D 175 -18.88 -28.43 -0.07
N ILE D 176 -18.14 -27.40 -0.47
CA ILE D 176 -17.10 -26.91 0.39
C ILE D 176 -17.68 -26.59 1.78
N VAL D 177 -18.80 -25.87 1.83
CA VAL D 177 -19.40 -25.52 3.09
C VAL D 177 -19.83 -26.79 3.82
N LEU D 178 -20.46 -27.74 3.16
CA LEU D 178 -20.89 -28.93 3.84
C LEU D 178 -19.70 -29.73 4.37
N VAL D 179 -18.68 -29.92 3.53
CA VAL D 179 -17.63 -30.88 3.82
C VAL D 179 -16.36 -30.18 4.24
N GLY D 180 -15.91 -29.24 3.41
CA GLY D 180 -14.71 -28.48 3.72
C GLY D 180 -14.81 -27.84 5.08
N TRP D 181 -15.98 -27.30 5.42
CA TRP D 181 -16.08 -26.49 6.62
C TRP D 181 -16.36 -27.39 7.81
N ALA D 182 -16.56 -28.69 7.61
CA ALA D 182 -16.85 -29.55 8.75
C ALA D 182 -15.63 -29.69 9.67
N ILE D 183 -14.42 -29.37 9.18
CA ILE D 183 -13.30 -29.44 10.10
C ILE D 183 -13.50 -28.54 11.33
N TYR D 184 -14.20 -27.40 11.20
CA TYR D 184 -14.28 -26.46 12.29
C TYR D 184 -15.11 -26.99 13.47
N PRO D 185 -16.37 -27.37 13.29
CA PRO D 185 -17.08 -28.07 14.34
C PRO D 185 -16.38 -29.34 14.85
N LEU D 186 -15.58 -29.99 14.00
CA LEU D 186 -14.89 -31.19 14.41
C LEU D 186 -13.77 -30.83 15.38
N GLY D 187 -13.04 -29.76 15.06
CA GLY D 187 -12.00 -29.28 15.94
C GLY D 187 -12.60 -28.86 17.26
N TYR D 188 -13.78 -28.26 17.24
CA TYR D 188 -14.39 -27.83 18.48
C TYR D 188 -14.74 -29.07 19.31
N ILE D 189 -15.10 -30.17 18.68
CA ILE D 189 -15.52 -31.29 19.49
C ILE D 189 -14.29 -32.02 20.00
N PHE D 190 -13.39 -32.37 19.09
CA PHE D 190 -12.29 -33.27 19.40
C PHE D 190 -11.12 -32.49 19.96
N GLY D 191 -10.90 -31.30 19.43
CA GLY D 191 -9.89 -30.41 19.96
C GLY D 191 -10.25 -29.95 21.37
N TYR D 192 -11.42 -29.34 21.50
CA TYR D 192 -11.69 -28.43 22.59
C TYR D 192 -12.53 -29.11 23.66
N MET D 193 -13.63 -29.74 23.25
CA MET D 193 -14.45 -30.33 24.27
C MET D 193 -13.91 -31.70 24.69
N MET D 194 -13.18 -32.40 23.84
CA MET D 194 -12.66 -33.72 24.16
C MET D 194 -11.17 -33.70 24.49
N GLY D 195 -10.43 -32.73 23.95
CA GLY D 195 -9.00 -32.66 24.17
C GLY D 195 -8.23 -33.76 23.44
N SER D 196 -8.86 -34.45 22.50
CA SER D 196 -8.23 -35.55 21.77
C SER D 196 -7.25 -35.06 20.71
N VAL D 197 -7.27 -33.76 20.39
CA VAL D 197 -6.37 -33.23 19.38
C VAL D 197 -5.75 -31.96 19.97
N ASP D 198 -4.43 -31.84 19.81
CA ASP D 198 -3.70 -30.70 20.34
C ASP D 198 -3.95 -29.49 19.44
N SER D 199 -3.72 -28.29 19.99
CA SER D 199 -3.92 -27.07 19.23
C SER D 199 -2.93 -26.99 18.06
N GLY D 200 -1.77 -27.61 18.19
CA GLY D 200 -0.76 -27.47 17.16
C GLY D 200 -1.16 -28.22 15.90
N SER D 201 -1.70 -29.41 16.10
CA SER D 201 -2.32 -30.18 15.04
C SER D 201 -3.48 -29.42 14.43
N LEU D 202 -4.30 -28.83 15.28
CA LEU D 202 -5.43 -28.08 14.82
C LEU D 202 -4.95 -26.90 14.00
N ASN D 203 -3.91 -26.24 14.44
CA ASN D 203 -3.50 -25.05 13.74
C ASN D 203 -2.96 -25.44 12.36
N ILE D 204 -2.30 -26.59 12.25
CA ILE D 204 -1.78 -26.99 10.94
C ILE D 204 -2.98 -27.25 10.01
N ILE D 205 -3.93 -28.03 10.51
CA ILE D 205 -5.10 -28.39 9.75
C ILE D 205 -5.84 -27.14 9.32
N TYR D 206 -6.23 -26.32 10.26
CA TYR D 206 -6.91 -25.08 9.90
C TYR D 206 -6.10 -24.28 8.90
N ASN D 207 -4.79 -24.18 9.08
CA ASN D 207 -4.01 -23.37 8.17
C ASN D 207 -4.06 -23.94 6.76
N LEU D 208 -3.96 -25.25 6.64
CA LEU D 208 -3.90 -25.85 5.33
C LEU D 208 -5.28 -25.83 4.69
N ALA D 209 -6.30 -26.09 5.47
CA ALA D 209 -7.67 -26.05 4.99
C ALA D 209 -8.06 -24.69 4.41
N ASP D 210 -7.36 -23.59 4.74
CA ASP D 210 -7.73 -22.32 4.13
C ASP D 210 -7.49 -22.29 2.62
N PHE D 211 -6.64 -23.15 2.09
CA PHE D 211 -6.53 -23.26 0.65
C PHE D 211 -7.87 -23.67 0.06
N VAL D 212 -8.56 -24.59 0.71
CA VAL D 212 -9.86 -24.99 0.20
C VAL D 212 -10.98 -24.07 0.67
N ASN D 213 -11.02 -23.81 1.95
CA ASN D 213 -12.22 -23.26 2.55
C ASN D 213 -12.31 -21.76 2.27
N LYS D 214 -11.26 -21.13 1.77
CA LYS D 214 -11.37 -19.74 1.42
C LYS D 214 -10.88 -19.50 0.01
N ILE D 215 -9.67 -19.94 -0.33
CA ILE D 215 -9.15 -19.62 -1.64
C ILE D 215 -9.92 -20.34 -2.72
N LEU D 216 -10.05 -21.66 -2.62
CA LEU D 216 -10.78 -22.38 -3.65
C LEU D 216 -12.23 -21.90 -3.69
N PHE D 217 -12.79 -21.52 -2.58
CA PHE D 217 -14.11 -20.93 -2.64
C PHE D 217 -14.13 -19.71 -3.56
N GLY D 218 -13.18 -18.82 -3.35
CA GLY D 218 -13.08 -17.62 -4.17
C GLY D 218 -12.79 -17.93 -5.62
N LEU D 219 -11.92 -18.87 -5.91
CA LEU D 219 -11.60 -19.23 -7.28
C LEU D 219 -12.78 -19.88 -7.98
N ILE D 220 -13.65 -20.60 -7.29
CA ILE D 220 -14.81 -21.11 -7.98
C ILE D 220 -15.71 -19.98 -8.42
N ILE D 221 -15.79 -18.94 -7.61
CA ILE D 221 -16.65 -17.79 -7.87
C ILE D 221 -16.07 -17.01 -9.03
N TRP D 222 -14.73 -16.86 -9.07
CA TRP D 222 -14.06 -16.20 -10.17
C TRP D 222 -14.25 -16.97 -11.48
N ASN D 223 -14.20 -18.25 -11.41
CA ASN D 223 -14.37 -19.03 -12.58
C ASN D 223 -15.74 -18.82 -13.23
N VAL D 224 -16.79 -18.65 -12.44
CA VAL D 224 -18.11 -18.48 -13.02
C VAL D 224 -18.23 -17.02 -13.42
N ALA D 225 -17.65 -16.10 -12.66
CA ALA D 225 -17.69 -14.71 -13.08
C ALA D 225 -17.08 -14.54 -14.47
N VAL D 226 -16.04 -15.26 -14.77
CA VAL D 226 -15.27 -15.08 -15.98
C VAL D 226 -15.93 -15.79 -17.16
N ARG D 227 -16.65 -16.87 -16.89
CA ARG D 227 -17.38 -17.57 -17.92
C ARG D 227 -18.66 -16.80 -18.25
N GLU D 228 -19.13 -15.97 -17.31
CA GLU D 228 -20.35 -15.21 -17.46
C GLU D 228 -20.03 -13.80 -17.94
N SER D 229 -18.77 -13.40 -17.83
CA SER D 229 -18.35 -12.07 -18.23
C SER D 229 -18.02 -12.11 -19.72
N SER D 230 -18.13 -13.31 -20.32
CA SER D 230 -17.79 -13.50 -21.73
C SER D 230 -18.95 -13.05 -22.63
N MET E 1 21.55 -5.28 10.46
CA MET E 1 22.14 -4.54 9.31
C MET E 1 23.11 -5.43 8.54
N LEU E 2 23.11 -5.23 7.23
CA LEU E 2 23.94 -5.97 6.32
C LEU E 2 25.37 -5.50 6.50
N GLN E 3 26.31 -6.44 6.64
CA GLN E 3 27.74 -6.14 6.64
C GLN E 3 28.26 -6.13 5.21
N ALA E 4 29.42 -5.51 4.99
CA ALA E 4 29.85 -5.13 3.64
C ALA E 4 30.52 -6.30 2.92
N GLY E 5 31.15 -7.22 3.68
CA GLY E 5 31.82 -8.37 3.10
C GLY E 5 30.84 -9.53 2.82
N ASP E 6 29.59 -9.33 3.21
CA ASP E 6 28.58 -10.37 3.17
C ASP E 6 27.91 -10.37 1.78
N PHE E 7 28.45 -11.18 0.87
CA PHE E 7 27.85 -11.28 -0.45
C PHE E 7 26.51 -12.00 -0.40
N VAL E 8 26.33 -12.92 0.52
CA VAL E 8 25.06 -13.60 0.59
C VAL E 8 23.98 -12.57 0.95
N GLY E 9 24.31 -11.68 1.87
CA GLY E 9 23.33 -10.72 2.30
C GLY E 9 23.12 -9.67 1.22
N VAL E 10 24.16 -9.41 0.43
CA VAL E 10 24.03 -8.43 -0.63
C VAL E 10 23.07 -8.97 -1.68
N SER E 11 23.26 -10.25 -2.04
CA SER E 11 22.40 -10.97 -2.96
C SER E 11 20.95 -10.99 -2.47
N PHE E 12 20.71 -11.18 -1.17
CA PHE E 12 19.36 -11.11 -0.68
C PHE E 12 18.78 -9.71 -0.87
N TRP E 13 19.59 -8.67 -0.72
CA TRP E 13 19.10 -7.31 -0.82
C TRP E 13 18.77 -7.01 -2.29
N LEU E 14 19.67 -7.44 -3.17
CA LEU E 14 19.46 -7.16 -4.56
C LEU E 14 18.16 -7.79 -5.03
N VAL E 15 18.01 -9.08 -4.78
CA VAL E 15 16.88 -9.80 -5.27
C VAL E 15 15.64 -9.30 -4.55
N SER E 16 15.72 -8.92 -3.30
CA SER E 16 14.49 -8.50 -2.67
C SER E 16 13.94 -7.24 -3.35
N VAL E 17 14.80 -6.32 -3.77
N VAL E 17 14.80 -6.33 -3.78
CA VAL E 17 14.32 -5.07 -4.32
CA VAL E 17 14.31 -5.08 -4.32
C VAL E 17 13.95 -5.28 -5.80
C VAL E 17 13.95 -5.29 -5.79
N ALA E 18 14.72 -6.09 -6.51
CA ALA E 18 14.34 -6.44 -7.87
C ALA E 18 12.90 -6.96 -7.91
N MET E 19 12.56 -7.86 -7.00
CA MET E 19 11.27 -8.49 -6.98
C MET E 19 10.16 -7.51 -6.64
N VAL E 20 10.44 -6.49 -5.83
CA VAL E 20 9.40 -5.49 -5.64
C VAL E 20 9.21 -4.71 -6.95
N ALA E 21 10.31 -4.43 -7.62
CA ALA E 21 10.23 -3.66 -8.83
C ALA E 21 9.41 -4.45 -9.85
N ALA E 22 9.77 -5.72 -10.05
CA ALA E 22 9.07 -6.62 -10.97
C ALA E 22 7.57 -6.70 -10.70
N THR E 23 7.18 -6.77 -9.45
CA THR E 23 5.78 -6.89 -9.09
C THR E 23 5.04 -5.68 -9.62
N VAL E 24 5.57 -4.51 -9.32
CA VAL E 24 4.86 -3.31 -9.67
C VAL E 24 4.83 -3.23 -11.20
N PHE E 25 5.91 -3.59 -11.85
CA PHE E 25 5.91 -3.54 -13.28
C PHE E 25 4.80 -4.40 -13.85
N PHE E 26 4.64 -5.64 -13.40
CA PHE E 26 3.69 -6.53 -14.02
C PHE E 26 2.30 -6.01 -13.74
N PHE E 27 2.03 -5.58 -12.52
CA PHE E 27 0.69 -5.13 -12.20
C PHE E 27 0.36 -3.87 -12.99
N TYR E 28 1.28 -2.94 -13.09
CA TYR E 28 0.98 -1.67 -13.72
C TYR E 28 0.89 -1.85 -15.23
N GLU E 29 1.75 -2.64 -15.82
CA GLU E 29 1.65 -2.86 -17.24
C GLU E 29 0.47 -3.75 -17.57
N GLY E 30 0.09 -4.63 -16.65
CA GLY E 30 -0.98 -5.57 -16.93
C GLY E 30 -2.28 -4.80 -17.18
N MET E 31 -2.35 -3.59 -16.65
CA MET E 31 -3.48 -2.72 -16.90
C MET E 31 -3.54 -2.20 -18.34
N SER E 32 -2.56 -2.46 -19.17
CA SER E 32 -2.51 -1.87 -20.47
C SER E 32 -2.23 -2.89 -21.57
N VAL E 33 -2.43 -4.18 -21.33
CA VAL E 33 -2.38 -5.19 -22.39
C VAL E 33 -3.81 -5.52 -22.78
N LYS E 34 -4.00 -6.17 -23.92
CA LYS E 34 -5.34 -6.57 -24.27
C LYS E 34 -5.92 -7.43 -23.15
N LYS E 35 -7.23 -7.41 -22.99
CA LYS E 35 -7.89 -8.20 -21.97
C LYS E 35 -7.46 -9.67 -22.03
N GLU E 36 -7.33 -10.27 -23.20
CA GLU E 36 -6.90 -11.66 -23.29
C GLU E 36 -5.62 -11.93 -22.47
N TRP E 37 -4.76 -10.91 -22.32
CA TRP E 37 -3.44 -11.09 -21.78
C TRP E 37 -3.40 -10.67 -20.33
N LYS E 38 -4.50 -10.18 -19.78
CA LYS E 38 -4.43 -9.58 -18.46
C LYS E 38 -4.13 -10.65 -17.40
N LEU E 39 -4.74 -11.83 -17.49
CA LEU E 39 -4.48 -12.87 -16.53
C LEU E 39 -3.00 -13.27 -16.50
N SER E 40 -2.34 -13.47 -17.65
CA SER E 40 -0.91 -13.71 -17.71
C SER E 40 -0.11 -12.77 -16.80
N MET E 41 -0.36 -11.48 -17.00
CA MET E 41 0.36 -10.44 -16.33
C MET E 41 0.07 -10.53 -14.86
N THR E 42 -1.16 -10.92 -14.51
CA THR E 42 -1.54 -11.08 -13.13
C THR E 42 -0.71 -12.19 -12.50
N ILE E 43 -0.64 -13.33 -13.16
CA ILE E 43 0.09 -14.42 -12.58
C ILE E 43 1.55 -14.00 -12.38
N ALA E 44 2.15 -13.31 -13.33
CA ALA E 44 3.55 -12.89 -13.21
C ALA E 44 3.74 -11.97 -12.02
N GLY E 45 2.84 -11.03 -11.86
CA GLY E 45 2.93 -10.17 -10.72
C GLY E 45 2.80 -10.95 -9.42
N LEU E 46 1.92 -11.95 -9.39
CA LEU E 46 1.75 -12.71 -8.17
C LEU E 46 3.03 -13.43 -7.82
N VAL E 47 3.61 -14.09 -8.80
CA VAL E 47 4.85 -14.78 -8.58
C VAL E 47 5.85 -13.83 -7.97
N THR E 48 6.07 -12.67 -8.59
CA THR E 48 7.12 -11.82 -8.07
C THR E 48 6.73 -11.25 -6.72
N LEU E 49 5.44 -11.09 -6.45
CA LEU E 49 4.98 -10.57 -5.17
C LEU E 49 5.23 -11.54 -4.03
N VAL E 50 4.91 -12.81 -4.22
CA VAL E 50 5.17 -13.79 -3.19
C VAL E 50 6.66 -13.80 -2.97
N ALA E 51 7.45 -13.95 -4.01
CA ALA E 51 8.89 -13.95 -3.82
C ALA E 51 9.34 -12.70 -3.04
N ALA E 52 8.84 -11.53 -3.38
CA ALA E 52 9.29 -10.34 -2.68
C ALA E 52 8.98 -10.44 -1.19
N ILE E 53 7.77 -10.81 -0.85
CA ILE E 53 7.41 -10.91 0.53
C ILE E 53 8.29 -11.92 1.25
N HIS E 54 8.55 -13.03 0.64
CA HIS E 54 9.36 -14.02 1.29
C HIS E 54 10.81 -13.56 1.39
N TYR E 55 11.34 -12.88 0.39
CA TYR E 55 12.74 -12.46 0.44
C TYR E 55 12.90 -11.37 1.49
N TYR E 56 11.89 -10.54 1.69
CA TYR E 56 11.96 -9.63 2.80
C TYR E 56 12.09 -10.42 4.09
N TYR E 57 11.36 -11.51 4.26
CA TYR E 57 11.49 -12.24 5.49
C TYR E 57 12.85 -12.92 5.55
N MET E 58 13.19 -13.62 4.50
CA MET E 58 14.39 -14.40 4.50
C MET E 58 15.63 -13.57 4.70
N ARG E 59 15.62 -12.30 4.26
CA ARG E 59 16.85 -11.52 4.32
C ARG E 59 17.08 -11.15 5.78
N ASP E 60 15.99 -10.81 6.46
CA ASP E 60 16.00 -10.57 7.88
C ASP E 60 16.60 -11.78 8.63
N TYR E 61 16.14 -12.97 8.31
CA TYR E 61 16.64 -14.16 8.96
C TYR E 61 18.15 -14.22 8.76
N TRP E 62 18.62 -13.96 7.56
CA TRP E 62 20.03 -14.20 7.28
C TRP E 62 20.89 -13.27 8.11
N VAL E 63 20.39 -12.06 8.21
CA VAL E 63 21.20 -11.02 8.76
C VAL E 63 21.33 -11.36 10.25
N ALA E 64 20.20 -11.65 10.90
CA ALA E 64 20.21 -12.19 12.25
C ALA E 64 21.24 -13.30 12.40
N SER E 65 21.12 -14.31 11.55
CA SER E 65 22.02 -15.43 11.64
C SER E 65 23.47 -15.00 11.62
N VAL E 66 23.80 -13.88 10.97
CA VAL E 66 25.20 -13.53 10.75
C VAL E 66 25.71 -12.81 11.99
N LEU E 67 24.79 -12.12 12.69
CA LEU E 67 25.10 -11.47 13.95
C LEU E 67 25.30 -12.52 15.04
N ALA E 68 24.50 -13.59 15.00
CA ALA E 68 24.62 -14.68 15.96
C ALA E 68 25.78 -15.62 15.60
N GLY E 69 26.58 -15.27 14.59
CA GLY E 69 27.91 -15.84 14.44
C GLY E 69 27.94 -17.12 13.63
N SER E 70 26.76 -17.70 13.36
CA SER E 70 26.63 -18.84 12.47
C SER E 70 25.70 -18.47 11.33
N PRO E 71 26.23 -18.08 10.14
CA PRO E 71 25.40 -17.67 9.01
C PRO E 71 24.77 -18.88 8.30
N ASP E 72 23.46 -18.98 8.38
CA ASP E 72 22.75 -20.00 7.64
C ASP E 72 21.36 -19.48 7.27
N SER E 73 20.93 -19.81 6.05
CA SER E 73 19.55 -19.63 5.64
C SER E 73 19.16 -20.92 4.96
N PRO E 74 18.46 -21.83 5.64
CA PRO E 74 18.27 -23.16 5.09
C PRO E 74 17.38 -23.15 3.85
N ILE E 75 17.71 -24.03 2.92
CA ILE E 75 16.98 -24.13 1.67
C ILE E 75 15.53 -24.44 1.98
N VAL E 76 15.29 -25.18 3.06
CA VAL E 76 13.95 -25.59 3.34
C VAL E 76 13.01 -24.38 3.39
N TYR E 77 13.44 -23.21 3.82
CA TYR E 77 12.46 -22.14 3.91
C TYR E 77 12.12 -21.56 2.54
N ARG E 78 12.91 -21.89 1.51
CA ARG E 78 12.62 -21.53 0.13
C ARG E 78 11.28 -22.10 -0.30
N TYR E 79 10.94 -23.29 0.19
CA TYR E 79 9.73 -23.95 -0.25
C TYR E 79 8.51 -23.16 0.15
N ILE E 80 8.59 -22.33 1.15
CA ILE E 80 7.43 -21.52 1.45
C ILE E 80 7.07 -20.68 0.23
N ASP E 81 8.06 -20.21 -0.56
CA ASP E 81 7.74 -19.47 -1.77
C ASP E 81 7.49 -20.45 -2.92
N TRP E 82 8.34 -21.44 -3.08
CA TRP E 82 8.20 -22.32 -4.21
C TRP E 82 6.84 -23.01 -4.28
N LEU E 83 6.30 -23.41 -3.14
CA LEU E 83 5.03 -24.10 -3.14
C LEU E 83 3.98 -23.25 -3.80
N ILE E 84 4.11 -21.94 -3.77
CA ILE E 84 3.13 -21.10 -4.43
C ILE E 84 3.61 -20.64 -5.80
N THR E 85 4.83 -20.14 -5.88
CA THR E 85 5.27 -19.49 -7.11
C THR E 85 5.48 -20.56 -8.18
N VAL E 86 6.00 -21.75 -7.86
CA VAL E 86 6.31 -22.66 -8.94
C VAL E 86 5.05 -23.14 -9.66
N PRO E 87 3.97 -23.57 -8.98
CA PRO E 87 2.71 -23.86 -9.67
C PRO E 87 2.18 -22.69 -10.51
N LEU E 88 2.23 -21.46 -9.99
CA LEU E 88 1.84 -20.28 -10.74
C LEU E 88 2.63 -20.16 -12.04
N LEU E 89 3.94 -20.21 -11.96
CA LEU E 89 4.75 -20.09 -13.16
C LEU E 89 4.40 -21.18 -14.13
N MET E 90 4.19 -22.41 -13.68
CA MET E 90 3.94 -23.45 -14.63
C MET E 90 2.59 -23.29 -15.29
N ILE E 91 1.56 -22.78 -14.58
CA ILE E 91 0.27 -22.67 -15.24
C ILE E 91 0.31 -21.59 -16.31
N GLU E 92 1.33 -20.71 -16.28
CA GLU E 92 1.47 -19.74 -17.35
C GLU E 92 1.61 -20.46 -18.68
N PHE E 93 2.00 -21.72 -18.72
CA PHE E 93 2.13 -22.37 -20.01
C PHE E 93 0.74 -22.58 -20.58
N PHE E 94 -0.23 -22.78 -19.70
CA PHE E 94 -1.58 -23.01 -20.17
C PHE E 94 -2.22 -21.69 -20.52
N ILE E 95 -2.00 -20.72 -19.64
CA ILE E 95 -2.66 -19.44 -19.73
C ILE E 95 -2.30 -18.74 -21.03
N ILE E 96 -1.03 -18.66 -21.39
CA ILE E 96 -0.69 -17.94 -22.60
C ILE E 96 -1.19 -18.70 -23.84
N LEU E 97 -1.42 -20.00 -23.75
CA LEU E 97 -1.96 -20.73 -24.90
C LEU E 97 -3.40 -20.31 -25.08
N LYS E 98 -4.13 -20.21 -23.98
CA LYS E 98 -5.49 -19.68 -23.98
C LYS E 98 -5.51 -18.26 -24.50
N ALA E 99 -4.58 -17.42 -24.05
CA ALA E 99 -4.60 -16.04 -24.52
C ALA E 99 -4.46 -15.96 -26.05
N VAL E 100 -3.66 -16.79 -26.70
CA VAL E 100 -3.54 -16.71 -28.16
C VAL E 100 -4.68 -17.49 -28.81
N GLY E 101 -5.60 -18.01 -28.00
CA GLY E 101 -6.71 -18.75 -28.56
C GLY E 101 -6.27 -20.07 -29.16
N ALA E 102 -5.30 -20.72 -28.52
CA ALA E 102 -4.94 -22.08 -28.89
C ALA E 102 -6.03 -23.00 -28.35
N SER E 103 -6.24 -24.14 -29.01
CA SER E 103 -7.13 -25.16 -28.48
C SER E 103 -6.30 -26.06 -27.57
N ILE E 104 -6.75 -26.17 -26.32
CA ILE E 104 -5.98 -26.91 -25.34
C ILE E 104 -6.91 -27.35 -24.22
N SER E 105 -6.91 -28.66 -23.93
CA SER E 105 -7.74 -29.23 -22.89
C SER E 105 -7.40 -28.60 -21.55
N THR E 106 -8.34 -28.62 -20.61
CA THR E 106 -8.02 -28.24 -19.24
C THR E 106 -7.20 -29.35 -18.59
N ASN E 107 -7.13 -30.49 -19.25
CA ASN E 107 -6.36 -31.58 -18.67
C ASN E 107 -4.90 -31.17 -18.62
N SER E 108 -4.47 -30.46 -19.64
CA SER E 108 -3.15 -29.88 -19.60
C SER E 108 -2.96 -28.99 -18.36
N PHE E 109 -3.95 -28.16 -18.01
CA PHE E 109 -3.81 -27.36 -16.82
C PHE E 109 -3.59 -28.21 -15.57
N TRP E 110 -4.37 -29.28 -15.38
CA TRP E 110 -4.24 -30.09 -14.18
C TRP E 110 -2.92 -30.88 -14.19
N ARG E 111 -2.55 -31.48 -15.32
CA ARG E 111 -1.25 -32.09 -15.46
C ARG E 111 -0.16 -31.10 -15.05
N LEU E 112 -0.28 -29.84 -15.45
CA LEU E 112 0.79 -28.95 -15.09
C LEU E 112 0.77 -28.73 -13.59
N LEU E 113 -0.42 -28.56 -13.03
CA LEU E 113 -0.54 -28.21 -11.62
C LEU E 113 -0.17 -29.38 -10.72
N VAL E 114 -0.59 -30.58 -11.06
CA VAL E 114 -0.25 -31.74 -10.24
C VAL E 114 1.24 -32.06 -10.36
N GLY E 115 1.74 -32.19 -11.58
CA GLY E 115 3.14 -32.47 -11.75
C GLY E 115 4.02 -31.48 -10.98
N THR E 116 3.58 -30.23 -10.90
CA THR E 116 4.40 -29.25 -10.21
C THR E 116 4.35 -29.54 -8.72
N LEU E 117 3.18 -29.84 -8.17
CA LEU E 117 3.06 -30.07 -6.74
C LEU E 117 3.69 -31.41 -6.36
N VAL E 118 3.53 -32.44 -7.15
CA VAL E 118 4.26 -33.66 -6.88
C VAL E 118 5.75 -33.33 -6.76
N MET E 119 6.28 -32.60 -7.74
CA MET E 119 7.69 -32.24 -7.78
C MET E 119 8.14 -31.55 -6.49
N LEU E 120 7.32 -30.62 -5.98
CA LEU E 120 7.74 -29.80 -4.87
C LEU E 120 7.52 -30.49 -3.54
N ILE E 121 6.39 -31.13 -3.39
CA ILE E 121 6.09 -31.84 -2.16
C ILE E 121 7.10 -32.96 -1.94
N GLY E 122 7.50 -33.60 -3.01
CA GLY E 122 8.57 -34.58 -2.90
C GLY E 122 9.85 -33.97 -2.34
N GLY E 123 10.26 -32.82 -2.87
CA GLY E 123 11.49 -32.22 -2.40
C GLY E 123 11.31 -31.68 -0.98
N PHE E 124 10.20 -31.00 -0.73
CA PHE E 124 9.97 -30.46 0.59
C PHE E 124 10.00 -31.57 1.64
N ALA E 125 9.32 -32.67 1.40
CA ALA E 125 9.31 -33.77 2.32
C ALA E 125 10.72 -34.30 2.53
N GLY E 126 11.55 -34.28 1.51
CA GLY E 126 12.90 -34.80 1.62
C GLY E 126 13.77 -33.84 2.45
N GLU E 127 13.70 -32.56 2.12
CA GLU E 127 14.46 -31.54 2.82
C GLU E 127 14.01 -31.37 4.28
N ALA E 128 12.72 -31.45 4.53
CA ALA E 128 12.19 -31.29 5.87
C ALA E 128 12.35 -32.59 6.65
N MET E 129 13.08 -33.54 6.06
CA MET E 129 13.40 -34.82 6.70
C MET E 129 12.16 -35.63 7.06
N LEU E 130 11.02 -35.39 6.39
CA LEU E 130 9.81 -36.17 6.63
C LEU E 130 9.95 -37.55 6.00
N ILE E 131 10.74 -37.64 4.93
CA ILE E 131 11.04 -38.88 4.25
C ILE E 131 12.52 -38.83 3.88
N SER E 132 13.06 -39.94 3.37
CA SER E 132 14.45 -39.95 2.96
C SER E 132 14.67 -38.95 1.85
N ALA E 133 15.88 -38.38 1.80
CA ALA E 133 16.23 -37.40 0.79
C ALA E 133 16.18 -38.06 -0.58
N SER E 134 16.62 -39.31 -0.66
CA SER E 134 16.54 -40.09 -1.89
C SER E 134 15.09 -40.24 -2.34
N LEU E 135 14.20 -40.58 -1.42
CA LEU E 135 12.82 -40.78 -1.81
C LEU E 135 12.22 -39.44 -2.24
N GLY E 136 12.64 -38.36 -1.59
CA GLY E 136 12.10 -37.08 -1.96
C GLY E 136 12.59 -36.65 -3.33
N PHE E 137 13.81 -37.08 -3.66
CA PHE E 137 14.37 -36.74 -4.96
C PHE E 137 13.61 -37.48 -6.05
N ILE E 138 13.27 -38.73 -5.76
CA ILE E 138 12.66 -39.57 -6.77
C ILE E 138 11.27 -39.05 -7.05
N ILE E 139 10.52 -38.79 -5.97
CA ILE E 139 9.15 -38.32 -6.11
C ILE E 139 9.17 -36.99 -6.84
N GLY E 140 10.13 -36.15 -6.51
CA GLY E 140 10.23 -34.87 -7.18
C GLY E 140 10.63 -35.02 -8.65
N MET E 141 11.45 -36.00 -8.97
CA MET E 141 11.83 -36.20 -10.35
C MET E 141 10.61 -36.69 -11.16
N VAL E 142 9.71 -37.38 -10.49
CA VAL E 142 8.54 -37.81 -11.20
C VAL E 142 7.72 -36.59 -11.61
N GLY E 143 7.55 -35.64 -10.67
CA GLY E 143 6.85 -34.41 -10.94
C GLY E 143 7.51 -33.67 -12.10
N TRP E 144 8.82 -33.52 -12.02
CA TRP E 144 9.59 -32.91 -13.08
C TRP E 144 9.29 -33.59 -14.43
N ALA E 145 9.38 -34.91 -14.47
CA ALA E 145 9.20 -35.60 -15.72
C ALA E 145 7.85 -35.29 -16.37
N ILE E 146 6.81 -35.23 -15.55
CA ILE E 146 5.50 -34.84 -16.03
C ILE E 146 5.52 -33.43 -16.63
N ILE E 147 6.00 -32.44 -15.90
CA ILE E 147 5.88 -31.10 -16.44
C ILE E 147 6.76 -30.98 -17.69
N ILE E 148 7.95 -31.57 -17.67
CA ILE E 148 8.83 -31.47 -18.83
C ILE E 148 8.15 -32.06 -20.06
N TRP E 149 7.45 -33.17 -19.88
CA TRP E 149 6.80 -33.82 -20.99
C TRP E 149 5.68 -32.96 -21.54
N GLU E 150 4.89 -32.35 -20.67
CA GLU E 150 3.77 -31.51 -21.08
C GLU E 150 4.22 -30.41 -22.05
N ILE E 151 5.34 -29.75 -21.73
CA ILE E 151 5.78 -28.58 -22.48
C ILE E 151 6.82 -28.96 -23.52
N PHE E 152 7.28 -30.20 -23.59
CA PHE E 152 8.25 -30.52 -24.63
C PHE E 152 7.70 -31.55 -25.61
N GLY E 153 6.73 -32.38 -25.19
CA GLY E 153 6.15 -33.36 -26.10
C GLY E 153 4.66 -33.63 -25.89
N GLY E 154 4.05 -32.97 -24.90
CA GLY E 154 2.66 -33.17 -24.55
C GLY E 154 1.75 -32.19 -25.28
N GLU E 155 0.52 -32.09 -24.78
CA GLU E 155 -0.48 -31.27 -25.42
C GLU E 155 0.01 -29.84 -25.56
N ALA E 156 0.47 -29.23 -24.45
CA ALA E 156 0.83 -27.83 -24.49
C ALA E 156 1.90 -27.55 -25.56
N SER E 157 2.89 -28.43 -25.65
CA SER E 157 3.91 -28.37 -26.68
C SER E 157 3.29 -28.33 -28.07
N LYS E 158 2.31 -29.20 -28.33
CA LYS E 158 1.74 -29.32 -29.65
C LYS E 158 0.88 -28.11 -29.96
N ALA E 159 0.09 -27.65 -28.98
CA ALA E 159 -0.71 -26.44 -29.15
C ALA E 159 0.17 -25.28 -29.55
N ALA E 160 1.33 -25.18 -28.90
CA ALA E 160 2.18 -24.04 -29.06
C ALA E 160 2.77 -24.09 -30.46
N ASP E 161 3.06 -25.29 -30.97
CA ASP E 161 3.65 -25.41 -32.30
C ASP E 161 2.62 -24.99 -33.35
N ALA E 162 1.35 -25.28 -33.08
CA ALA E 162 0.26 -24.89 -33.97
C ALA E 162 0.08 -23.38 -34.05
N ASN E 163 0.21 -22.68 -32.91
CA ASN E 163 0.12 -21.23 -32.89
C ASN E 163 1.49 -20.67 -33.21
N ALA E 164 1.53 -19.44 -33.71
CA ALA E 164 2.77 -18.88 -34.21
C ALA E 164 3.15 -17.65 -33.39
N GLY E 165 2.13 -17.00 -32.83
CA GLY E 165 2.34 -15.84 -31.98
C GLY E 165 3.05 -16.20 -30.68
N VAL E 166 2.63 -17.32 -30.09
CA VAL E 166 3.16 -17.75 -28.81
C VAL E 166 4.32 -18.71 -29.03
N LYS E 167 4.46 -19.30 -30.22
CA LYS E 167 5.43 -20.37 -30.41
C LYS E 167 6.79 -20.05 -29.78
N SER E 168 7.34 -18.90 -30.12
CA SER E 168 8.69 -18.49 -29.75
C SER E 168 8.80 -18.17 -28.26
N ALA E 169 7.79 -17.53 -27.66
CA ALA E 169 7.78 -17.34 -26.23
C ALA E 169 7.72 -18.68 -25.54
N PHE E 170 6.85 -19.55 -26.03
CA PHE E 170 6.73 -20.85 -25.41
C PHE E 170 8.09 -21.53 -25.45
N ASN E 171 8.77 -21.43 -26.59
CA ASN E 171 10.09 -22.01 -26.63
C ASN E 171 11.03 -21.35 -25.61
N ALA E 172 11.00 -20.02 -25.45
CA ALA E 172 11.90 -19.42 -24.49
C ALA E 172 11.58 -19.91 -23.09
N LEU E 173 10.30 -19.85 -22.71
CA LEU E 173 9.93 -20.22 -21.36
C LEU E 173 10.27 -21.68 -21.11
N ARG E 174 10.03 -22.58 -22.06
CA ARG E 174 10.31 -23.97 -21.76
C ARG E 174 11.82 -24.21 -21.58
N LEU E 175 12.66 -23.40 -22.20
CA LEU E 175 14.08 -23.51 -21.99
C LEU E 175 14.49 -23.03 -20.61
N ILE E 176 13.93 -21.91 -20.15
CA ILE E 176 14.18 -21.50 -18.79
C ILE E 176 13.82 -22.66 -17.84
N VAL E 177 12.65 -23.27 -18.00
CA VAL E 177 12.26 -24.37 -17.15
C VAL E 177 13.24 -25.51 -17.30
N LEU E 178 13.61 -25.88 -18.50
CA LEU E 178 14.50 -27.00 -18.66
C LEU E 178 15.87 -26.71 -18.04
N VAL E 179 16.41 -25.52 -18.31
CA VAL E 179 17.80 -25.24 -18.02
C VAL E 179 17.92 -24.33 -16.81
N GLY E 180 17.23 -23.21 -16.86
CA GLY E 180 17.25 -22.27 -15.76
C GLY E 180 16.87 -22.95 -14.46
N TRP E 181 15.87 -23.82 -14.50
CA TRP E 181 15.33 -24.36 -13.27
C TRP E 181 16.14 -25.57 -12.84
N ALA E 182 17.10 -26.02 -13.63
CA ALA E 182 17.86 -27.20 -13.23
C ALA E 182 18.73 -26.91 -12.01
N ILE E 183 19.01 -25.64 -11.71
CA ILE E 183 19.78 -25.38 -10.51
C ILE E 183 19.12 -25.97 -9.26
N TYR E 184 17.78 -26.03 -9.20
CA TYR E 184 17.10 -26.43 -7.98
C TYR E 184 17.33 -27.92 -7.66
N PRO E 185 16.98 -28.86 -8.54
CA PRO E 185 17.38 -30.24 -8.32
C PRO E 185 18.89 -30.44 -8.15
N LEU E 186 19.71 -29.56 -8.72
CA LEU E 186 21.14 -29.69 -8.58
C LEU E 186 21.56 -29.33 -7.16
N GLY E 187 20.97 -28.26 -6.63
CA GLY E 187 21.23 -27.87 -5.26
C GLY E 187 20.77 -28.97 -4.32
N TYR E 188 19.66 -29.61 -4.63
CA TYR E 188 19.20 -30.66 -3.75
C TYR E 188 20.20 -31.82 -3.79
N ILE E 189 20.85 -32.07 -4.90
CA ILE E 189 21.71 -33.22 -4.93
C ILE E 189 23.03 -32.86 -4.27
N PHE E 190 23.65 -31.76 -4.73
CA PHE E 190 25.01 -31.45 -4.35
C PHE E 190 25.04 -30.68 -3.04
N GLY E 191 24.05 -29.82 -2.86
CA GLY E 191 23.88 -29.11 -1.60
C GLY E 191 23.55 -30.08 -0.48
N TYR E 192 22.46 -30.81 -0.66
CA TYR E 192 21.73 -31.38 0.46
C TYR E 192 22.03 -32.85 0.61
N MET E 193 21.95 -33.62 -0.47
CA MET E 193 22.23 -35.03 -0.38
C MET E 193 23.73 -35.30 -0.26
N MET E 194 24.55 -34.48 -0.91
CA MET E 194 25.98 -34.74 -1.00
C MET E 194 26.78 -33.84 -0.05
N GLY E 195 26.23 -32.65 0.27
CA GLY E 195 26.93 -31.72 1.13
C GLY E 195 28.14 -31.06 0.46
N SER E 196 28.25 -31.18 -0.86
CA SER E 196 29.39 -30.64 -1.59
C SER E 196 29.29 -29.12 -1.77
N VAL E 197 28.14 -28.52 -1.48
CA VAL E 197 27.97 -27.09 -1.64
C VAL E 197 27.32 -26.58 -0.37
N ASP E 198 27.85 -25.47 0.15
CA ASP E 198 27.35 -24.89 1.38
C ASP E 198 26.04 -24.14 1.08
N SER E 199 25.23 -23.92 2.11
CA SER E 199 23.97 -23.22 1.93
C SER E 199 24.22 -21.77 1.49
N GLY E 200 25.36 -21.19 1.87
CA GLY E 200 25.59 -19.79 1.59
C GLY E 200 25.82 -19.57 0.10
N SER E 201 26.59 -20.49 -0.49
CA SER E 201 26.77 -20.55 -1.93
C SER E 201 25.44 -20.77 -2.62
N LEU E 202 24.66 -21.70 -2.08
CA LEU E 202 23.38 -22.00 -2.65
C LEU E 202 22.49 -20.78 -2.58
N ASN E 203 22.52 -20.07 -1.48
CA ASN E 203 21.62 -18.96 -1.33
C ASN E 203 21.99 -17.87 -2.34
N ILE E 204 23.30 -17.68 -2.61
CA ILE E 204 23.69 -16.65 -3.56
C ILE E 204 23.15 -17.06 -4.94
N ILE E 205 23.41 -18.31 -5.32
CA ILE E 205 23.01 -18.82 -6.60
C ILE E 205 21.50 -18.70 -6.75
N TYR E 206 20.75 -19.28 -5.85
CA TYR E 206 19.31 -19.17 -5.92
C TYR E 206 18.88 -17.71 -5.99
N ASN E 207 19.49 -16.83 -5.22
CA ASN E 207 19.06 -15.45 -5.24
C ASN E 207 19.29 -14.82 -6.60
N LEU E 208 20.43 -15.11 -7.20
CA LEU E 208 20.77 -14.47 -8.46
C LEU E 208 19.95 -15.10 -9.58
N ALA E 209 19.76 -16.39 -9.55
CA ALA E 209 18.96 -17.10 -10.52
C ALA E 209 17.52 -16.58 -10.58
N ASP E 210 17.00 -15.92 -9.55
CA ASP E 210 15.64 -15.41 -9.66
C ASP E 210 15.49 -14.31 -10.72
N PHE E 211 16.57 -13.65 -11.10
CA PHE E 211 16.50 -12.75 -12.23
C PHE E 211 16.06 -13.51 -13.48
N VAL E 212 16.59 -14.70 -13.67
CA VAL E 212 16.18 -15.47 -14.83
C VAL E 212 14.91 -16.28 -14.59
N ASN E 213 14.88 -16.98 -13.49
CA ASN E 213 13.90 -18.04 -13.34
C ASN E 213 12.54 -17.46 -12.98
N LYS E 214 12.47 -16.18 -12.63
CA LYS E 214 11.17 -15.60 -12.37
C LYS E 214 11.00 -14.32 -13.15
N ILE E 215 11.93 -13.37 -13.03
CA ILE E 215 11.71 -12.10 -13.68
C ILE E 215 11.76 -12.25 -15.20
N LEU E 216 12.81 -12.83 -15.74
CA LEU E 216 12.90 -12.98 -17.17
C LEU E 216 11.76 -13.86 -17.68
N PHE E 217 11.32 -14.82 -16.89
CA PHE E 217 10.15 -15.56 -17.29
C PHE E 217 8.95 -14.62 -17.50
N GLY E 218 8.71 -13.76 -16.53
CA GLY E 218 7.62 -12.81 -16.64
C GLY E 218 7.79 -11.82 -17.77
N LEU E 219 8.99 -11.33 -18.00
CA LEU E 219 9.25 -10.39 -19.07
C LEU E 219 9.09 -11.04 -20.43
N ILE E 220 9.36 -12.32 -20.59
CA ILE E 220 9.10 -12.93 -21.88
C ILE E 220 7.61 -12.95 -22.15
N ILE E 221 6.82 -13.15 -21.13
CA ILE E 221 5.37 -13.25 -21.24
C ILE E 221 4.83 -11.88 -21.56
N TRP E 222 5.37 -10.83 -20.92
CA TRP E 222 4.97 -9.45 -21.20
C TRP E 222 5.33 -9.07 -22.62
N ASN E 223 6.45 -9.50 -23.10
CA ASN E 223 6.84 -9.17 -24.42
C ASN E 223 5.86 -9.71 -25.46
N VAL E 224 5.30 -10.89 -25.25
CA VAL E 224 4.39 -11.45 -26.24
C VAL E 224 3.03 -10.82 -25.99
N ALA E 225 2.67 -10.56 -24.73
CA ALA E 225 1.41 -9.88 -24.50
C ALA E 225 1.34 -8.54 -25.24
N VAL E 226 2.44 -7.85 -25.31
CA VAL E 226 2.49 -6.49 -25.82
C VAL E 226 2.58 -6.50 -27.34
N ARG E 227 3.16 -7.54 -27.91
CA ARG E 227 3.22 -7.68 -29.35
C ARG E 227 1.88 -8.17 -29.88
N GLU E 228 1.08 -8.80 -28.99
CA GLU E 228 -0.21 -9.35 -29.36
C GLU E 228 -1.32 -8.36 -29.01
N SER E 229 -1.00 -7.38 -28.17
CA SER E 229 -1.97 -6.39 -27.74
C SER E 229 -2.00 -5.27 -28.78
N SER E 230 -1.13 -5.38 -29.79
CA SER E 230 -1.03 -4.38 -30.84
C SER E 230 -2.10 -4.63 -31.90
C1 LFA F . 19.67 18.91 3.11
C2 LFA F . 21.16 18.73 3.45
C3 LFA F . 21.88 20.06 3.28
C4 LFA F . 23.39 19.84 3.26
C5 LFA F . 24.21 20.99 3.83
C6 LFA F . 25.56 20.43 4.31
C7 LFA F . 26.53 21.52 4.80
C8 LFA F . 27.58 20.96 5.78
C1 LFA G . 10.35 16.00 -5.50
C2 LFA G . 8.99 15.33 -5.80
C3 LFA G . 8.63 15.39 -7.33
C4 LFA G . 7.17 15.73 -7.53
C5 LFA G . 6.77 16.02 -8.95
C6 LFA G . 6.82 17.46 -9.35
C7 LFA G . 5.64 17.77 -10.32
C8 LFA G . 6.01 19.06 -11.08
C9 LFA G . 5.00 19.48 -12.16
C10 LFA G . 5.59 20.54 -13.12
C11 LFA G . 4.50 21.46 -13.69
C12 LFA G . 4.73 21.91 -15.16
C13 LFA G . 6.15 22.47 -15.46
C14 LFA G . 6.44 22.93 -16.92
C11 LFA H . 24.64 17.54 -5.75
C12 LFA H . 24.66 18.71 -4.78
C13 LFA H . 26.06 18.95 -4.18
C14 LFA H . 26.01 19.61 -2.78
C15 LFA H . 27.37 19.49 -2.08
C16 LFA H . 27.24 19.70 -0.57
C17 LFA H . 28.64 19.77 0.06
C18 LFA H . 29.00 18.46 0.76
C19 LFA H . 30.29 18.63 1.56
C20 LFA H . 29.99 18.68 3.07
C1 LFA I . 12.58 -11.30 -25.17
C2 LFA I . 11.99 -10.38 -24.09
C3 LFA I . 13.11 -9.50 -23.57
C4 LFA I . 12.78 -8.51 -22.45
C5 LFA I . 14.14 -8.37 -21.72
C6 LFA I . 14.13 -7.28 -20.69
C7 LFA I . 15.47 -7.14 -19.95
C8 LFA I . 15.24 -5.87 -19.14
C9 LFA I . 16.27 -5.65 -18.05
C10 LFA I . 15.75 -4.51 -17.18
C11 LFA I . 16.93 -3.61 -16.80
C12 LFA I . 17.93 -4.37 -15.93
C13 LFA I . 17.29 -4.57 -14.58
C14 LFA I . 18.37 -4.85 -13.56
C15 LFA I . 19.21 -6.11 -13.84
C16 LFA I . 19.82 -6.39 -12.47
C17 LFA I . 21.07 -7.25 -12.48
C18 LFA I . 21.44 -7.43 -11.01
C1 LFA J . 24.13 -9.06 -10.70
C2 LFA J . 25.15 -8.44 -9.74
C3 LFA J . 26.31 -9.42 -9.58
C4 LFA J . 27.57 -8.70 -9.13
C5 LFA J . 28.77 -9.55 -9.55
C6 LFA J . 30.07 -8.81 -9.23
C7 LFA J . 31.22 -9.78 -9.04
C8 LFA J . 31.63 -10.41 -10.36
C9 LFA J . 33.15 -10.42 -10.50
C10 LFA J . 33.83 -11.27 -9.42
C11 LFA J . 35.26 -11.60 -9.89
C12 LFA J . 35.98 -12.46 -8.84
C13 LFA J . 37.46 -12.69 -9.20
C1 RET K . 31.22 3.48 -11.52
C2 RET K . 32.59 2.82 -11.58
C3 RET K . 33.60 3.65 -12.17
C4 RET K . 33.21 3.88 -13.62
C5 RET K . 31.82 4.44 -13.74
C6 RET K . 30.88 4.27 -12.78
C7 RET K . 29.62 4.87 -13.00
C8 RET K . 28.50 4.79 -12.26
C9 RET K . 27.30 5.51 -12.57
C10 RET K . 26.28 5.55 -11.64
C11 RET K . 25.09 6.14 -11.71
C12 RET K . 24.13 6.09 -10.70
C13 RET K . 22.85 6.70 -10.72
C14 RET K . 22.04 6.48 -9.70
C15 RET K . 20.59 6.82 -9.72
C16 RET K . 30.23 2.35 -11.26
C17 RET K . 31.25 4.39 -10.28
C18 RET K . 31.62 5.26 -14.98
C19 RET K . 27.08 6.25 -13.82
C20 RET K . 22.48 7.55 -11.92
C1B LMT L . 10.84 4.37 9.75
C2B LMT L . 12.29 4.81 9.88
C3B LMT L . 13.11 4.37 8.64
C4B LMT L . 12.98 2.87 8.40
C5B LMT L . 11.52 2.39 8.53
C6B LMT L . 11.41 0.88 8.65
O1B LMT L . 10.34 5.00 8.59
O2B LMT L . 12.38 6.23 10.09
O3B LMT L . 14.50 4.69 8.78
O4' LMT L . 13.48 2.58 7.10
O5B LMT L . 10.85 2.95 9.70
O6B LMT L . 12.38 0.24 7.84
C1' LMT L . 6.16 5.29 8.54
C2' LMT L . 6.72 3.96 8.05
C3' LMT L . 8.16 3.78 8.50
C4' LMT L . 8.95 5.03 8.15
C5' LMT L . 8.26 6.28 8.71
C6' LMT L . 8.94 7.59 8.42
O1' LMT L . 4.84 5.42 8.09
O2' LMT L . 5.93 2.88 8.55
O3' LMT L . 8.66 2.62 7.85
O5' LMT L . 6.96 6.36 8.08
O6' LMT L . 7.96 8.61 8.19
C1 LMT L . 4.63 6.30 6.99
C2 LMT L . 3.18 6.56 7.10
C3 LMT L . 2.64 7.35 5.98
C4 LMT L . 1.78 6.53 5.05
C5 LMT L . 0.73 7.34 4.35
C6 LMT L . 0.25 6.72 3.08
C7 LMT L . -0.92 7.43 2.50
C8 LMT L . -1.71 6.65 1.49
C9 LMT L . -1.06 6.58 0.13
C10 LMT L . -1.99 6.89 -1.02
C11 LMT L . -1.28 7.25 -2.31
C12 LMT L . -2.10 6.95 -3.54
C16 LFA M . 3.48 4.93 1.09
C17 LFA M . 4.83 5.47 1.59
C18 LFA M . 5.36 4.84 2.89
C19 LFA M . 6.80 5.31 3.13
C20 LFA M . 7.41 4.65 4.37
C1 LFA N . 14.61 19.58 -2.02
C2 LFA N . 14.78 20.64 -3.10
C3 LFA N . 14.06 20.24 -4.38
C4 LFA N . 12.55 20.40 -4.28
C5 LFA N . 11.87 19.29 -5.08
C6 LFA N . 10.36 19.23 -4.81
C7 LFA N . 9.71 20.59 -4.95
C8 LFA N . 10.05 21.23 -6.29
C9 LFA N . 9.48 20.40 -7.44
C10 LFA N . 9.91 21.09 -8.72
C11 LFA N . 9.45 20.22 -9.86
C12 LFA N . 9.68 20.97 -11.16
C13 LFA N . 11.12 20.78 -11.62
C14 LFA N . 11.16 21.04 -13.13
C15 LFA N . 10.44 20.00 -14.00
C16 LFA N . 9.99 20.68 -15.28
C17 LFA N . 10.04 19.75 -16.50
C18 LFA N . 11.43 19.76 -17.17
C19 LFA N . 11.58 20.76 -18.33
C8 LFA O . 17.78 20.82 -1.40
C9 LFA O . 18.34 21.89 -0.47
C10 LFA O . 19.11 21.29 0.70
C11 LFA O . 19.48 22.35 1.76
C12 LFA O . 20.67 23.21 1.29
C13 LFA O . 21.22 24.08 2.44
C14 LFA O . 22.19 25.15 1.90
C15 LFA O . 23.22 25.52 2.99
C16 LFA O . 24.21 26.60 2.54
C17 LFA O . 25.28 26.81 3.62
C18 LFA O . 26.26 27.95 3.29
C19 LFA O . 27.49 28.00 4.23
C1 LFA P . -18.89 22.54 -0.43
C2 LFA P . -18.66 21.10 -0.96
C3 LFA P . -18.72 20.04 0.17
C4 LFA P . -17.91 18.75 -0.07
C5 LFA P . -16.98 18.46 1.09
C6 LFA P . -15.78 17.60 0.74
C7 LFA P . -15.13 17.04 2.01
C8 LFA P . -13.79 16.39 1.71
C9 LFA P . -13.08 16.05 3.01
C10 LFA P . -11.62 15.71 2.80
C11 LFA P . -11.03 14.99 3.98
C12 LFA P . -9.74 15.65 4.44
C13 LFA P . -9.10 14.99 5.69
C14 LFA P . -9.65 15.49 7.03
C15 LFA P . -9.17 16.89 7.43
C16 LFA P . -9.96 18.05 6.73
C17 LFA P . -9.42 19.44 7.12
C18 LFA P . -10.17 20.62 6.47
C19 LFA P . -9.91 21.86 7.34
C20 LFA P . -10.74 23.06 6.89
C1 LFA Q . -3.58 27.15 14.48
C2 LFA Q . -4.06 27.64 15.86
C3 LFA Q . -3.45 26.81 17.01
C4 LFA Q . -3.60 27.43 18.41
C5 LFA Q . -2.86 26.57 19.45
C6 LFA Q . -2.44 27.35 20.72
C7 LFA Q . -1.24 26.67 21.40
C8 LFA Q . -0.95 27.29 22.76
C9 LFA Q . 0.35 26.77 23.41
C10 LFA Q . 0.12 25.59 24.38
C11 LFA Q . 1.28 25.36 25.37
C2 LFA R . -5.70 18.75 19.24
C3 LFA R . -4.79 19.25 20.38
C4 LFA R . -4.84 20.77 20.55
C5 LFA R . -5.03 21.11 22.03
C6 LFA R . -4.58 22.52 22.44
C7 LFA R . -4.16 22.45 23.91
C8 LFA R . -3.54 23.76 24.39
C9 LFA R . -3.47 23.85 25.93
C10 LFA R . -2.18 23.24 26.52
C16 LFA S . -2.61 4.06 4.02
C17 LFA S . -2.12 3.43 5.36
C18 LFA S . -1.50 4.47 6.32
C19 LFA S . -0.54 3.80 7.32
C20 LFA S . 0.05 4.82 8.32
C1 RET T . 11.07 30.86 6.67
C2 RET T . 12.32 31.68 6.97
C3 RET T . 12.04 33.04 7.31
C4 RET T . 11.40 33.71 6.10
C5 RET T . 10.22 32.94 5.60
C6 RET T . 10.04 31.63 5.85
C7 RET T . 8.85 31.03 5.35
C8 RET T . 8.46 29.75 5.41
C9 RET T . 7.21 29.28 4.91
C10 RET T . 6.81 27.99 5.19
C11 RET T . 5.69 27.36 4.85
C12 RET T . 5.39 26.03 5.17
C13 RET T . 4.23 25.32 4.83
C14 RET T . 4.16 24.03 5.17
C15 RET T . 3.13 23.09 4.63
C16 RET T . 11.58 29.61 5.94
C17 RET T . 10.51 30.43 8.03
C18 RET T . 9.21 33.81 4.88
C19 RET T . 6.26 30.12 4.14
C20 RET T . 3.13 26.04 4.08
C1B LMT U . 3.37 3.51 14.81
C2B LMT U . 3.79 4.31 16.05
C3B LMT U . 4.07 5.79 15.71
C4B LMT U . 5.06 5.88 14.57
C5B LMT U . 4.68 4.97 13.40
C6B LMT U . 5.79 4.92 12.35
O1B LMT U . 2.08 4.01 14.47
O2B LMT U . 2.79 4.20 17.07
O3B LMT U . 4.60 6.50 16.85
O4' LMT U . 5.11 7.20 14.07
O5B LMT U . 4.40 3.60 13.84
O6B LMT U . 6.62 3.75 12.42
C1' LMT U . -0.74 2.04 12.00
C2' LMT U . 0.72 2.07 11.53
C3' LMT U . 1.67 2.35 12.67
C4' LMT U . 1.26 3.65 13.33
C5' LMT U . -0.22 3.63 13.80
C6' LMT U . -0.67 5.04 14.20
O1' LMT U . -1.55 1.92 10.86
O2' LMT U . 1.10 0.81 10.97
O3' LMT U . 2.99 2.40 12.12
O5' LMT U . -1.13 3.19 12.73
O6' LMT U . -1.92 5.58 13.69
C1 LMT U . -1.71 0.56 10.46
C2 LMT U . -2.48 0.48 9.23
C3 LMT U . -3.88 0.82 9.44
C4 LMT U . -4.78 0.15 8.43
C5 LMT U . -4.39 0.39 6.99
C6 LMT U . -5.54 0.16 6.05
C7 LMT U . -5.33 0.67 4.68
C8 LMT U . -6.36 0.20 3.67
C9 LMT U . -6.19 0.84 2.29
C10 LMT U . -7.48 0.96 1.49
C11 LMT U . -7.42 1.67 0.14
C12 LMT U . -7.18 3.16 0.26
C1 LFA V . -9.64 18.34 13.81
C2 LFA V . -9.77 19.58 12.93
C3 LFA V . -11.02 19.50 12.05
C4 LFA V . -10.92 18.31 11.08
C5 LFA V . -12.02 18.41 10.02
C6 LFA V . -12.23 17.01 9.43
C7 LFA V . -13.03 17.00 8.13
C8 LFA V . -14.10 18.10 8.14
C9 LFA V . -14.60 18.36 6.73
C10 LFA V . -13.55 19.22 6.04
C11 LFA V . -14.19 19.92 4.86
C12 LFA V . -14.39 21.38 5.20
C13 LFA V . -13.73 22.27 4.16
C14 LFA V . -14.36 22.10 2.76
C15 LFA V . -14.02 23.37 1.97
C16 LFA V . -14.57 23.38 0.56
C17 LFA V . -13.85 24.50 -0.27
C18 LFA V . -14.35 25.95 -0.05
C1 LFA W . -26.60 -6.82 -0.39
C2 LFA W . -25.12 -7.32 -0.41
C3 LFA W . -24.40 -6.73 0.79
C4 LFA W . -22.91 -6.69 0.52
C5 LFA W . -22.21 -6.43 1.84
C6 LFA W . -20.72 -6.23 1.67
C7 LFA W . -20.22 -5.88 3.07
C8 LFA W . -18.74 -5.51 3.08
C9 LFA W . -18.45 -5.16 4.51
C10 LFA W . -16.96 -5.03 4.75
C11 LFA W . -16.77 -4.78 6.27
C12 LFA W . -16.71 -6.13 6.95
C13 LFA W . -16.75 -6.08 8.46
C14 LFA W . -17.92 -5.30 9.01
C15 LFA W . -19.32 -5.56 8.43
C16 LFA W . -20.29 -4.78 9.34
C17 LFA W . -21.72 -4.87 8.82
C18 LFA W . -22.66 -4.08 9.71
C19 LFA W . -23.02 -4.90 10.95
C20 LFA W . -24.18 -4.23 11.68
C1 LFA X . -15.40 -9.65 19.96
C2 LFA X . -15.30 -9.28 21.44
C3 LFA X . -16.65 -9.52 22.10
C4 LFA X . -16.49 -9.27 23.57
C5 LFA X . -17.71 -9.67 24.39
C6 LFA X . -17.22 -9.75 25.85
C7 LFA X . -18.37 -9.72 26.84
C8 LFA X . -18.00 -10.45 28.12
C9 LFA X . -16.96 -9.69 28.96
C10 LFA X . -16.66 -10.42 30.28
C1 LFA Y . -22.55 -2.28 21.04
C2 LFA Y . -22.57 -3.67 21.69
C3 LFA Y . -22.47 -3.55 23.22
C4 LFA Y . -22.01 -4.84 23.91
C5 LFA Y . -21.40 -4.47 25.27
C6 LFA Y . -20.86 -5.66 26.06
C7 LFA Y . -20.80 -5.28 27.55
C8 LFA Y . -19.38 -5.19 28.09
C9 LFA Y . -19.45 -5.36 29.61
C10 LFA Y . -18.08 -5.12 30.27
C11 LFA Y . -17.27 -6.41 30.44
C12 LFA Y . -16.18 -6.27 31.53
C13 LFA Y . -14.99 -5.45 31.02
C14 LFA Y . -14.01 -5.12 32.16
C13 LFA Z . -32.83 1.65 10.30
C14 LFA Z . -31.39 1.39 10.79
C15 LFA Z . -31.27 1.65 12.31
C16 LFA Z . -29.85 1.26 12.75
C17 LFA Z . -29.68 1.06 14.28
C18 LFA Z . -30.10 2.23 15.18
C19 LFA Z . -29.04 2.42 16.28
C20 LFA Z . -28.97 1.26 17.28
C1 LFA AA . -8.53 20.69 16.37
C2 LFA AA . -9.22 20.45 17.72
C3 LFA AA . -8.36 20.92 18.89
C4 LFA AA . -9.19 20.95 20.17
C5 LFA AA . -8.71 22.08 21.10
C6 LFA AA . -9.77 22.42 22.15
C7 LFA AA . -9.20 23.50 23.08
C8 LFA AA . -10.34 24.15 23.86
C9 LFA AA . -9.90 25.45 24.53
C10 LFA AA . -9.27 25.24 25.90
C11 LFA AA . -9.58 26.46 26.77
C12 LFA AA . -8.63 26.50 27.98
C13 LFA AA . -9.01 27.61 28.96
C12 LFA BA . -22.74 3.63 26.38
C13 LFA BA . -22.40 3.72 27.87
C14 LFA BA . -23.73 3.40 28.53
C15 LFA BA . -23.65 3.52 30.05
C16 LFA BA . -25.06 3.20 30.56
C17 LFA BA . -25.27 3.58 32.03
C18 LFA BA . -24.41 2.71 32.96
C19 LFA BA . -25.02 2.68 34.38
C16 LFA CA . -4.05 -2.92 3.83
C17 LFA CA . -3.17 -3.69 4.84
C18 LFA CA . -3.52 -3.38 6.32
C19 LFA CA . -2.30 -3.55 7.24
C20 LFA CA . -2.67 -3.36 8.71
C1 RET DA . -19.47 14.15 23.25
C2 RET DA . -19.48 15.15 24.39
C3 RET DA . -20.73 15.18 25.11
C4 RET DA . -21.80 15.66 24.14
C5 RET DA . -21.83 14.85 22.88
C6 RET DA . -20.76 14.14 22.45
C7 RET DA . -20.95 13.36 21.27
C8 RET DA . -20.05 12.64 20.59
C9 RET DA . -20.36 11.86 19.44
C10 RET DA . -19.43 10.98 18.92
C11 RET DA . -19.52 10.17 17.88
C12 RET DA . -18.49 9.33 17.45
C13 RET DA . -18.53 8.45 16.35
C14 RET DA . -17.42 7.78 16.04
C15 RET DA . -17.23 7.05 14.76
C16 RET DA . -18.27 14.55 22.38
C17 RET DA . -19.17 12.79 23.88
C18 RET DA . -23.19 14.84 22.23
C19 RET DA . -21.67 11.92 18.75
C20 RET DA . -19.82 8.33 15.56
C1 LFA EA . -30.21 -1.58 4.54
C2 LFA EA . -28.85 -1.69 3.80
C3 LFA EA . -27.94 -2.74 4.44
C4 LFA EA . -26.83 -3.12 3.47
C5 LFA EA . -25.65 -3.72 4.24
C6 LFA EA . -26.02 -5.12 4.67
C7 LFA EA . -25.87 -5.27 6.17
C8 LFA EA . -24.48 -5.72 6.59
C9 LFA EA . -23.85 -6.89 5.84
C10 LFA EA . -22.55 -7.19 6.60
C11 LFA EA . -21.84 -8.45 6.14
C12 LFA EA . -20.53 -8.61 6.94
C13 LFA EA . -20.87 -9.14 8.33
C14 LFA EA . -19.68 -9.07 9.30
C15 LFA EA . -20.29 -8.79 10.69
C16 LFA EA . -19.16 -8.65 11.71
C17 LFA EA . -19.64 -8.93 13.15
C18 LFA EA . -18.37 -8.99 14.01
C8 LFA FA . -22.79 -14.73 29.43
C9 LFA FA . -23.22 -14.14 28.06
C10 LFA FA . -22.28 -14.52 26.90
C11 LFA FA . -22.37 -13.50 25.76
C12 LFA FA . -21.51 -13.91 24.56
C13 LFA FA . -21.34 -12.76 23.56
C14 LFA FA . -20.36 -13.11 22.44
C15 LFA FA . -20.11 -11.87 21.56
C16 LFA FA . -18.94 -12.12 20.61
C17 LFA FA . -18.58 -10.88 19.78
C18 LFA FA . -19.61 -10.63 18.68
C19 LFA FA . -19.10 -9.58 17.68
C20 LFA FA . -20.24 -9.20 16.73
C12 LFA GA . 4.28 -32.81 11.06
C13 LFA GA . 4.15 -33.39 9.63
C14 LFA GA . 3.17 -32.63 8.72
C15 LFA GA . 3.70 -31.27 8.30
C16 LFA GA . 2.98 -30.64 7.08
C17 LFA GA . 3.52 -29.21 6.95
C18 LFA GA . 2.87 -28.36 5.87
C19 LFA GA . 3.60 -27.05 5.63
C1 LFA HA . -8.49 -22.41 -15.00
C2 LFA HA . -7.84 -21.10 -15.55
C3 LFA HA . -6.54 -20.60 -14.85
C4 LFA HA . -6.66 -20.49 -13.33
C5 LFA HA . -5.86 -19.28 -12.84
C6 LFA HA . -5.57 -19.44 -11.35
C7 LFA HA . -4.93 -18.23 -10.67
C8 LFA HA . -4.82 -18.54 -9.15
C9 LFA HA . -4.22 -17.34 -8.46
C10 LFA HA . -4.46 -17.26 -6.96
C11 LFA HA . -3.43 -18.03 -6.20
C12 LFA HA . -3.24 -17.58 -4.76
C13 LFA HA . -2.18 -18.45 -4.04
C14 LFA HA . -2.37 -19.98 -4.16
C15 LFA HA . -3.69 -20.31 -3.51
C16 LFA HA . -4.20 -21.75 -3.67
C17 LFA HA . -5.18 -21.89 -4.84
C18 LFA HA . -5.50 -23.38 -5.01
C19 LFA HA . -6.48 -23.90 -3.98
C20 LFA HA . -6.60 -25.40 -4.14
C1B LMT IA . 1.07 -4.98 14.33
C2B LMT IA . 0.49 -4.97 15.74
C3B LMT IA . -0.45 -3.76 15.95
C4B LMT IA . 0.26 -2.46 15.61
C5B LMT IA . 0.95 -2.55 14.24
C6B LMT IA . 1.82 -1.34 13.92
O1B LMT IA . -0.04 -5.17 13.47
O2B LMT IA . -0.20 -6.19 16.01
O3B LMT IA . -0.92 -3.70 17.30
O4' LMT IA . -0.69 -1.39 15.62
O5B LMT IA . 1.80 -3.75 14.15
O6B LMT IA . 2.77 -1.05 14.95
C1' LMT IA . 0.67 -7.01 9.78
C2' LMT IA . 1.10 -5.55 9.87
C3' LMT IA . 1.25 -5.16 11.34
C4' LMT IA . -0.05 -5.48 12.06
C5' LMT IA . -0.43 -6.96 11.85
C6' LMT IA . -1.74 -7.36 12.48
O1' LMT IA . 0.67 -7.40 8.44
O2' LMT IA . 2.33 -5.37 9.18
O3' LMT IA . 1.58 -3.78 11.40
O5' LMT IA . -0.58 -7.19 10.41
O6' LMT IA . -2.45 -8.25 11.61
C1 LMT IA . -0.50 -7.05 7.69
C2 LMT IA . -0.55 -7.95 6.51
C3 LMT IA . -0.63 -7.21 5.23
C4 LMT IA . -1.34 -7.94 4.12
C5 LMT IA . -1.56 -7.07 2.87
C6 LMT IA . -2.79 -7.43 2.11
C7 LMT IA . -2.60 -7.47 0.64
C8 LMT IA . -2.41 -6.14 0.04
C9 LMT IA . -3.69 -5.44 -0.31
C10 LMT IA . -4.26 -5.83 -1.66
C11 LMT IA . -5.39 -4.94 -2.18
C12 LMT IA . -6.45 -4.65 -1.13
C16 LFA JA . 1.49 -5.91 0.21
C17 LFA JA . 2.05 -7.12 0.97
C18 LFA JA . 2.60 -6.84 2.39
C19 LFA JA . 2.48 -8.12 3.24
C20 LFA JA . 3.22 -7.97 4.57
C1 RET KA . -18.19 -23.56 15.30
C2 RET KA . -18.87 -23.92 16.61
C3 RET KA . -19.42 -25.26 16.62
C4 RET KA . -20.52 -25.31 15.57
C5 RET KA . -20.03 -24.85 14.22
C6 RET KA . -18.97 -24.04 14.07
C7 RET KA . -18.58 -23.71 12.74
C8 RET KA . -17.63 -22.88 12.32
C9 RET KA . -17.31 -22.67 10.94
C10 RET KA . -16.17 -21.97 10.60
C11 RET KA . -15.70 -21.67 9.39
C12 RET KA . -14.52 -20.94 9.17
C13 RET KA . -13.97 -20.59 7.91
C14 RET KA . -12.89 -19.82 7.90
C15 RET KA . -12.38 -19.15 6.67
C16 RET KA . -18.06 -22.03 15.33
C17 RET KA . -16.79 -24.16 15.36
C18 RET KA . -20.82 -25.46 13.08
C19 RET KA . -18.12 -23.20 9.82
C20 RET KA . -14.65 -21.11 6.66
C1B LMT LA . 6.91 -9.43 9.33
C2B LMT LA . 7.07 -10.51 10.41
C3B LMT LA . 5.74 -11.21 10.71
C4B LMT LA . 4.76 -10.21 11.26
C5B LMT LA . 4.69 -8.96 10.36
C6B LMT LA . 5.08 -7.69 11.07
O1B LMT LA . 7.44 -9.93 8.10
O2B LMT LA . 8.04 -11.47 10.02
O3B LMT LA . 5.88 -12.31 11.62
O4' LMT LA . 3.48 -10.80 11.34
O5B LMT LA . 5.54 -9.06 9.16
O6B LMT LA . 4.08 -7.33 12.03
C1' LMT LA . 7.43 -8.22 4.27
C2' LMT LA . 6.85 -7.37 5.40
C3' LMT LA . 7.05 -7.96 6.80
C4' LMT LA . 6.91 -9.49 6.83
C5' LMT LA . 7.66 -10.13 5.64
C6' LMT LA . 7.59 -11.66 5.50
O1' LMT LA . 6.89 -7.75 3.07
O2' LMT LA . 7.51 -6.09 5.39
O3' LMT LA . 6.11 -7.29 7.65
O5' LMT LA . 7.14 -9.58 4.42
O6' LMT LA . 6.36 -12.29 4.95
C1 LMT LA . 7.63 -6.63 2.55
C2 LMT LA . 7.00 -6.15 1.34
C3 LMT LA . 7.24 -7.05 0.20
C4 LMT LA . 6.85 -6.43 -1.12
C5 LMT LA . 5.67 -5.50 -1.05
C6 LMT LA . 5.53 -4.67 -2.26
C7 LMT LA . 4.57 -5.16 -3.25
C8 LMT LA . 4.03 -4.09 -4.17
C9 LMT LA . 2.67 -4.43 -4.78
C10 LMT LA . 2.22 -3.51 -5.88
C11 LMT LA . 1.17 -4.03 -6.83
C12 LMT LA . 0.03 -4.75 -6.17
C16 LFA MA . 5.85 -0.82 -1.57
C17 LFA MA . 7.20 -1.52 -1.28
C18 LFA MA . 7.56 -1.69 0.21
C19 LFA MA . 8.69 -2.73 0.33
C20 LFA MA . 9.02 -3.04 1.79
C1B LMT NA . 13.15 -3.83 6.90
C2B LMT NA . 14.31 -4.80 6.97
C3B LMT NA . 13.95 -6.15 6.27
C4B LMT NA . 12.64 -6.71 6.82
C5B LMT NA . 11.53 -5.63 6.87
C6B LMT NA . 10.27 -6.09 7.57
O1B LMT NA . 12.98 -3.59 5.52
O2B LMT NA . 15.48 -4.23 6.37
O3B LMT NA . 15.00 -7.11 6.47
O4' LMT NA . 12.24 -7.78 5.97
O5B LMT NA . 12.02 -4.42 7.54
O6B LMT NA . 10.51 -6.46 8.94
C1' LMT NA . 11.31 0.06 4.44
C2' LMT NA . 10.31 -1.00 4.91
C3' LMT NA . 11.02 -2.06 5.72
C4' LMT NA . 12.19 -2.58 4.88
C5' LMT NA . 13.10 -1.40 4.46
C6' LMT NA . 14.31 -1.80 3.65
O1' LMT NA . 10.64 1.06 3.75
O2' LMT NA . 9.28 -0.39 5.69
O3' LMT NA . 10.08 -3.08 6.03
O5' LMT NA . 12.31 -0.52 3.63
O6' LMT NA . 14.27 -1.36 2.27
C1 LMT NA . 10.30 0.71 2.40
C2 LMT NA . 9.33 1.76 2.01
C3 LMT NA . 10.01 2.89 1.38
C4 LMT NA . 9.37 3.29 0.10
C5 LMT NA . 7.92 3.62 0.24
C6 LMT NA . 7.05 2.96 -0.76
C7 LMT NA . 6.71 3.82 -1.93
C8 LMT NA . 5.41 3.41 -2.53
C9 LMT NA . 4.84 4.30 -3.60
C10 LMT NA . 3.77 3.59 -4.43
C11 LMT NA . 3.63 4.04 -5.87
C12 LMT NA . 2.35 3.60 -6.56
C1 LFA OA . -13.27 -25.40 -11.19
C2 LFA OA . -12.72 -24.08 -10.62
C3 LFA OA . -11.29 -23.76 -11.10
C4 LFA OA . -10.58 -23.06 -9.95
C5 LFA OA . -9.21 -22.52 -10.33
C6 LFA OA . -8.22 -23.65 -10.53
C7 LFA OA . -7.83 -24.32 -9.22
C8 LFA OA . -6.73 -23.56 -8.49
C9 LFA OA . -5.44 -23.29 -9.24
C10 LFA OA . -4.42 -22.85 -8.18
C11 LFA OA . -3.04 -22.57 -8.75
C12 LFA OA . -2.16 -21.95 -7.65
C13 LFA OA . -1.86 -22.98 -6.56
C14 LFA OA . -0.64 -22.55 -5.73
C15 LFA OA . -0.77 -23.04 -4.29
C16 LFA OA . -0.86 -24.57 -4.21
C17 LFA OA . -0.98 -25.07 -2.76
C18 LFA OA . 0.23 -24.79 -1.87
C1 LFA PA . 12.63 -5.55 -25.99
C2 LFA PA . 12.04 -4.18 -25.54
C3 LFA PA . 11.83 -4.16 -24.00
C4 LFA PA . 11.97 -2.75 -23.44
C5 LFA PA . 11.39 -2.64 -22.03
C6 LFA PA . 11.91 -3.57 -20.97
C7 LFA PA . 11.20 -3.11 -19.66
C8 LFA PA . 11.92 -3.58 -18.40
C9 LFA PA . 11.02 -3.51 -17.14
C10 LFA PA . 11.85 -4.23 -16.06
C11 LFA PA . 11.28 -4.16 -14.68
C12 LFA PA . 12.03 -5.26 -13.90
C13 LFA PA . 12.44 -4.82 -12.49
C14 LFA PA . 13.96 -4.89 -12.35
C15 LFA PA . 14.34 -6.32 -12.08
C16 LFA PA . 15.49 -6.75 -12.99
C17 LFA PA . 15.04 -7.30 -14.38
C18 LFA PA . 15.71 -8.67 -14.67
C19 LFA PA . 15.80 -9.02 -16.16
C20 LFA PA . 16.95 -10.00 -16.44
C1 LFA QA . 24.97 -9.57 -5.39
C2 LFA QA . 26.35 -9.85 -5.94
C3 LFA QA . 26.93 -11.11 -5.32
C4 LFA QA . 28.20 -11.56 -6.06
C5 LFA QA . 29.00 -12.51 -5.16
C6 LFA QA . 30.43 -12.67 -5.64
C7 LFA QA . 31.09 -13.89 -4.98
C8 LFA QA . 31.55 -13.59 -3.54
C9 LFA QA . 32.81 -14.39 -3.16
C1 LFA RA . 23.16 -17.28 -11.21
C2 LFA RA . 24.60 -16.73 -11.07
C3 LFA RA . 25.35 -17.51 -9.99
C4 LFA RA . 26.72 -16.91 -9.59
C5 LFA RA . 27.17 -17.63 -8.31
C6 LFA RA . 28.51 -17.14 -7.78
C7 LFA RA . 29.16 -18.20 -6.88
C8 LFA RA . 28.74 -18.02 -5.43
C9 LFA RA . 29.69 -18.78 -4.50
C10 LFA RA . 30.69 -17.83 -3.82
C11 LFA RA . 31.29 -18.44 -2.53
C12 LFA RA . 30.72 -17.84 -1.23
C1 RET SA . 13.14 -30.15 -6.19
C2 RET SA . 13.31 -31.55 -5.61
C3 RET SA . 14.17 -32.38 -6.42
C4 RET SA . 13.48 -32.58 -7.77
C5 RET SA . 13.12 -31.27 -8.41
C6 RET SA . 12.95 -30.13 -7.71
C7 RET SA . 12.67 -28.95 -8.44
C8 RET SA . 12.37 -27.73 -7.99
C9 RET SA . 12.14 -26.60 -8.84
C10 RET SA . 12.08 -25.34 -8.30
C11 RET SA . 11.88 -24.17 -8.90
C12 RET SA . 11.81 -22.94 -8.23
C13 RET SA . 11.60 -21.68 -8.82
C14 RET SA . 11.50 -20.63 -8.01
C15 RET SA . 10.99 -19.29 -8.45
C16 RET SA . 11.92 -29.58 -5.46
C17 RET SA . 14.38 -29.36 -5.76
C18 RET SA . 13.07 -31.36 -9.91
C19 RET SA . 12.00 -26.71 -10.30
C20 RET SA . 11.49 -21.59 -10.32
#